data_6FAY
#
_entry.id   6FAY
#
_cell.length_a   1.0
_cell.length_b   1.0
_cell.length_c   1.0
_cell.angle_alpha   90.00
_cell.angle_beta   90.00
_cell.angle_gamma   90.00
#
_symmetry.space_group_name_H-M   'P 1'
#
loop_
_entity.id
_entity.type
_entity.pdbx_description
1 polymer 'Odz3 protein'
2 non-polymer 2-acetamido-2-deoxy-beta-D-glucopyranose
#
_entity_poly.entity_id   1
_entity_poly.type   'polypeptide(L)'
_entity_poly.pdbx_seq_one_letter_code
;GSFYDRISFLIGSDSTHVLPGESPFNKSLASVIRGQVLTADGTPLIGVNVSFLHYSEYGYTITRQDGMFDLVANGGASLT
LVFERSPFLTQYHTVWIPWNVFYVMDTLVMKKEENDIPSCDLSGFVRPSPIIVSSPLSTFFRSSPEDSPIIPETQVLHEE
TTIPGTDLKLSYLSSRAAGYKSVLKITMTQAVIPFNLMKVHLMVAVVGRLFQKWFPASPNLAYTFIWDKTDAYNQKVYGL
SEAVVSVGYEYESCLDLTLWEKRTAVLQGYELDASNMGGWTLDKHHVLDVQNGILYKGNGENQFISQQPPVVSSIMGNGR
RRSISCPSCNGQADGNKLLAPVALACGIDGSLYVGDFNYVRRIFPSGNVTSVLELSSNPAHRYYLATDPVTGDLYVSDTN
TRRIYRPKSLTGAKDLTKNAEVVAGTGEQCLPFDEARCGDGGKAVEATLMSPKGMAIDKNGLIYFVDGTMIRKVDQNGII
STLLGSNDLTSARPLTCDTSMHISQVRLEWPTDLAINPMDNSIYVLDNNVVLQITENRQVRIAAGRPMHCQVPGVEYPVG
KHAVQTTLESATAIAVSYSGVLYITETDEKKINRIRQVTTDGEISLVAGIPSECDCKNDANCDCYQSGDGYAKDAKLNAP
SSLAASPDGTLYIADLGNIRIRAVSKNKPLLNSMNFYEVASPTDQELYIFDINGTHQYTVSLVTGDYLYNFSYSNDNDVT
AVTDSNGNTLRIRRDPNRMPVRVVSPDNQVIWLTIGTNGCLKSMTAQGLELVLFTYHGNSGLLATKSDETGWTTFFDYDS
EGRLTNVTFPTGVVTNLHGDMDKAITVDIESSSREEDVSITSNLSSIDSFYTMVQDQLRNSYQIGYDGSLRIFYASGLDS
HYQTEPHVLAGTANPTVAKRNMTLPGENGQNLVEWRFRKEQAQGKVNVFGRKLRVNGRNLLSVDFDRTTKTEKIYDDHRK
FLLRIAYDTSGHPTLWLPSSKLMAVNVTYSSTGQIASIQRGTTSEKVDYDSQGRIVSRVFADGKTWSYTYLEKSMVLLLH
SQRQYIFEYDMWDRLSAITMPSVARHTMQTIRSIGYYRNIYNPPESNASIITDYNEEGLLLQTAFLGTSRRVLFKYRRQT
RLSEILYDSTRVSFTYDETAGVLKTVNLQSDGFICTIRYRQIGPLIDRQIFRFSEDGMVNARFDYSYDNSFRVTSMQGVI
NETPLPIDLYQFDDISGKVEQFGKFGVIYYDINQIISTAVMTYTKHFDAHGRIKEIQYEIFRSLMYWITIQYDNMGRVTK
REIKIGPFANTTKYAYEYDVDGQLQTVYLNEKIMWRYNYDLNGNLHLLNPSSSARLTPLRYDLRDRITRLGDVQYRLDED
GFLRQRGTEIFEYSSKGLLTRVYSKGSGWTVIYRYDGLGRRVSSKTSLGQHLQFFYADLTYPTRITHVYNHSSSEITSLY
YDLQGHLFAMEISSGDEFYIASDNTGTPLAVFSSNGLMLKQIQYTAYGEIYFDSNVDFQLVIGFHGGLYDPLTKLIHFGE
RDYDILAGRWTTPDIEIWKRIGKDPAPFNLYMFRNNNPASKIHDVKDYITDVNSWLVTFGFHLHNAIPGFPVPKFDLTEP
SYELVKSQQWEDVPPIFGVQQQVARQAKAFLSLGKMAEVQVSRRKAGAEQSWLWFATVKSLIGKGVMLAVSQGRVQTNVL
NIANEDCIKVAAVLNNAFYLENLHFTIEGKDTHYFIKTTTPESDLGTLRLTSGRKALENGINVTVSQSTTVVNGRTRRFA
DVEMQFGALALHVRYGMTLDEEKARILEQARQRALARAWAREQQRVRDGEEGARLWTEGEKRQLLSAGKVQGYDGYYVLS
VEQYPELADSANNIQFLRQSEIGKRASAAAHHHHHH
;
_entity_poly.pdbx_strand_id   A
#
# COMPACT_ATOMS: atom_id res chain seq x y z
N LEU A 122 -26.19 -0.67 -52.26
CA LEU A 122 -26.64 -0.32 -50.92
C LEU A 122 -25.47 0.29 -50.15
N SER A 123 -25.36 1.62 -50.21
CA SER A 123 -24.26 2.32 -49.56
C SER A 123 -24.81 3.65 -49.02
N GLY A 124 -23.90 4.48 -48.53
CA GLY A 124 -24.26 5.78 -47.99
C GLY A 124 -25.00 5.74 -46.68
N PHE A 125 -25.03 4.60 -46.00
CA PHE A 125 -25.77 4.42 -44.75
C PHE A 125 -24.75 4.16 -43.65
N VAL A 126 -24.44 5.19 -42.87
CA VAL A 126 -23.39 5.10 -41.86
C VAL A 126 -23.93 4.33 -40.66
N ARG A 127 -23.02 3.65 -39.94
CA ARG A 127 -23.36 2.77 -38.83
C ARG A 127 -23.50 3.58 -37.53
N PRO A 128 -24.39 3.13 -36.59
CA PRO A 128 -24.72 3.98 -35.44
C PRO A 128 -23.60 4.14 -34.42
N SER A 129 -23.87 4.93 -33.37
CA SER A 129 -22.87 5.28 -32.37
C SER A 129 -23.45 5.07 -30.97
N PRO A 130 -23.22 3.91 -30.37
CA PRO A 130 -23.68 3.69 -29.01
C PRO A 130 -22.72 4.27 -27.98
N ILE A 131 -23.31 4.76 -26.88
CA ILE A 131 -22.54 5.27 -25.75
C ILE A 131 -22.95 4.44 -24.55
N ILE A 132 -22.14 3.45 -24.20
CA ILE A 132 -22.47 2.53 -23.13
C ILE A 132 -21.41 2.61 -22.05
N VAL A 133 -21.86 2.45 -20.80
CA VAL A 133 -20.98 2.34 -19.64
C VAL A 133 -21.53 1.23 -18.73
N SER A 134 -20.63 0.61 -17.97
CA SER A 134 -20.97 -0.41 -17.01
C SER A 134 -20.78 0.12 -15.59
N SER A 135 -20.99 -0.75 -14.64
CA SER A 135 -20.69 -0.34 -13.27
C SER A 135 -19.30 -0.81 -12.88
N PRO A 136 -18.57 -0.03 -12.07
CA PRO A 136 -17.26 -0.48 -11.61
C PRO A 136 -17.37 -1.62 -10.61
N LEU A 137 -16.26 -2.32 -10.44
CA LEU A 137 -16.22 -3.56 -9.68
C LEU A 137 -15.89 -3.28 -8.21
N SER A 138 -16.08 -4.30 -7.38
CA SER A 138 -15.88 -4.17 -5.94
C SER A 138 -14.52 -4.75 -5.56
N THR A 139 -13.48 -3.94 -5.79
CA THR A 139 -12.11 -4.32 -5.43
C THR A 139 -11.42 -3.22 -4.64
N PHE A 140 -12.16 -2.44 -3.86
CA PHE A 140 -11.60 -1.28 -3.17
C PHE A 140 -12.18 -1.22 -1.76
N PHE A 141 -11.31 -1.44 -0.77
CA PHE A 141 -11.72 -1.54 0.62
C PHE A 141 -10.60 -0.99 1.48
N ARG A 142 -10.91 -0.72 2.75
CA ARG A 142 -9.96 -0.05 3.64
C ARG A 142 -8.89 -1.03 4.10
N SER A 143 -7.64 -0.57 4.08
CA SER A 143 -6.50 -1.44 4.38
C SER A 143 -6.46 -1.81 5.85
N SER A 144 -6.33 -0.82 6.72
CA SER A 144 -6.56 -1.00 8.15
C SER A 144 -7.97 -0.52 8.43
N PRO A 145 -8.95 -1.43 8.57
CA PRO A 145 -10.37 -1.04 8.46
C PRO A 145 -10.93 -0.25 9.64
N GLU A 146 -10.06 0.13 10.58
CA GLU A 146 -10.43 0.96 11.72
C GLU A 146 -10.46 2.45 11.41
N ASP A 147 -10.30 2.85 10.15
CA ASP A 147 -10.16 4.25 9.80
C ASP A 147 -11.30 4.78 8.94
N SER A 148 -11.57 4.18 7.78
CA SER A 148 -12.51 4.76 6.84
C SER A 148 -13.64 3.79 6.53
N PRO A 149 -14.89 4.21 6.65
CA PRO A 149 -16.01 3.31 6.31
C PRO A 149 -16.53 3.51 4.89
N ILE A 150 -16.07 4.55 4.19
CA ILE A 150 -16.68 5.00 2.95
C ILE A 150 -15.68 4.83 1.82
N ILE A 151 -16.06 4.08 0.80
CA ILE A 151 -15.33 3.98 -0.45
C ILE A 151 -16.26 4.37 -1.58
N PRO A 152 -16.19 5.63 -2.04
CA PRO A 152 -17.11 6.07 -3.10
C PRO A 152 -16.77 5.63 -4.53
N GLU A 153 -15.90 4.64 -4.70
CA GLU A 153 -15.76 3.99 -6.01
C GLU A 153 -17.09 3.42 -6.46
N THR A 154 -17.61 2.46 -5.71
CA THR A 154 -18.92 1.89 -5.94
C THR A 154 -19.92 2.28 -4.87
N GLN A 155 -19.53 3.22 -4.00
CA GLN A 155 -20.29 3.66 -2.82
C GLN A 155 -20.68 2.47 -1.95
N VAL A 156 -19.72 1.59 -1.71
CA VAL A 156 -19.94 0.38 -0.91
C VAL A 156 -19.44 0.63 0.50
N LEU A 157 -20.32 0.45 1.46
CA LEU A 157 -19.98 0.61 2.87
C LEU A 157 -19.14 -0.57 3.33
N HIS A 158 -17.96 -0.28 3.88
CA HIS A 158 -17.06 -1.27 4.43
C HIS A 158 -16.93 -1.02 5.92
N GLU A 159 -17.39 -1.98 6.73
CA GLU A 159 -17.35 -1.79 8.18
C GLU A 159 -16.77 -3.03 8.85
N GLU A 160 -15.85 -2.78 9.76
CA GLU A 160 -15.17 -3.82 10.54
C GLU A 160 -15.86 -3.96 11.89
N THR A 161 -15.86 -5.18 12.42
CA THR A 161 -16.15 -5.37 13.83
C THR A 161 -15.29 -6.52 14.33
N THR A 162 -15.18 -6.63 15.65
CA THR A 162 -14.14 -7.42 16.31
C THR A 162 -14.78 -8.44 17.25
N ILE A 163 -14.27 -9.67 17.22
CA ILE A 163 -14.65 -10.66 18.23
C ILE A 163 -13.65 -10.52 19.38
N PRO A 164 -14.09 -10.63 20.64
CA PRO A 164 -13.14 -10.53 21.74
C PRO A 164 -12.27 -11.76 21.86
N GLY A 165 -11.07 -11.56 22.42
CA GLY A 165 -10.12 -12.61 22.63
C GLY A 165 -9.20 -12.91 21.47
N THR A 166 -9.56 -12.49 20.26
CA THR A 166 -8.80 -12.81 19.06
C THR A 166 -8.84 -11.60 18.14
N ASP A 167 -7.70 -11.32 17.48
CA ASP A 167 -7.61 -10.26 16.48
C ASP A 167 -8.35 -10.57 15.19
N LEU A 168 -8.95 -11.76 15.05
CA LEU A 168 -9.81 -12.06 13.93
C LEU A 168 -11.07 -11.20 13.98
N LYS A 169 -11.47 -10.69 12.83
CA LYS A 169 -12.49 -9.66 12.74
C LYS A 169 -13.70 -10.18 11.97
N LEU A 170 -14.65 -9.29 11.72
CA LEU A 170 -15.69 -9.50 10.73
C LEU A 170 -15.70 -8.30 9.79
N SER A 171 -16.42 -8.43 8.69
CA SER A 171 -16.46 -7.37 7.69
C SER A 171 -17.86 -7.23 7.12
N TYR A 172 -18.23 -5.98 6.83
CA TYR A 172 -19.40 -5.68 6.02
C TYR A 172 -18.95 -5.18 4.66
N LEU A 173 -19.71 -5.53 3.64
CA LEU A 173 -19.39 -5.11 2.28
C LEU A 173 -20.72 -5.14 1.54
N SER A 174 -21.25 -3.96 1.22
CA SER A 174 -22.59 -3.88 0.66
C SER A 174 -22.68 -4.31 -0.80
N SER A 175 -21.57 -4.73 -1.42
CA SER A 175 -21.66 -5.44 -2.69
C SER A 175 -22.30 -6.80 -2.54
N ARG A 176 -22.24 -7.40 -1.34
CA ARG A 176 -22.95 -8.64 -1.06
C ARG A 176 -24.43 -8.45 -0.82
N ALA A 177 -24.90 -7.21 -0.72
CA ALA A 177 -26.30 -6.96 -0.41
C ALA A 177 -27.19 -7.31 -1.61
N ALA A 178 -28.43 -7.70 -1.31
CA ALA A 178 -29.36 -8.07 -2.36
C ALA A 178 -29.79 -6.86 -3.18
N GLY A 179 -29.90 -5.70 -2.56
CA GLY A 179 -30.29 -4.51 -3.28
C GLY A 179 -29.19 -3.81 -4.05
N TYR A 180 -27.97 -4.35 -4.00
CA TYR A 180 -26.85 -3.79 -4.78
C TYR A 180 -27.03 -4.21 -6.22
N LYS A 181 -27.85 -3.44 -6.94
CA LYS A 181 -28.17 -3.75 -8.32
C LYS A 181 -27.16 -3.10 -9.25
N SER A 182 -26.55 -3.89 -10.12
CA SER A 182 -25.60 -3.37 -11.08
C SER A 182 -26.31 -2.51 -12.11
N VAL A 183 -25.70 -1.40 -12.46
CA VAL A 183 -26.30 -0.40 -13.35
C VAL A 183 -25.61 -0.49 -14.69
N LEU A 184 -26.41 -0.49 -15.76
CA LEU A 184 -25.91 -0.49 -17.14
C LEU A 184 -26.55 0.71 -17.82
N LYS A 185 -25.92 1.88 -17.68
CA LYS A 185 -26.46 3.11 -18.21
C LYS A 185 -26.29 3.14 -19.72
N ILE A 186 -27.41 3.17 -20.44
CA ILE A 186 -27.40 3.14 -21.89
C ILE A 186 -27.98 4.46 -22.36
N THR A 187 -27.12 5.44 -22.60
CA THR A 187 -27.57 6.62 -23.30
C THR A 187 -27.33 6.45 -24.79
N MET A 188 -28.05 7.22 -25.58
CA MET A 188 -28.15 6.97 -27.01
C MET A 188 -27.56 8.06 -27.87
N THR A 189 -27.71 9.32 -27.48
CA THR A 189 -27.35 10.41 -28.36
C THR A 189 -26.81 11.59 -27.58
N GLN A 190 -25.94 12.33 -28.25
CA GLN A 190 -25.48 13.65 -27.83
C GLN A 190 -26.17 14.76 -28.62
N ALA A 191 -27.46 14.50 -28.93
CA ALA A 191 -28.36 15.39 -29.68
C ALA A 191 -27.85 15.69 -31.09
N VAL A 192 -27.12 14.73 -31.67
CA VAL A 192 -26.64 14.83 -33.05
C VAL A 192 -27.33 13.69 -33.80
N ILE A 193 -28.59 13.47 -33.47
CA ILE A 193 -29.43 12.49 -34.18
C ILE A 193 -29.53 12.91 -35.65
N PRO A 194 -29.27 12.01 -36.60
CA PRO A 194 -29.43 12.38 -38.01
C PRO A 194 -30.90 12.59 -38.38
N PHE A 195 -31.10 13.28 -39.50
CA PHE A 195 -32.43 13.77 -39.87
C PHE A 195 -33.36 12.64 -40.30
N ASN A 196 -32.81 11.55 -40.81
CA ASN A 196 -33.61 10.44 -41.30
C ASN A 196 -33.65 9.27 -40.32
N LEU A 197 -33.39 9.53 -39.04
CA LEU A 197 -33.50 8.53 -37.99
C LEU A 197 -34.48 9.03 -36.94
N MET A 198 -35.53 8.24 -36.67
CA MET A 198 -36.57 8.67 -35.76
C MET A 198 -36.98 7.63 -34.72
N LYS A 199 -36.65 6.36 -34.92
CA LYS A 199 -37.07 5.31 -34.00
C LYS A 199 -35.86 4.55 -33.47
N VAL A 200 -35.96 4.09 -32.23
CA VAL A 200 -34.89 3.34 -31.59
C VAL A 200 -35.48 2.05 -31.06
N HIS A 201 -34.92 0.92 -31.50
CA HIS A 201 -35.32 -0.40 -31.02
C HIS A 201 -34.18 -0.93 -30.16
N LEU A 202 -34.21 -0.60 -28.87
CA LEU A 202 -33.19 -1.05 -27.93
C LEU A 202 -33.54 -2.43 -27.39
N MET A 203 -32.55 -3.33 -27.42
CA MET A 203 -32.69 -4.68 -26.87
C MET A 203 -31.49 -4.99 -26.00
N VAL A 204 -31.72 -5.73 -24.91
CA VAL A 204 -30.66 -6.11 -23.99
C VAL A 204 -30.73 -7.62 -23.78
N ALA A 205 -29.61 -8.30 -24.02
CA ALA A 205 -29.52 -9.75 -23.88
C ALA A 205 -28.64 -10.08 -22.67
N VAL A 206 -29.22 -10.79 -21.70
CA VAL A 206 -28.59 -11.11 -20.43
C VAL A 206 -28.70 -12.64 -20.36
N VAL A 207 -28.45 -13.23 -19.18
CA VAL A 207 -28.31 -14.67 -18.93
C VAL A 207 -29.61 -15.47 -19.22
N GLY A 208 -30.66 -14.78 -19.65
CA GLY A 208 -31.96 -15.38 -19.89
C GLY A 208 -33.04 -14.34 -19.68
N ARG A 209 -32.66 -13.21 -19.11
CA ARG A 209 -33.50 -12.02 -19.13
C ARG A 209 -33.29 -11.31 -20.46
N LEU A 210 -34.37 -10.95 -21.13
CA LEU A 210 -34.31 -10.28 -22.43
C LEU A 210 -35.19 -9.05 -22.35
N PHE A 211 -34.57 -7.88 -22.25
CA PHE A 211 -35.31 -6.63 -22.14
C PHE A 211 -35.39 -5.95 -23.50
N GLN A 212 -36.57 -5.40 -23.78
CA GLN A 212 -36.79 -4.55 -24.95
C GLN A 212 -37.53 -3.30 -24.52
N LYS A 213 -37.21 -2.19 -25.17
CA LYS A 213 -38.01 -0.98 -25.03
C LYS A 213 -37.85 -0.13 -26.27
N TRP A 214 -38.98 0.23 -26.88
CA TRP A 214 -38.99 1.09 -28.04
C TRP A 214 -38.97 2.56 -27.62
N PHE A 215 -38.32 3.39 -28.42
CA PHE A 215 -38.27 4.82 -28.20
C PHE A 215 -38.55 5.57 -29.49
N PRO A 216 -39.35 6.62 -29.45
CA PRO A 216 -39.21 7.68 -30.44
C PRO A 216 -38.00 8.52 -30.09
N ALA A 217 -37.29 8.98 -31.11
CA ALA A 217 -36.02 9.65 -30.90
C ALA A 217 -36.22 11.02 -30.26
N SER A 218 -35.18 11.47 -29.55
CA SER A 218 -35.24 12.70 -28.78
C SER A 218 -33.82 13.18 -28.56
N PRO A 219 -33.60 14.49 -28.45
CA PRO A 219 -32.27 15.00 -28.09
C PRO A 219 -31.90 14.60 -26.67
N ASN A 220 -30.74 13.96 -26.54
CA ASN A 220 -30.17 13.47 -25.27
C ASN A 220 -31.11 12.49 -24.57
N LEU A 221 -31.78 11.66 -25.36
CA LEU A 221 -32.61 10.61 -24.78
C LEU A 221 -31.73 9.49 -24.23
N ALA A 222 -32.02 9.05 -23.01
CA ALA A 222 -31.21 8.06 -22.35
C ALA A 222 -32.10 7.02 -21.68
N TYR A 223 -31.48 5.93 -21.24
CA TYR A 223 -32.19 4.91 -20.47
C TYR A 223 -31.21 4.29 -19.47
N THR A 224 -31.73 3.97 -18.29
CA THR A 224 -30.97 3.28 -17.26
C THR A 224 -31.57 1.89 -17.09
N PHE A 225 -30.77 0.87 -17.34
CA PHE A 225 -31.18 -0.51 -17.04
C PHE A 225 -30.60 -0.91 -15.70
N ILE A 226 -31.47 -1.35 -14.80
CA ILE A 226 -31.08 -1.65 -13.44
C ILE A 226 -31.25 -3.17 -13.28
N TRP A 227 -30.15 -3.89 -13.45
CA TRP A 227 -30.22 -5.35 -13.47
C TRP A 227 -30.31 -5.92 -12.06
N ASP A 228 -31.13 -6.94 -11.90
CA ASP A 228 -31.44 -7.51 -10.60
C ASP A 228 -30.42 -8.53 -10.14
N LYS A 229 -29.35 -8.74 -10.92
CA LYS A 229 -28.40 -9.85 -10.77
C LYS A 229 -29.13 -11.20 -10.76
N THR A 230 -30.17 -11.32 -11.58
CA THR A 230 -31.12 -12.40 -11.46
C THR A 230 -31.55 -12.88 -12.83
N ASP A 231 -31.54 -14.20 -13.03
CA ASP A 231 -32.04 -14.79 -14.24
C ASP A 231 -33.56 -14.65 -14.31
N ALA A 232 -34.10 -14.77 -15.52
CA ALA A 232 -35.54 -14.70 -15.72
C ALA A 232 -36.27 -15.90 -15.15
N TYR A 233 -35.57 -16.99 -14.85
CA TYR A 233 -36.14 -18.14 -14.15
C TYR A 233 -36.03 -18.00 -12.63
N ASN A 234 -35.83 -16.78 -12.13
CA ASN A 234 -35.71 -16.44 -10.71
C ASN A 234 -34.54 -17.22 -10.07
N GLN A 235 -33.34 -16.95 -10.59
CA GLN A 235 -32.14 -17.66 -10.16
C GLN A 235 -31.06 -16.66 -9.78
N LYS A 236 -30.43 -16.90 -8.63
CA LYS A 236 -29.28 -16.12 -8.21
C LYS A 236 -28.08 -16.51 -9.05
N VAL A 237 -27.72 -15.68 -10.02
CA VAL A 237 -26.47 -15.91 -10.73
C VAL A 237 -25.30 -15.50 -9.83
N TYR A 238 -24.14 -16.12 -10.07
CA TYR A 238 -22.98 -15.86 -9.25
C TYR A 238 -21.76 -15.61 -10.13
N GLY A 239 -20.80 -14.87 -9.59
CA GLY A 239 -19.54 -14.66 -10.28
C GLY A 239 -19.66 -13.66 -11.42
N LEU A 240 -18.88 -13.89 -12.46
CA LEU A 240 -18.86 -13.01 -13.62
C LEU A 240 -20.01 -13.35 -14.56
N SER A 241 -20.45 -12.33 -15.29
CA SER A 241 -21.48 -12.49 -16.30
C SER A 241 -21.28 -11.42 -17.37
N GLU A 242 -21.59 -11.79 -18.60
CA GLU A 242 -21.40 -10.90 -19.75
C GLU A 242 -22.74 -10.73 -20.45
N ALA A 243 -23.46 -9.66 -20.13
CA ALA A 243 -24.69 -9.34 -20.82
C ALA A 243 -24.39 -8.64 -22.13
N VAL A 244 -25.16 -8.97 -23.16
CA VAL A 244 -24.95 -8.44 -24.50
C VAL A 244 -25.95 -7.32 -24.75
N VAL A 245 -25.44 -6.14 -25.04
CA VAL A 245 -26.27 -4.98 -25.35
C VAL A 245 -26.49 -4.93 -26.85
N SER A 246 -27.73 -4.67 -27.27
CA SER A 246 -28.09 -4.60 -28.69
C SER A 246 -28.78 -3.26 -28.93
N VAL A 247 -28.00 -2.25 -29.33
CA VAL A 247 -28.54 -0.93 -29.61
C VAL A 247 -28.95 -0.90 -31.08
N GLY A 248 -30.26 -0.86 -31.32
CA GLY A 248 -30.76 -0.87 -32.68
C GLY A 248 -31.54 0.39 -33.05
N TYR A 249 -31.22 0.97 -34.19
CA TYR A 249 -31.86 2.18 -34.68
C TYR A 249 -32.68 1.86 -35.93
N GLU A 250 -33.21 2.91 -36.56
CA GLU A 250 -34.06 2.72 -37.72
C GLU A 250 -34.01 3.97 -38.58
N TYR A 251 -33.90 3.78 -39.88
CA TYR A 251 -33.82 4.88 -40.84
C TYR A 251 -35.20 5.24 -41.39
N GLU A 252 -35.30 6.49 -41.87
CA GLU A 252 -36.46 6.91 -42.65
C GLU A 252 -36.30 6.59 -44.13
N SER A 253 -35.07 6.45 -44.62
CA SER A 253 -34.84 6.22 -46.04
C SER A 253 -35.23 4.82 -46.44
N CYS A 254 -34.56 3.81 -45.88
CA CYS A 254 -34.90 2.42 -46.08
C CYS A 254 -35.43 1.88 -44.76
N LEU A 255 -36.75 1.84 -44.63
CA LEU A 255 -37.39 1.46 -43.37
C LEU A 255 -37.22 -0.02 -43.07
N ASP A 256 -37.01 -0.85 -44.10
CA ASP A 256 -36.76 -2.27 -43.86
C ASP A 256 -35.36 -2.47 -43.26
N LEU A 257 -34.38 -1.71 -43.71
CA LEU A 257 -33.02 -1.84 -43.20
C LEU A 257 -32.94 -1.14 -41.85
N THR A 258 -32.54 -1.89 -40.82
CA THR A 258 -32.36 -1.36 -39.48
C THR A 258 -30.92 -1.57 -39.03
N LEU A 259 -30.49 -0.74 -38.09
CA LEU A 259 -29.12 -0.74 -37.62
C LEU A 259 -28.96 -1.70 -36.45
N TRP A 260 -27.77 -2.28 -36.33
CA TRP A 260 -27.44 -3.15 -35.20
C TRP A 260 -25.97 -2.96 -34.87
N GLU A 261 -25.70 -2.39 -33.70
CA GLU A 261 -24.34 -2.29 -33.18
C GLU A 261 -24.35 -2.92 -31.79
N LYS A 262 -23.93 -4.18 -31.72
CA LYS A 262 -23.97 -4.94 -30.48
C LYS A 262 -22.60 -4.94 -29.81
N ARG A 263 -22.61 -4.81 -28.49
CA ARG A 263 -21.41 -4.84 -27.67
C ARG A 263 -21.62 -5.80 -26.52
N THR A 264 -20.60 -5.94 -25.68
CA THR A 264 -20.70 -6.70 -24.44
C THR A 264 -20.37 -5.80 -23.26
N ALA A 265 -20.79 -6.24 -22.08
CA ALA A 265 -20.58 -5.47 -20.85
C ALA A 265 -20.60 -6.42 -19.68
N VAL A 266 -19.52 -6.42 -18.90
CA VAL A 266 -19.44 -7.29 -17.74
C VAL A 266 -20.38 -6.78 -16.65
N LEU A 267 -20.97 -7.70 -15.91
CA LEU A 267 -21.87 -7.37 -14.81
C LEU A 267 -21.57 -8.28 -13.63
N GLN A 268 -21.44 -7.67 -12.45
CA GLN A 268 -21.20 -8.44 -11.24
C GLN A 268 -22.49 -9.13 -10.80
N GLY A 269 -22.41 -10.42 -10.54
CA GLY A 269 -23.52 -11.17 -9.98
C GLY A 269 -23.52 -11.08 -8.48
N TYR A 270 -24.28 -11.98 -7.86
CA TYR A 270 -24.20 -12.12 -6.41
C TYR A 270 -22.83 -12.68 -6.03
N GLU A 271 -22.23 -12.09 -5.01
CA GLU A 271 -20.99 -12.63 -4.47
C GLU A 271 -21.33 -13.87 -3.63
N LEU A 272 -20.45 -14.87 -3.68
CA LEU A 272 -20.74 -16.14 -3.04
C LEU A 272 -20.76 -16.01 -1.52
N ASP A 273 -21.68 -16.74 -0.91
CA ASP A 273 -21.84 -16.70 0.54
C ASP A 273 -20.65 -17.41 1.18
N ALA A 274 -19.85 -16.67 1.94
CA ALA A 274 -18.66 -17.23 2.53
C ALA A 274 -19.00 -18.08 3.76
N SER A 275 -19.55 -17.45 4.78
CA SER A 275 -19.74 -18.10 6.07
C SER A 275 -21.19 -18.10 6.54
N ASN A 276 -22.11 -17.52 5.75
CA ASN A 276 -23.53 -17.40 6.06
C ASN A 276 -23.75 -16.67 7.39
N MET A 277 -23.18 -15.46 7.46
CA MET A 277 -23.24 -14.64 8.65
C MET A 277 -24.36 -13.62 8.60
N GLY A 278 -25.48 -13.96 7.96
CA GLY A 278 -26.54 -12.99 7.75
C GLY A 278 -26.15 -11.91 6.77
N GLY A 279 -25.36 -12.24 5.76
CA GLY A 279 -24.79 -11.27 4.86
C GLY A 279 -23.42 -10.78 5.24
N TRP A 280 -23.05 -10.88 6.52
CA TRP A 280 -21.76 -10.41 7.00
C TRP A 280 -20.66 -11.37 6.55
N THR A 281 -19.41 -10.94 6.73
CA THR A 281 -18.27 -11.67 6.21
C THR A 281 -17.20 -11.74 7.28
N LEU A 282 -16.70 -12.95 7.54
CA LEU A 282 -15.60 -13.14 8.47
C LEU A 282 -14.30 -12.70 7.81
N ASP A 283 -13.33 -12.30 8.63
CA ASP A 283 -12.16 -11.58 8.12
C ASP A 283 -11.22 -12.51 7.35
N LYS A 284 -10.66 -13.51 8.02
CA LYS A 284 -9.71 -14.40 7.37
C LYS A 284 -10.37 -15.60 6.73
N HIS A 285 -11.70 -15.62 6.63
CA HIS A 285 -12.38 -16.64 5.87
C HIS A 285 -12.23 -16.37 4.38
N HIS A 286 -12.24 -17.43 3.58
CA HIS A 286 -12.09 -17.30 2.14
C HIS A 286 -12.98 -18.30 1.44
N VAL A 287 -13.40 -17.94 0.23
CA VAL A 287 -14.18 -18.82 -0.63
C VAL A 287 -13.77 -18.54 -2.07
N LEU A 288 -13.60 -19.61 -2.85
CA LEU A 288 -13.10 -19.51 -4.22
C LEU A 288 -14.19 -19.90 -5.20
N ASP A 289 -14.48 -19.02 -6.14
CA ASP A 289 -15.44 -19.29 -7.21
C ASP A 289 -14.67 -19.96 -8.35
N VAL A 290 -14.57 -21.29 -8.30
CA VAL A 290 -13.77 -22.01 -9.27
C VAL A 290 -14.43 -22.03 -10.65
N GLN A 291 -15.74 -21.82 -10.71
CA GLN A 291 -16.44 -21.76 -11.99
C GLN A 291 -16.10 -20.47 -12.73
N ASN A 292 -16.34 -19.33 -12.10
CA ASN A 292 -16.11 -18.04 -12.75
C ASN A 292 -14.68 -17.56 -12.64
N GLY A 293 -13.91 -18.06 -11.67
CA GLY A 293 -12.55 -17.60 -11.49
C GLY A 293 -12.47 -16.35 -10.63
N ILE A 294 -12.98 -16.41 -9.41
CA ILE A 294 -13.02 -15.26 -8.50
C ILE A 294 -12.64 -15.74 -7.11
N LEU A 295 -11.62 -15.11 -6.52
CA LEU A 295 -11.29 -15.36 -5.12
C LEU A 295 -12.00 -14.31 -4.27
N TYR A 296 -13.14 -14.68 -3.70
CA TYR A 296 -13.85 -13.81 -2.76
C TYR A 296 -13.14 -13.87 -1.42
N LYS A 297 -12.27 -12.91 -1.15
CA LYS A 297 -11.64 -12.86 0.16
C LYS A 297 -12.64 -12.37 1.21
N GLY A 298 -12.25 -12.53 2.46
CA GLY A 298 -13.13 -12.17 3.55
C GLY A 298 -12.88 -10.80 4.14
N ASN A 299 -11.68 -10.27 3.93
CA ASN A 299 -11.38 -8.93 4.43
C ASN A 299 -12.15 -7.86 3.66
N GLY A 300 -12.54 -8.15 2.43
CA GLY A 300 -13.28 -7.20 1.62
C GLY A 300 -12.82 -7.25 0.19
N GLU A 301 -11.69 -7.89 -0.05
CA GLU A 301 -11.13 -7.99 -1.38
C GLU A 301 -11.90 -9.03 -2.18
N ASN A 302 -12.02 -8.78 -3.49
CA ASN A 302 -12.56 -9.77 -4.42
C ASN A 302 -11.52 -9.90 -5.53
N GLN A 303 -10.51 -10.74 -5.31
CA GLN A 303 -9.51 -10.99 -6.34
C GLN A 303 -10.14 -11.74 -7.49
N PHE A 304 -10.30 -11.06 -8.62
CA PHE A 304 -10.89 -11.65 -9.80
C PHE A 304 -9.76 -12.37 -10.53
N ILE A 305 -9.76 -13.70 -10.41
CA ILE A 305 -8.72 -14.50 -11.07
C ILE A 305 -8.86 -14.41 -12.58
N SER A 306 -10.09 -14.49 -13.09
CA SER A 306 -10.30 -14.50 -14.53
C SER A 306 -9.98 -13.14 -15.18
N GLN A 307 -10.01 -12.07 -14.41
CA GLN A 307 -9.68 -10.76 -14.94
C GLN A 307 -8.17 -10.47 -14.95
N GLN A 308 -7.35 -11.41 -14.48
CA GLN A 308 -5.90 -11.22 -14.50
C GLN A 308 -5.35 -11.31 -15.92
N PRO A 309 -4.09 -10.91 -16.14
CA PRO A 309 -3.44 -11.21 -17.40
C PRO A 309 -3.32 -12.71 -17.61
N PRO A 310 -3.42 -13.18 -18.85
CA PRO A 310 -3.57 -14.61 -19.11
C PRO A 310 -2.30 -15.43 -18.93
N VAL A 311 -2.48 -16.75 -18.95
CA VAL A 311 -1.44 -17.72 -18.61
C VAL A 311 -1.01 -18.44 -19.89
N VAL A 312 0.30 -18.49 -20.13
CA VAL A 312 0.86 -19.30 -21.21
C VAL A 312 1.09 -20.71 -20.68
N SER A 313 0.63 -21.71 -21.44
CA SER A 313 0.83 -23.11 -21.06
C SER A 313 1.18 -23.91 -22.31
N SER A 314 2.44 -24.30 -22.42
CA SER A 314 2.89 -25.14 -23.54
C SER A 314 2.28 -26.54 -23.42
N ILE A 315 1.62 -27.00 -24.48
CA ILE A 315 0.82 -28.22 -24.41
C ILE A 315 1.22 -29.24 -25.47
N MET A 316 2.26 -28.98 -26.26
CA MET A 316 2.65 -29.95 -27.28
C MET A 316 4.15 -29.80 -27.57
N GLY A 317 4.94 -30.68 -26.97
CA GLY A 317 6.31 -30.89 -27.40
C GLY A 317 7.28 -29.77 -27.06
N ASN A 318 8.51 -29.95 -27.54
CA ASN A 318 9.60 -29.02 -27.33
C ASN A 318 10.18 -28.59 -28.69
N GLY A 319 11.18 -27.72 -28.62
CA GLY A 319 11.73 -27.08 -29.81
C GLY A 319 12.54 -27.97 -30.73
N ARG A 320 12.78 -29.23 -30.36
CA ARG A 320 13.53 -30.13 -31.23
C ARG A 320 12.66 -30.58 -32.40
N ARG A 321 13.32 -30.96 -33.49
CA ARG A 321 12.62 -31.32 -34.72
C ARG A 321 12.48 -32.83 -34.87
N ARG A 322 11.72 -33.20 -35.90
CA ARG A 322 11.42 -34.58 -36.23
C ARG A 322 11.34 -34.69 -37.75
N SER A 323 11.73 -35.84 -38.28
CA SER A 323 11.79 -36.03 -39.73
C SER A 323 10.39 -36.31 -40.29
N ILE A 324 10.34 -36.74 -41.55
CA ILE A 324 9.09 -36.75 -42.30
C ILE A 324 8.28 -38.02 -42.03
N SER A 325 8.96 -39.15 -41.76
CA SER A 325 8.29 -40.46 -41.75
C SER A 325 7.35 -40.65 -40.58
N CYS A 326 7.51 -39.88 -39.51
CA CYS A 326 6.70 -39.88 -38.28
C CYS A 326 6.57 -41.24 -37.59
N PRO A 327 7.59 -41.75 -36.91
CA PRO A 327 7.35 -42.83 -35.96
C PRO A 327 6.72 -42.30 -34.68
N SER A 328 5.98 -43.20 -34.00
CA SER A 328 5.15 -42.90 -32.82
C SER A 328 4.19 -41.73 -33.11
N CYS A 329 3.30 -41.98 -34.05
CA CYS A 329 2.62 -40.91 -34.75
C CYS A 329 1.16 -40.74 -34.31
N ASN A 330 0.67 -41.60 -33.41
CA ASN A 330 -0.75 -41.57 -33.07
C ASN A 330 -1.05 -41.72 -31.59
N GLY A 331 -0.04 -41.78 -30.72
CA GLY A 331 -0.30 -41.92 -29.30
C GLY A 331 -0.60 -40.60 -28.63
N GLN A 332 -0.01 -40.37 -27.45
CA GLN A 332 -0.16 -39.10 -26.77
C GLN A 332 0.94 -38.15 -27.20
N ALA A 333 0.62 -36.85 -27.15
CA ALA A 333 1.53 -35.80 -27.62
C ALA A 333 1.59 -34.68 -26.59
N ASP A 334 2.51 -34.81 -25.64
CA ASP A 334 2.84 -33.73 -24.73
C ASP A 334 4.32 -33.36 -24.77
N GLY A 335 5.20 -34.31 -25.09
CA GLY A 335 6.59 -34.01 -25.37
C GLY A 335 6.95 -34.52 -26.75
N ASN A 336 5.93 -34.65 -27.61
CA ASN A 336 6.13 -35.20 -28.94
C ASN A 336 6.83 -34.19 -29.82
N LYS A 337 7.88 -34.63 -30.52
CA LYS A 337 8.60 -33.76 -31.44
C LYS A 337 7.72 -33.43 -32.65
N LEU A 338 7.96 -32.25 -33.21
CA LEU A 338 7.12 -31.71 -34.27
C LEU A 338 7.97 -31.33 -35.47
N LEU A 339 7.30 -31.16 -36.61
CA LEU A 339 7.97 -30.83 -37.86
C LEU A 339 7.88 -29.35 -38.20
N ALA A 340 6.67 -28.84 -38.42
CA ALA A 340 6.39 -27.41 -38.64
C ALA A 340 4.90 -27.11 -38.47
N PRO A 341 4.44 -26.83 -37.25
CA PRO A 341 3.02 -26.46 -37.08
C PRO A 341 2.73 -25.07 -37.61
N VAL A 342 2.10 -24.98 -38.78
CA VAL A 342 1.91 -23.72 -39.48
C VAL A 342 0.47 -23.26 -39.50
N ALA A 343 -0.46 -24.07 -38.98
CA ALA A 343 -1.87 -23.68 -38.97
C ALA A 343 -2.57 -24.37 -37.82
N LEU A 344 -3.49 -23.66 -37.19
CA LEU A 344 -4.29 -24.19 -36.11
C LEU A 344 -5.76 -23.98 -36.41
N ALA A 345 -6.61 -24.59 -35.60
CA ALA A 345 -8.05 -24.50 -35.80
C ALA A 345 -8.75 -24.75 -34.49
N CYS A 346 -9.90 -24.09 -34.31
CA CYS A 346 -10.70 -24.24 -33.11
C CYS A 346 -11.59 -25.47 -33.25
N GLY A 347 -12.57 -25.59 -32.37
CA GLY A 347 -13.51 -26.68 -32.45
C GLY A 347 -14.56 -26.67 -31.35
N ILE A 348 -15.74 -27.20 -31.64
CA ILE A 348 -16.77 -27.32 -30.62
C ILE A 348 -16.50 -28.51 -29.69
N ASP A 349 -15.66 -29.45 -30.12
CA ASP A 349 -15.19 -30.54 -29.28
C ASP A 349 -13.88 -30.17 -28.59
N GLY A 350 -13.40 -28.94 -28.77
CA GLY A 350 -12.10 -28.56 -28.25
C GLY A 350 -10.94 -29.11 -29.03
N SER A 351 -11.18 -29.64 -30.22
CA SER A 351 -10.14 -30.29 -31.00
C SER A 351 -9.22 -29.24 -31.63
N LEU A 352 -7.92 -29.43 -31.48
CA LEU A 352 -6.93 -28.51 -32.03
C LEU A 352 -6.35 -29.17 -33.27
N TYR A 353 -6.87 -28.81 -34.43
CA TYR A 353 -6.40 -29.35 -35.69
C TYR A 353 -5.09 -28.67 -36.05
N VAL A 354 -4.00 -29.44 -36.11
CA VAL A 354 -2.65 -28.89 -36.23
C VAL A 354 -2.11 -29.20 -37.61
N GLY A 355 -1.68 -28.16 -38.31
CA GLY A 355 -1.08 -28.30 -39.62
C GLY A 355 0.43 -28.49 -39.57
N ASP A 356 0.88 -29.70 -39.25
CA ASP A 356 2.31 -29.95 -39.04
C ASP A 356 3.01 -30.30 -40.35
N PHE A 357 2.81 -29.46 -41.37
CA PHE A 357 3.53 -29.36 -42.65
C PHE A 357 3.29 -30.54 -43.61
N ASN A 358 2.83 -31.67 -43.11
CA ASN A 358 2.30 -32.72 -43.97
C ASN A 358 1.14 -33.46 -43.31
N TYR A 359 0.98 -33.30 -42.00
CA TYR A 359 -0.03 -34.04 -41.25
C TYR A 359 -1.01 -33.08 -40.61
N VAL A 360 -2.30 -33.41 -40.73
CA VAL A 360 -3.33 -32.81 -39.91
C VAL A 360 -3.57 -33.73 -38.72
N ARG A 361 -3.43 -33.19 -37.51
CA ARG A 361 -3.53 -33.99 -36.31
C ARG A 361 -4.67 -33.48 -35.44
N ARG A 362 -5.56 -34.38 -35.04
CA ARG A 362 -6.68 -34.03 -34.16
C ARG A 362 -6.23 -34.25 -32.73
N ILE A 363 -5.84 -33.18 -32.05
CA ILE A 363 -5.61 -33.26 -30.61
C ILE A 363 -6.96 -33.44 -29.93
N PHE A 364 -7.13 -34.59 -29.28
CA PHE A 364 -8.37 -34.93 -28.62
C PHE A 364 -8.50 -34.09 -27.35
N PRO A 365 -9.68 -34.03 -26.73
CA PRO A 365 -9.75 -33.52 -25.34
C PRO A 365 -9.33 -34.57 -24.32
N SER A 366 -8.10 -35.06 -24.47
CA SER A 366 -7.52 -36.16 -23.70
C SER A 366 -6.02 -36.11 -23.92
N GLY A 367 -5.34 -37.19 -23.54
CA GLY A 367 -3.91 -37.27 -23.78
C GLY A 367 -3.55 -37.63 -25.20
N ASN A 368 -4.29 -38.56 -25.80
CA ASN A 368 -3.92 -39.14 -27.08
C ASN A 368 -4.20 -38.19 -28.25
N VAL A 369 -3.30 -38.18 -29.22
CA VAL A 369 -3.38 -37.32 -30.40
C VAL A 369 -3.10 -38.17 -31.64
N THR A 370 -4.09 -38.26 -32.53
CA THR A 370 -3.99 -39.05 -33.74
C THR A 370 -3.60 -38.16 -34.92
N SER A 371 -3.65 -38.72 -36.13
CA SER A 371 -3.33 -37.99 -37.36
C SER A 371 -4.39 -38.30 -38.41
N VAL A 372 -4.57 -37.38 -39.35
CA VAL A 372 -5.68 -37.47 -40.30
C VAL A 372 -5.20 -37.53 -41.76
N LEU A 373 -4.50 -36.48 -42.20
CA LEU A 373 -4.26 -36.25 -43.61
C LEU A 373 -2.78 -36.28 -43.92
N GLU A 374 -2.44 -36.66 -45.15
CA GLU A 374 -1.07 -36.60 -45.66
C GLU A 374 -1.01 -35.70 -46.88
N LEU A 375 0.05 -34.89 -46.97
CA LEU A 375 0.29 -34.06 -48.16
C LEU A 375 1.60 -34.44 -48.83
N PRO A 379 4.28 -20.18 -47.00
CA PRO A 379 4.14 -20.05 -48.46
C PRO A 379 3.09 -21.00 -49.01
N ALA A 380 3.39 -21.63 -50.16
CA ALA A 380 2.52 -22.65 -50.71
C ALA A 380 2.47 -23.90 -49.84
N HIS A 381 3.53 -24.15 -49.07
CA HIS A 381 3.49 -25.21 -48.06
C HIS A 381 2.53 -24.85 -46.94
N ARG A 382 2.46 -23.57 -46.56
CA ARG A 382 1.66 -23.13 -45.43
C ARG A 382 0.19 -23.09 -45.84
N TYR A 383 -0.44 -24.24 -45.78
CA TYR A 383 -1.89 -24.27 -45.94
C TYR A 383 -2.56 -23.82 -44.67
N TYR A 384 -3.84 -23.47 -44.80
CA TYR A 384 -4.62 -22.93 -43.69
C TYR A 384 -5.79 -23.85 -43.41
N LEU A 385 -6.35 -23.72 -42.21
CA LEU A 385 -7.37 -24.65 -41.73
C LEU A 385 -8.63 -23.90 -41.34
N ALA A 386 -9.69 -24.67 -41.13
CA ALA A 386 -10.99 -24.09 -40.79
C ALA A 386 -11.76 -25.09 -39.94
N THR A 387 -12.85 -24.60 -39.37
CA THR A 387 -13.67 -25.41 -38.45
C THR A 387 -15.11 -24.94 -38.51
N ASP A 388 -16.02 -25.87 -38.76
CA ASP A 388 -17.44 -25.58 -38.68
C ASP A 388 -17.88 -25.56 -37.22
N PRO A 389 -18.63 -24.53 -36.79
CA PRO A 389 -19.26 -24.63 -35.47
C PRO A 389 -20.42 -25.61 -35.42
N VAL A 390 -21.27 -25.64 -36.45
CA VAL A 390 -22.49 -26.44 -36.34
C VAL A 390 -22.26 -27.92 -36.64
N THR A 391 -21.22 -28.27 -37.39
CA THR A 391 -20.89 -29.67 -37.64
C THR A 391 -19.43 -29.90 -37.25
N GLY A 392 -19.09 -31.16 -37.04
CA GLY A 392 -17.75 -31.51 -36.62
C GLY A 392 -16.75 -31.72 -37.74
N ASP A 393 -17.07 -31.38 -38.98
CA ASP A 393 -16.20 -31.70 -40.09
C ASP A 393 -15.00 -30.75 -40.16
N LEU A 394 -13.96 -31.21 -40.83
CA LEU A 394 -12.68 -30.52 -40.90
C LEU A 394 -12.48 -30.00 -42.32
N TYR A 395 -11.93 -28.79 -42.44
CA TYR A 395 -11.76 -28.13 -43.71
C TYR A 395 -10.30 -27.74 -43.91
N VAL A 396 -9.78 -27.95 -45.12
CA VAL A 396 -8.38 -27.69 -45.44
C VAL A 396 -8.31 -26.72 -46.60
N SER A 397 -7.53 -25.64 -46.44
CA SER A 397 -7.27 -24.70 -47.52
C SER A 397 -5.89 -25.03 -48.11
N ASP A 398 -5.84 -26.10 -48.89
CA ASP A 398 -4.60 -26.53 -49.52
C ASP A 398 -4.31 -25.60 -50.69
N THR A 399 -3.35 -24.70 -50.49
CA THR A 399 -2.95 -23.77 -51.54
C THR A 399 -2.20 -24.47 -52.65
N ASN A 400 -1.46 -25.54 -52.33
CA ASN A 400 -0.56 -26.16 -53.31
C ASN A 400 -1.33 -26.93 -54.36
N THR A 401 -2.29 -27.76 -53.94
CA THR A 401 -3.01 -28.62 -54.88
C THR A 401 -4.26 -27.98 -55.44
N ARG A 402 -4.49 -26.69 -55.15
CA ARG A 402 -5.58 -25.88 -55.70
C ARG A 402 -6.96 -26.44 -55.38
N ARG A 403 -7.10 -27.09 -54.22
CA ARG A 403 -8.34 -27.75 -53.87
C ARG A 403 -8.74 -27.40 -52.46
N ILE A 404 -10.02 -27.61 -52.17
CA ILE A 404 -10.58 -27.53 -50.83
C ILE A 404 -10.98 -28.94 -50.42
N TYR A 405 -10.49 -29.41 -49.28
CA TYR A 405 -10.67 -30.79 -48.88
C TYR A 405 -11.59 -30.89 -47.66
N ARG A 406 -11.98 -32.13 -47.37
CA ARG A 406 -12.69 -32.52 -46.17
C ARG A 406 -12.48 -34.01 -45.95
N PRO A 407 -11.94 -34.41 -44.80
CA PRO A 407 -11.69 -35.84 -44.57
C PRO A 407 -12.97 -36.61 -44.28
N LYS A 408 -12.84 -37.93 -44.38
CA LYS A 408 -13.93 -38.85 -44.07
C LYS A 408 -13.84 -39.37 -42.64
N SER A 409 -12.68 -39.91 -42.26
CA SER A 409 -12.45 -40.48 -40.93
C SER A 409 -11.46 -39.59 -40.18
N LEU A 410 -11.96 -38.90 -39.16
CA LEU A 410 -11.07 -38.11 -38.32
C LEU A 410 -10.24 -38.99 -37.40
N THR A 411 -10.81 -40.11 -36.95
CA THR A 411 -10.07 -41.07 -36.14
C THR A 411 -9.05 -41.84 -36.95
N GLY A 412 -9.21 -41.88 -38.27
CA GLY A 412 -8.21 -42.48 -39.12
C GLY A 412 -8.71 -43.59 -40.01
N ALA A 413 -8.59 -43.40 -41.32
CA ALA A 413 -8.83 -44.45 -42.30
C ALA A 413 -7.50 -45.18 -42.55
N LYS A 414 -7.46 -45.99 -43.60
CA LYS A 414 -6.25 -46.75 -43.92
C LYS A 414 -5.13 -45.83 -44.41
N ASP A 415 -5.35 -45.15 -45.52
CA ASP A 415 -4.37 -44.25 -46.10
C ASP A 415 -4.71 -42.81 -45.75
N LEU A 416 -3.69 -42.03 -45.44
CA LEU A 416 -3.86 -40.63 -45.08
C LEU A 416 -3.87 -39.70 -46.28
N THR A 417 -3.70 -40.23 -47.49
CA THR A 417 -3.78 -39.40 -48.70
C THR A 417 -5.18 -39.40 -49.29
N LYS A 418 -5.80 -40.59 -49.36
CA LYS A 418 -7.13 -40.74 -49.94
C LYS A 418 -8.26 -40.41 -48.96
N ASN A 419 -7.93 -39.92 -47.77
CA ASN A 419 -8.94 -39.48 -46.80
C ASN A 419 -9.19 -37.98 -47.00
N ALA A 420 -9.66 -37.64 -48.20
CA ALA A 420 -9.77 -36.23 -48.59
C ALA A 420 -10.84 -36.11 -49.68
N GLU A 421 -12.00 -35.57 -49.30
CA GLU A 421 -13.08 -35.30 -50.25
C GLU A 421 -12.90 -33.89 -50.80
N VAL A 422 -12.76 -33.77 -52.12
CA VAL A 422 -12.55 -32.47 -52.73
C VAL A 422 -13.86 -31.67 -52.72
N VAL A 423 -13.75 -30.37 -52.46
CA VAL A 423 -14.91 -29.49 -52.45
C VAL A 423 -14.94 -28.62 -53.70
N ALA A 424 -13.81 -28.04 -54.09
CA ALA A 424 -13.76 -27.15 -55.24
C ALA A 424 -12.36 -27.15 -55.81
N GLY A 425 -12.24 -26.69 -57.05
CA GLY A 425 -10.95 -26.41 -57.65
C GLY A 425 -10.44 -27.45 -58.63
N THR A 426 -10.57 -28.73 -58.27
CA THR A 426 -10.18 -29.90 -59.05
C THR A 426 -8.70 -29.91 -59.45
N GLY A 427 -7.85 -29.12 -58.78
CA GLY A 427 -6.45 -29.02 -59.15
C GLY A 427 -6.15 -28.04 -60.27
N GLU A 428 -7.10 -27.87 -61.19
CA GLU A 428 -6.92 -26.99 -62.32
C GLU A 428 -7.01 -25.53 -61.89
N GLN A 429 -6.15 -24.70 -62.45
CA GLN A 429 -6.05 -23.29 -62.06
C GLN A 429 -6.99 -22.46 -62.93
N CYS A 430 -7.76 -21.58 -62.29
CA CYS A 430 -8.81 -20.86 -62.99
C CYS A 430 -8.24 -19.57 -63.60
N LEU A 431 -9.13 -18.67 -64.00
CA LEU A 431 -8.70 -17.42 -64.60
C LEU A 431 -8.12 -16.49 -63.54
N PRO A 432 -7.14 -15.66 -63.91
CA PRO A 432 -6.53 -14.78 -62.90
C PRO A 432 -7.44 -13.67 -62.41
N PHE A 433 -8.10 -12.96 -63.32
CA PHE A 433 -8.77 -11.72 -62.96
C PHE A 433 -10.14 -11.54 -63.59
N ASP A 434 -10.61 -12.48 -64.40
CA ASP A 434 -11.79 -12.23 -65.24
C ASP A 434 -13.07 -12.21 -64.41
N GLU A 435 -13.91 -11.21 -64.66
CA GLU A 435 -15.14 -11.01 -63.92
C GLU A 435 -16.24 -11.98 -64.31
N ALA A 436 -16.05 -12.76 -65.38
CA ALA A 436 -17.03 -13.73 -65.81
C ALA A 436 -17.22 -14.82 -64.77
N ARG A 437 -16.18 -15.66 -64.58
CA ARG A 437 -16.22 -16.81 -63.68
C ARG A 437 -14.84 -17.46 -63.62
N CYS A 438 -14.61 -18.21 -62.54
CA CYS A 438 -13.68 -19.32 -62.53
C CYS A 438 -14.41 -20.65 -62.57
N GLY A 439 -15.67 -20.65 -62.98
CA GLY A 439 -16.54 -21.81 -62.88
C GLY A 439 -17.74 -21.49 -62.02
N ASP A 440 -18.06 -20.21 -61.93
CA ASP A 440 -19.11 -19.71 -61.04
C ASP A 440 -20.49 -20.05 -61.60
N GLY A 441 -21.50 -19.81 -60.78
CA GLY A 441 -22.89 -20.07 -61.18
C GLY A 441 -23.35 -21.51 -61.09
N GLY A 442 -22.57 -22.43 -61.63
CA GLY A 442 -22.94 -23.83 -61.61
C GLY A 442 -22.58 -24.52 -60.31
N LYS A 443 -21.92 -25.68 -60.41
CA LYS A 443 -21.59 -26.46 -59.24
C LYS A 443 -20.23 -26.04 -58.67
N ALA A 444 -20.13 -26.06 -57.35
CA ALA A 444 -18.87 -25.75 -56.69
C ALA A 444 -17.84 -26.85 -56.91
N VAL A 445 -18.29 -28.09 -57.11
CA VAL A 445 -17.37 -29.20 -57.29
C VAL A 445 -16.67 -29.12 -58.64
N GLU A 446 -17.43 -28.83 -59.69
CA GLU A 446 -16.89 -28.83 -61.04
C GLU A 446 -16.03 -27.60 -61.34
N ALA A 447 -16.09 -26.57 -60.52
CA ALA A 447 -15.37 -25.34 -60.80
C ALA A 447 -13.88 -25.48 -60.51
N THR A 448 -13.10 -24.51 -60.99
CA THR A 448 -11.67 -24.47 -60.81
C THR A 448 -11.28 -23.22 -60.05
N LEU A 449 -10.09 -23.25 -59.44
CA LEU A 449 -9.67 -22.19 -58.53
C LEU A 449 -8.20 -21.87 -58.74
N MET A 450 -7.84 -20.61 -58.48
CA MET A 450 -6.46 -20.15 -58.52
C MET A 450 -6.05 -19.64 -57.15
N SER A 451 -5.06 -20.31 -56.55
CA SER A 451 -4.38 -19.96 -55.31
C SER A 451 -5.32 -19.73 -54.13
N PRO A 452 -5.90 -20.78 -53.55
CA PRO A 452 -6.77 -20.58 -52.39
C PRO A 452 -5.98 -20.20 -51.16
N LYS A 453 -6.69 -19.57 -50.21
CA LYS A 453 -6.08 -19.11 -48.96
C LYS A 453 -7.05 -19.45 -47.83
N GLY A 454 -6.80 -18.85 -46.66
CA GLY A 454 -7.54 -19.22 -45.46
C GLY A 454 -9.00 -18.84 -45.52
N MET A 455 -9.78 -19.46 -44.64
CA MET A 455 -11.22 -19.39 -44.77
C MET A 455 -11.88 -19.62 -43.42
N ALA A 456 -13.20 -19.52 -43.42
CA ALA A 456 -14.05 -19.83 -42.29
C ALA A 456 -15.38 -20.32 -42.86
N ILE A 457 -16.39 -20.39 -42.01
CA ILE A 457 -17.72 -20.83 -42.43
C ILE A 457 -18.74 -20.24 -41.47
N ASP A 458 -19.84 -19.76 -42.04
CA ASP A 458 -20.89 -19.07 -41.30
C ASP A 458 -21.58 -20.03 -40.31
N LYS A 459 -22.19 -19.42 -39.29
CA LYS A 459 -23.10 -20.13 -38.40
C LYS A 459 -24.28 -20.73 -39.16
N ASN A 460 -24.73 -20.06 -40.22
CA ASN A 460 -25.71 -20.66 -41.12
C ASN A 460 -25.14 -21.88 -41.81
N GLY A 461 -23.87 -21.83 -42.21
CA GLY A 461 -23.23 -22.95 -42.86
C GLY A 461 -22.62 -22.57 -44.19
N LEU A 462 -22.54 -21.28 -44.46
CA LEU A 462 -21.99 -20.77 -45.72
C LEU A 462 -20.48 -20.65 -45.56
N ILE A 463 -19.73 -21.47 -46.29
CA ILE A 463 -18.27 -21.41 -46.25
C ILE A 463 -17.79 -20.33 -47.22
N TYR A 464 -16.94 -19.45 -46.71
CA TYR A 464 -16.40 -18.32 -47.47
C TYR A 464 -14.90 -18.53 -47.58
N PHE A 465 -14.42 -18.83 -48.78
CA PHE A 465 -13.00 -19.10 -48.93
C PHE A 465 -12.32 -18.02 -49.75
N VAL A 466 -11.10 -17.67 -49.35
CA VAL A 466 -10.27 -16.75 -50.11
C VAL A 466 -9.57 -17.52 -51.21
N ASP A 467 -9.70 -17.05 -52.43
CA ASP A 467 -9.07 -17.67 -53.59
C ASP A 467 -8.64 -16.55 -54.53
N GLY A 468 -7.41 -16.62 -55.02
CA GLY A 468 -6.89 -15.52 -55.81
C GLY A 468 -6.64 -14.30 -54.94
N THR A 469 -7.50 -13.28 -55.11
CA THR A 469 -7.37 -12.08 -54.29
C THR A 469 -8.73 -11.56 -53.82
N MET A 470 -9.79 -12.36 -53.86
CA MET A 470 -11.12 -11.90 -53.52
C MET A 470 -11.85 -12.94 -52.69
N ILE A 471 -12.98 -12.51 -52.11
CA ILE A 471 -13.81 -13.35 -51.26
C ILE A 471 -14.82 -14.09 -52.13
N ARG A 472 -14.88 -15.41 -52.00
CA ARG A 472 -15.76 -16.24 -52.82
C ARG A 472 -16.68 -17.06 -51.91
N LYS A 473 -17.95 -17.11 -52.29
CA LYS A 473 -19.03 -17.60 -51.44
C LYS A 473 -19.52 -18.96 -51.91
N VAL A 474 -19.72 -19.88 -50.96
CA VAL A 474 -20.35 -21.17 -51.22
C VAL A 474 -21.47 -21.37 -50.21
N ASP A 475 -22.68 -21.62 -50.72
CA ASP A 475 -23.86 -21.83 -49.88
C ASP A 475 -23.94 -23.26 -49.37
N GLN A 476 -25.12 -23.64 -48.85
CA GLN A 476 -25.35 -24.99 -48.38
C GLN A 476 -25.24 -26.01 -49.51
N ASN A 477 -25.69 -25.66 -50.71
CA ASN A 477 -25.48 -26.50 -51.88
C ASN A 477 -24.06 -26.31 -52.40
N GLY A 478 -23.72 -27.04 -53.45
CA GLY A 478 -22.47 -26.74 -54.12
C GLY A 478 -22.69 -25.70 -55.21
N ILE A 479 -22.51 -24.43 -54.85
CA ILE A 479 -22.68 -23.29 -55.76
C ILE A 479 -21.65 -22.24 -55.36
N ILE A 480 -20.77 -21.85 -56.28
CA ILE A 480 -19.84 -20.76 -56.02
C ILE A 480 -20.47 -19.46 -56.49
N SER A 481 -20.81 -18.60 -55.53
CA SER A 481 -21.29 -17.25 -55.79
C SER A 481 -20.29 -16.26 -55.18
N THR A 482 -20.65 -14.98 -55.20
CA THR A 482 -19.74 -13.95 -54.71
C THR A 482 -20.52 -12.81 -54.10
N LEU A 483 -20.20 -12.50 -52.84
CA LEU A 483 -20.71 -11.27 -52.22
C LEU A 483 -19.81 -10.09 -52.56
N LEU A 484 -18.51 -10.21 -52.26
CA LEU A 484 -17.53 -9.17 -52.53
C LEU A 484 -16.37 -9.79 -53.30
N GLY A 485 -16.25 -9.44 -54.56
CA GLY A 485 -15.13 -9.85 -55.39
C GLY A 485 -14.04 -8.80 -55.43
N SER A 486 -13.30 -8.81 -56.52
CA SER A 486 -12.27 -7.79 -56.77
C SER A 486 -12.33 -7.45 -58.25
N ASN A 487 -11.27 -6.78 -58.73
CA ASN A 487 -11.12 -6.34 -60.13
C ASN A 487 -12.23 -5.38 -60.54
N ASP A 488 -12.80 -4.65 -59.57
CA ASP A 488 -13.85 -3.66 -59.83
C ASP A 488 -13.20 -2.30 -60.07
N LEU A 489 -12.73 -2.11 -61.30
CA LEU A 489 -11.98 -0.93 -61.68
C LEU A 489 -12.83 0.32 -61.86
N THR A 490 -14.16 0.22 -61.70
CA THR A 490 -14.96 1.42 -61.55
C THR A 490 -14.76 2.05 -60.18
N SER A 491 -14.24 1.29 -59.22
CA SER A 491 -14.03 1.76 -57.85
C SER A 491 -12.64 1.36 -57.36
N ALA A 492 -11.62 1.65 -58.16
CA ALA A 492 -10.22 1.52 -57.72
C ALA A 492 -9.86 2.77 -56.90
N ARG A 493 -10.46 2.83 -55.72
CA ARG A 493 -10.53 3.99 -54.85
C ARG A 493 -9.56 3.85 -53.69
N PRO A 494 -9.17 4.95 -53.06
CA PRO A 494 -8.41 4.85 -51.80
C PRO A 494 -9.27 4.27 -50.70
N LEU A 495 -8.60 3.84 -49.64
CA LEU A 495 -9.26 3.16 -48.53
C LEU A 495 -10.11 4.16 -47.76
N THR A 496 -11.40 3.86 -47.65
CA THR A 496 -12.37 4.77 -47.02
C THR A 496 -12.12 4.79 -45.53
N CYS A 497 -11.36 5.79 -45.06
CA CYS A 497 -10.86 5.80 -43.70
C CYS A 497 -11.93 6.20 -42.68
N ASP A 498 -13.10 6.65 -43.10
CA ASP A 498 -14.10 7.15 -42.16
C ASP A 498 -15.39 6.34 -42.15
N THR A 499 -15.99 6.10 -43.31
CA THR A 499 -17.33 5.55 -43.37
C THR A 499 -17.34 4.23 -44.14
N SER A 500 -18.54 3.73 -44.40
CA SER A 500 -18.74 2.50 -45.15
C SER A 500 -19.05 2.81 -46.61
N MET A 501 -18.97 1.78 -47.44
CA MET A 501 -19.12 1.94 -48.87
C MET A 501 -19.79 0.69 -49.45
N HIS A 502 -19.90 0.67 -50.78
CA HIS A 502 -20.81 -0.23 -51.47
C HIS A 502 -20.31 -1.67 -51.43
N ILE A 503 -21.25 -2.61 -51.51
CA ILE A 503 -20.94 -4.03 -51.30
C ILE A 503 -20.11 -4.61 -52.44
N SER A 504 -20.23 -4.07 -53.65
CA SER A 504 -19.50 -4.61 -54.79
C SER A 504 -18.53 -3.58 -55.38
N GLN A 505 -18.22 -2.52 -54.64
CA GLN A 505 -17.36 -1.46 -55.14
C GLN A 505 -16.15 -1.28 -54.23
N VAL A 506 -15.60 -2.39 -53.74
CA VAL A 506 -14.47 -2.37 -52.82
C VAL A 506 -13.33 -3.17 -53.45
N ARG A 507 -12.17 -2.54 -53.59
CA ARG A 507 -10.97 -3.26 -53.96
C ARG A 507 -10.33 -3.88 -52.73
N LEU A 508 -9.65 -5.00 -52.94
CA LEU A 508 -9.06 -5.77 -51.85
C LEU A 508 -7.57 -5.93 -52.08
N GLU A 509 -6.82 -6.01 -50.97
CA GLU A 509 -5.37 -6.15 -51.01
C GLU A 509 -4.96 -7.20 -49.99
N TRP A 510 -4.70 -8.43 -50.49
CA TRP A 510 -4.12 -9.56 -49.74
C TRP A 510 -4.91 -9.93 -48.49
N PRO A 511 -6.08 -10.59 -48.63
CA PRO A 511 -6.87 -10.99 -47.45
C PRO A 511 -6.15 -12.00 -46.56
N THR A 512 -5.81 -13.16 -47.14
CA THR A 512 -4.93 -14.20 -46.59
C THR A 512 -5.41 -14.85 -45.29
N ASP A 513 -6.55 -14.44 -44.73
CA ASP A 513 -7.07 -15.02 -43.50
C ASP A 513 -8.53 -14.57 -43.36
N LEU A 514 -9.24 -15.23 -42.44
CA LEU A 514 -10.66 -14.98 -42.22
C LEU A 514 -11.04 -15.54 -40.87
N ALA A 515 -11.92 -14.82 -40.16
CA ALA A 515 -12.57 -15.31 -38.96
C ALA A 515 -13.88 -14.55 -38.80
N ILE A 516 -14.88 -15.21 -38.24
CA ILE A 516 -16.21 -14.60 -38.12
C ILE A 516 -16.57 -14.41 -36.65
N ASN A 517 -17.26 -13.30 -36.38
CA ASN A 517 -17.81 -13.06 -35.06
C ASN A 517 -19.23 -13.60 -35.05
N PRO A 518 -19.52 -14.64 -34.27
CA PRO A 518 -20.89 -15.19 -34.25
C PRO A 518 -21.90 -14.31 -33.53
N MET A 519 -21.46 -13.27 -32.82
CA MET A 519 -22.40 -12.37 -32.17
C MET A 519 -23.14 -11.51 -33.18
N ASP A 520 -22.43 -11.00 -34.19
CA ASP A 520 -23.02 -10.10 -35.17
C ASP A 520 -23.08 -10.70 -36.57
N ASN A 521 -22.70 -11.97 -36.72
CA ASN A 521 -22.49 -12.63 -38.02
C ASN A 521 -21.53 -11.80 -38.88
N SER A 522 -20.46 -11.35 -38.26
CA SER A 522 -19.50 -10.48 -38.92
C SER A 522 -18.58 -11.29 -39.83
N ILE A 523 -17.81 -10.57 -40.64
CA ILE A 523 -16.82 -11.16 -41.53
C ILE A 523 -15.57 -10.32 -41.41
N TYR A 524 -14.54 -10.83 -40.74
CA TYR A 524 -13.32 -10.08 -40.48
C TYR A 524 -12.26 -10.53 -41.47
N VAL A 525 -11.82 -9.62 -42.33
CA VAL A 525 -10.91 -9.92 -43.42
C VAL A 525 -9.66 -9.06 -43.27
N LEU A 526 -8.49 -9.71 -43.19
CA LEU A 526 -7.22 -9.03 -42.96
C LEU A 526 -6.76 -8.36 -44.25
N ASP A 527 -7.21 -7.12 -44.47
CA ASP A 527 -6.90 -6.39 -45.70
C ASP A 527 -5.70 -5.49 -45.47
N ASN A 528 -4.50 -6.07 -45.63
CA ASN A 528 -3.21 -5.38 -45.65
C ASN A 528 -2.98 -4.61 -44.35
N ASN A 529 -2.83 -5.39 -43.28
CA ASN A 529 -2.66 -4.98 -41.88
C ASN A 529 -3.88 -4.25 -41.33
N VAL A 530 -5.00 -4.24 -42.05
CA VAL A 530 -6.21 -3.51 -41.67
C VAL A 530 -7.36 -4.49 -41.80
N VAL A 531 -7.94 -4.90 -40.67
CA VAL A 531 -9.09 -5.79 -40.70
C VAL A 531 -10.31 -4.97 -41.08
N LEU A 532 -10.87 -5.26 -42.26
CA LEU A 532 -12.05 -4.57 -42.76
C LEU A 532 -13.25 -5.47 -42.53
N GLN A 533 -14.06 -5.14 -41.53
CA GLN A 533 -15.21 -5.97 -41.19
C GLN A 533 -16.31 -5.81 -42.21
N ILE A 534 -17.11 -6.88 -42.36
CA ILE A 534 -18.27 -6.90 -43.23
C ILE A 534 -19.43 -7.47 -42.42
N THR A 535 -20.46 -6.67 -42.23
CA THR A 535 -21.63 -7.08 -41.46
C THR A 535 -22.80 -7.33 -42.40
N GLU A 536 -23.97 -7.58 -41.82
CA GLU A 536 -25.14 -7.96 -42.60
C GLU A 536 -25.86 -6.78 -43.23
N ASN A 537 -25.36 -5.56 -43.06
CA ASN A 537 -25.87 -4.41 -43.79
C ASN A 537 -25.19 -4.22 -45.14
N ARG A 538 -24.40 -5.22 -45.57
CA ARG A 538 -23.65 -5.22 -46.83
C ARG A 538 -22.73 -4.01 -46.94
N GLN A 539 -22.08 -3.66 -45.84
CA GLN A 539 -21.19 -2.51 -45.77
C GLN A 539 -19.79 -2.98 -45.38
N VAL A 540 -18.82 -2.08 -45.54
CA VAL A 540 -17.42 -2.34 -45.22
C VAL A 540 -16.94 -1.23 -44.30
N ARG A 541 -16.76 -1.55 -43.02
CA ARG A 541 -16.27 -0.60 -42.04
C ARG A 541 -14.88 -1.03 -41.58
N ILE A 542 -14.04 -0.05 -41.26
CA ILE A 542 -12.79 -0.34 -40.55
C ILE A 542 -13.13 -0.83 -39.15
N ALA A 543 -12.71 -2.05 -38.83
CA ALA A 543 -12.82 -2.55 -37.47
C ALA A 543 -11.53 -2.33 -36.69
N ALA A 544 -10.38 -2.46 -37.37
CA ALA A 544 -9.08 -2.25 -36.74
C ALA A 544 -8.05 -1.95 -37.83
N GLY A 545 -7.04 -1.20 -37.46
CA GLY A 545 -5.94 -0.91 -38.37
C GLY A 545 -6.20 0.30 -39.24
N ARG A 546 -5.12 1.01 -39.57
CA ARG A 546 -5.17 2.13 -40.49
C ARG A 546 -4.04 1.98 -41.51
N PRO A 547 -4.34 2.04 -42.80
CA PRO A 547 -3.30 1.82 -43.81
C PRO A 547 -2.38 3.01 -44.01
N MET A 548 -1.52 2.92 -45.03
CA MET A 548 -0.70 4.05 -45.45
C MET A 548 -1.53 5.22 -45.99
N HIS A 549 -2.76 4.95 -46.43
CA HIS A 549 -3.62 5.99 -47.01
C HIS A 549 -3.99 7.06 -46.00
N CYS A 550 -4.06 6.72 -44.73
CA CYS A 550 -4.37 7.70 -43.69
C CYS A 550 -3.42 7.57 -42.51
N HIS A 562 -6.79 4.57 -29.97
CA HIS A 562 -7.68 3.61 -30.61
C HIS A 562 -6.92 2.71 -31.57
N ALA A 563 -7.50 1.54 -31.86
CA ALA A 563 -6.90 0.63 -32.83
C ALA A 563 -7.08 1.12 -34.26
N VAL A 564 -8.13 1.91 -34.52
CA VAL A 564 -8.29 2.51 -35.83
C VAL A 564 -7.32 3.67 -36.03
N GLN A 565 -6.77 4.21 -34.93
CA GLN A 565 -5.79 5.29 -35.02
C GLN A 565 -4.40 4.76 -35.37
N THR A 566 -4.04 3.60 -34.83
CA THR A 566 -2.69 3.09 -34.98
C THR A 566 -2.51 2.37 -36.31
N THR A 567 -1.25 2.13 -36.67
CA THR A 567 -0.88 1.35 -37.83
C THR A 567 -0.25 0.04 -37.37
N LEU A 568 -0.38 -0.98 -38.20
CA LEU A 568 -0.02 -2.34 -37.84
C LEU A 568 1.05 -2.87 -38.78
N GLU A 569 1.95 -3.69 -38.23
CA GLU A 569 3.09 -4.22 -38.96
C GLU A 569 3.10 -5.74 -38.86
N SER A 570 3.24 -6.39 -40.02
CA SER A 570 3.47 -7.84 -40.15
C SER A 570 2.32 -8.65 -39.55
N ALA A 571 1.09 -8.24 -39.84
CA ALA A 571 -0.09 -9.00 -39.43
C ALA A 571 -0.19 -10.24 -40.31
N THR A 572 0.17 -11.40 -39.76
CA THR A 572 0.21 -12.63 -40.53
C THR A 572 -0.94 -13.57 -40.25
N ALA A 573 -1.72 -13.34 -39.19
CA ALA A 573 -2.90 -14.16 -38.92
C ALA A 573 -3.86 -13.37 -38.04
N ILE A 574 -5.14 -13.75 -38.12
CA ILE A 574 -6.19 -13.17 -37.29
C ILE A 574 -6.93 -14.29 -36.59
N ALA A 575 -7.75 -13.89 -35.63
CA ALA A 575 -8.76 -14.73 -35.00
C ALA A 575 -9.73 -13.81 -34.29
N VAL A 576 -10.82 -14.39 -33.77
CA VAL A 576 -11.77 -13.65 -32.96
C VAL A 576 -12.48 -14.63 -32.02
N SER A 577 -12.62 -14.23 -30.76
CA SER A 577 -13.29 -15.05 -29.76
C SER A 577 -14.80 -14.90 -29.89
N TYR A 578 -15.53 -15.44 -28.91
CA TYR A 578 -16.97 -15.38 -28.91
C TYR A 578 -17.51 -14.17 -28.16
N SER A 579 -16.62 -13.31 -27.67
CA SER A 579 -17.01 -12.02 -27.13
C SER A 579 -16.74 -10.89 -28.11
N GLY A 580 -16.23 -11.20 -29.30
CA GLY A 580 -15.98 -10.22 -30.32
C GLY A 580 -14.58 -9.65 -30.35
N VAL A 581 -13.70 -10.08 -29.45
CA VAL A 581 -12.36 -9.50 -29.37
C VAL A 581 -11.49 -10.08 -30.48
N LEU A 582 -10.87 -9.20 -31.25
CA LEU A 582 -9.97 -9.58 -32.33
C LEU A 582 -8.61 -9.96 -31.74
N TYR A 583 -7.82 -10.70 -32.51
CA TYR A 583 -6.48 -11.07 -32.10
C TYR A 583 -5.56 -10.99 -33.32
N ILE A 584 -4.71 -9.97 -33.35
CA ILE A 584 -3.78 -9.75 -34.44
C ILE A 584 -2.40 -10.12 -33.96
N THR A 585 -1.83 -11.19 -34.51
CA THR A 585 -0.43 -11.46 -34.29
C THR A 585 0.41 -10.52 -35.15
N GLU A 586 1.57 -10.14 -34.60
CA GLU A 586 2.49 -9.25 -35.29
C GLU A 586 3.89 -9.81 -35.11
N THR A 587 4.48 -10.29 -36.19
CA THR A 587 5.83 -10.87 -36.11
C THR A 587 6.64 -10.44 -37.33
N ASP A 588 7.54 -9.50 -37.12
CA ASP A 588 8.61 -9.20 -38.06
C ASP A 588 9.82 -10.09 -37.79
N GLU A 589 9.73 -10.95 -36.76
CA GLU A 589 10.74 -11.91 -36.32
C GLU A 589 12.04 -11.22 -35.88
N LYS A 590 11.98 -9.92 -35.60
CA LYS A 590 13.12 -9.12 -35.16
C LYS A 590 12.60 -8.24 -34.03
N LYS A 591 12.70 -8.76 -32.81
CA LYS A 591 12.37 -8.13 -31.52
C LYS A 591 10.87 -7.87 -31.33
N ILE A 592 10.02 -8.20 -32.31
CA ILE A 592 8.58 -8.09 -32.17
C ILE A 592 7.99 -9.44 -32.57
N ASN A 593 7.57 -10.22 -31.58
CA ASN A 593 6.82 -11.46 -31.81
C ASN A 593 5.69 -11.40 -30.80
N ARG A 594 4.58 -10.78 -31.19
CA ARG A 594 3.56 -10.43 -30.23
C ARG A 594 2.19 -10.53 -30.85
N ILE A 595 1.17 -10.45 -30.00
CA ILE A 595 -0.24 -10.46 -30.39
C ILE A 595 -0.91 -9.30 -29.68
N ARG A 596 -1.36 -8.32 -30.44
CA ARG A 596 -2.09 -7.18 -29.89
C ARG A 596 -3.58 -7.36 -30.20
N GLN A 597 -4.41 -7.44 -29.17
CA GLN A 597 -5.81 -7.68 -29.40
C GLN A 597 -6.53 -6.37 -29.73
N VAL A 598 -7.72 -6.50 -30.30
CA VAL A 598 -8.62 -5.38 -30.56
C VAL A 598 -9.99 -5.79 -30.05
N THR A 599 -10.51 -5.05 -29.09
CA THR A 599 -11.81 -5.39 -28.50
C THR A 599 -12.94 -4.86 -29.39
N THR A 600 -14.16 -4.90 -28.88
CA THR A 600 -15.33 -4.50 -29.65
C THR A 600 -15.43 -3.00 -29.86
N ASP A 601 -14.68 -2.19 -29.10
CA ASP A 601 -14.76 -0.75 -29.25
C ASP A 601 -13.87 -0.23 -30.38
N GLY A 602 -12.76 -0.90 -30.65
CA GLY A 602 -11.82 -0.43 -31.64
C GLY A 602 -10.56 0.13 -31.02
N GLU A 603 -10.12 -0.50 -29.93
CA GLU A 603 -8.92 -0.07 -29.21
C GLU A 603 -7.97 -1.25 -29.07
N ILE A 604 -6.68 -0.97 -29.20
CA ILE A 604 -5.65 -2.01 -29.25
C ILE A 604 -5.06 -2.19 -27.87
N SER A 605 -4.57 -3.39 -27.59
CA SER A 605 -4.00 -3.74 -26.29
C SER A 605 -3.05 -4.92 -26.46
N LEU A 606 -1.82 -4.76 -26.01
CA LEU A 606 -0.84 -5.85 -26.05
C LEU A 606 -1.16 -6.86 -24.97
N VAL A 607 -1.65 -8.04 -25.37
CA VAL A 607 -2.02 -9.09 -24.43
C VAL A 607 -1.12 -10.30 -24.51
N ALA A 608 -0.36 -10.49 -25.59
CA ALA A 608 0.50 -11.64 -25.71
C ALA A 608 1.75 -11.26 -26.48
N GLY A 609 2.89 -11.75 -26.01
CA GLY A 609 4.15 -11.47 -26.65
C GLY A 609 4.86 -10.28 -26.02
N ILE A 610 5.93 -10.55 -25.26
CA ILE A 610 6.71 -9.47 -24.67
C ILE A 610 7.56 -8.89 -25.80
N PRO A 611 7.84 -7.58 -25.82
CA PRO A 611 8.83 -7.08 -26.78
C PRO A 611 10.23 -7.53 -26.41
N SER A 612 10.75 -8.49 -27.16
CA SER A 612 12.04 -9.08 -26.85
C SER A 612 13.18 -8.15 -27.27
N GLU A 613 14.36 -8.45 -26.76
CA GLU A 613 15.57 -7.72 -27.12
C GLU A 613 16.46 -8.51 -28.08
N CYS A 614 16.60 -9.82 -27.86
CA CYS A 614 17.42 -10.65 -28.71
C CYS A 614 16.68 -10.95 -30.01
N ASP A 615 17.41 -10.85 -31.13
CA ASP A 615 16.87 -11.18 -32.43
C ASP A 615 16.85 -12.69 -32.61
N CYS A 616 15.77 -13.20 -33.18
CA CYS A 616 15.63 -14.64 -33.42
C CYS A 616 15.90 -15.03 -34.87
N LYS A 617 15.97 -14.06 -35.79
CA LYS A 617 16.39 -14.36 -37.16
C LYS A 617 17.89 -14.60 -37.23
N ASN A 618 18.69 -13.58 -36.92
CA ASN A 618 20.13 -13.66 -37.10
C ASN A 618 20.77 -14.56 -36.05
N ASP A 619 20.52 -14.28 -34.78
CA ASP A 619 20.99 -15.15 -33.71
C ASP A 619 20.02 -16.32 -33.61
N ALA A 620 20.25 -17.33 -34.44
CA ALA A 620 19.48 -18.56 -34.35
C ALA A 620 19.82 -19.36 -33.10
N ASN A 621 21.03 -19.17 -32.56
CA ASN A 621 21.40 -19.75 -31.28
C ASN A 621 21.10 -18.80 -30.12
N CYS A 622 19.88 -18.28 -30.10
CA CYS A 622 19.40 -17.43 -29.03
C CYS A 622 18.19 -18.12 -28.39
N ASP A 623 18.16 -18.15 -27.06
CA ASP A 623 17.09 -18.83 -26.33
C ASP A 623 15.85 -17.94 -26.41
N CYS A 624 15.12 -18.06 -27.51
CA CYS A 624 13.90 -17.29 -27.69
C CYS A 624 12.76 -17.83 -26.82
N TYR A 625 12.90 -19.04 -26.28
CA TYR A 625 11.95 -19.59 -25.32
C TYR A 625 12.35 -19.12 -23.93
N GLN A 626 11.46 -18.36 -23.29
CA GLN A 626 11.76 -17.86 -21.96
C GLN A 626 10.46 -17.72 -21.19
N SER A 627 10.52 -18.04 -19.89
CA SER A 627 9.40 -17.96 -18.94
C SER A 627 8.24 -18.86 -19.40
N GLY A 628 8.53 -20.14 -19.51
CA GLY A 628 7.47 -21.12 -19.67
C GLY A 628 6.61 -21.18 -18.43
N ASP A 629 5.29 -21.20 -18.65
CA ASP A 629 4.27 -21.05 -17.61
C ASP A 629 4.46 -19.76 -16.80
N GLY A 630 4.64 -18.66 -17.53
CA GLY A 630 4.68 -17.35 -16.92
C GLY A 630 3.45 -16.54 -17.29
N TYR A 631 3.61 -15.23 -17.47
CA TYR A 631 2.51 -14.39 -17.93
C TYR A 631 2.58 -14.20 -19.43
N ALA A 632 1.43 -13.95 -20.04
CA ALA A 632 1.39 -13.69 -21.47
C ALA A 632 1.96 -12.32 -21.80
N LYS A 633 1.90 -11.37 -20.87
CA LYS A 633 2.63 -10.13 -21.04
C LYS A 633 4.14 -10.33 -20.89
N ASP A 634 4.57 -11.41 -20.24
CA ASP A 634 5.96 -11.68 -19.97
C ASP A 634 6.58 -12.68 -20.94
N ALA A 635 5.77 -13.52 -21.58
CA ALA A 635 6.28 -14.61 -22.40
C ALA A 635 6.90 -14.10 -23.69
N LYS A 636 7.98 -14.74 -24.11
CA LYS A 636 8.77 -14.32 -25.27
C LYS A 636 8.50 -15.30 -26.41
N LEU A 637 7.82 -14.83 -27.45
CA LEU A 637 7.43 -15.64 -28.58
C LEU A 637 8.50 -15.61 -29.67
N ASN A 638 8.32 -16.47 -30.67
CA ASN A 638 9.25 -16.55 -31.79
C ASN A 638 8.45 -16.95 -33.03
N ALA A 639 8.06 -15.95 -33.83
CA ALA A 639 7.26 -16.06 -35.05
C ALA A 639 5.95 -16.81 -34.83
N PRO A 640 4.94 -16.20 -34.19
CA PRO A 640 3.62 -16.84 -34.11
C PRO A 640 3.00 -16.96 -35.49
N SER A 641 2.46 -18.14 -35.80
CA SER A 641 2.00 -18.46 -37.14
C SER A 641 0.49 -18.31 -37.30
N SER A 642 -0.29 -19.01 -36.49
CA SER A 642 -1.74 -18.99 -36.63
C SER A 642 -2.38 -18.96 -35.26
N LEU A 643 -3.65 -18.54 -35.24
CA LEU A 643 -4.41 -18.41 -34.02
C LEU A 643 -5.76 -19.09 -34.19
N ALA A 644 -6.38 -19.44 -33.07
CA ALA A 644 -7.68 -20.09 -33.07
C ALA A 644 -8.31 -19.89 -31.70
N ALA A 645 -9.60 -19.58 -31.70
CA ALA A 645 -10.32 -19.23 -30.49
C ALA A 645 -11.28 -20.35 -30.11
N SER A 646 -10.91 -21.10 -29.08
CA SER A 646 -11.78 -22.10 -28.50
C SER A 646 -12.95 -21.42 -27.79
N PRO A 647 -14.08 -22.13 -27.64
CA PRO A 647 -15.23 -21.53 -26.91
C PRO A 647 -14.95 -21.19 -25.45
N ASP A 648 -13.98 -21.81 -24.80
CA ASP A 648 -13.64 -21.44 -23.44
C ASP A 648 -12.57 -20.35 -23.37
N GLY A 649 -12.25 -19.73 -24.49
CA GLY A 649 -11.32 -18.61 -24.53
C GLY A 649 -9.87 -18.97 -24.66
N THR A 650 -9.51 -20.25 -24.67
CA THR A 650 -8.11 -20.66 -24.73
C THR A 650 -7.60 -20.42 -26.14
N LEU A 651 -6.87 -19.32 -26.31
CA LEU A 651 -6.33 -18.97 -27.62
C LEU A 651 -5.04 -19.75 -27.87
N TYR A 652 -4.96 -20.40 -29.02
CA TYR A 652 -3.86 -21.31 -29.33
C TYR A 652 -2.87 -20.62 -30.26
N ILE A 653 -1.61 -20.56 -29.84
CA ILE A 653 -0.55 -19.92 -30.61
C ILE A 653 0.32 -21.00 -31.24
N ALA A 654 0.50 -20.93 -32.56
CA ALA A 654 1.44 -21.79 -33.26
C ALA A 654 2.77 -21.06 -33.36
N ASP A 655 3.78 -21.58 -32.67
CA ASP A 655 5.11 -20.96 -32.61
C ASP A 655 6.08 -21.84 -33.35
N LEU A 656 6.63 -21.34 -34.46
CA LEU A 656 7.56 -22.11 -35.26
C LEU A 656 9.02 -21.91 -34.86
N GLY A 657 9.34 -20.85 -34.13
CA GLY A 657 10.71 -20.64 -33.70
C GLY A 657 11.10 -21.63 -32.63
N ASN A 658 10.38 -21.60 -31.52
CA ASN A 658 10.43 -22.65 -30.52
C ASN A 658 9.22 -23.54 -30.80
N ILE A 659 9.48 -24.74 -31.31
CA ILE A 659 8.46 -25.49 -32.03
C ILE A 659 7.52 -26.12 -31.02
N ARG A 660 6.51 -25.36 -30.63
CA ARG A 660 5.57 -25.74 -29.58
C ARG A 660 4.19 -25.27 -30.02
N ILE A 661 3.20 -25.51 -29.16
CA ILE A 661 1.91 -24.85 -29.26
C ILE A 661 1.61 -24.28 -27.89
N ARG A 662 1.74 -22.96 -27.75
CA ARG A 662 1.41 -22.29 -26.51
C ARG A 662 -0.08 -21.97 -26.50
N ALA A 663 -0.63 -21.88 -25.29
CA ALA A 663 -2.06 -21.66 -25.10
C ALA A 663 -2.25 -20.54 -24.10
N VAL A 664 -2.52 -19.34 -24.61
CA VAL A 664 -2.82 -18.20 -23.74
C VAL A 664 -4.27 -18.33 -23.26
N SER A 665 -4.46 -19.04 -22.16
CA SER A 665 -5.77 -19.40 -21.66
C SER A 665 -6.19 -18.45 -20.55
N LYS A 666 -7.38 -18.67 -20.02
CA LYS A 666 -7.83 -17.92 -18.86
C LYS A 666 -7.01 -18.31 -17.63
N ASN A 667 -6.89 -17.38 -16.69
CA ASN A 667 -6.19 -17.64 -15.44
C ASN A 667 -7.00 -18.62 -14.61
N LYS A 668 -6.43 -19.78 -14.33
CA LYS A 668 -7.13 -20.69 -13.45
C LYS A 668 -6.31 -20.94 -12.20
N PRO A 669 -6.95 -21.10 -11.04
CA PRO A 669 -6.22 -21.52 -9.86
C PRO A 669 -5.71 -22.94 -10.02
N LEU A 670 -4.49 -23.17 -9.53
CA LEU A 670 -3.77 -24.39 -9.83
C LEU A 670 -4.35 -25.58 -9.09
N LEU A 671 -4.01 -26.77 -9.57
CA LEU A 671 -4.42 -28.02 -8.96
C LEU A 671 -3.16 -28.86 -8.76
N ASN A 672 -2.78 -29.09 -7.52
CA ASN A 672 -1.53 -29.76 -7.21
C ASN A 672 -1.69 -31.27 -7.34
N SER A 673 -0.70 -32.02 -6.84
CA SER A 673 -0.76 -33.47 -6.86
C SER A 673 -1.85 -33.99 -5.93
N MET A 674 -2.14 -33.27 -4.85
CA MET A 674 -3.18 -33.67 -3.91
C MET A 674 -4.52 -33.03 -4.22
N ASN A 675 -4.66 -32.41 -5.40
CA ASN A 675 -5.90 -31.84 -5.93
C ASN A 675 -6.44 -30.75 -5.01
N PHE A 676 -5.63 -29.71 -4.81
CA PHE A 676 -5.96 -28.56 -3.98
C PHE A 676 -6.02 -27.32 -4.88
N TYR A 677 -6.14 -26.15 -4.25
CA TYR A 677 -6.03 -24.88 -4.95
C TYR A 677 -5.07 -23.99 -4.17
N GLU A 678 -3.79 -24.01 -4.57
CA GLU A 678 -2.75 -23.26 -3.87
C GLU A 678 -2.74 -21.82 -4.37
N VAL A 679 -3.73 -21.06 -3.90
CA VAL A 679 -3.86 -19.66 -4.26
C VAL A 679 -3.20 -18.82 -3.17
N ALA A 680 -2.27 -17.96 -3.56
CA ALA A 680 -1.54 -17.13 -2.61
C ALA A 680 -1.76 -15.66 -2.91
N SER A 681 -1.46 -14.83 -1.91
CA SER A 681 -1.51 -13.38 -2.04
C SER A 681 -0.57 -12.75 -1.02
N PRO A 682 0.57 -12.21 -1.45
CA PRO A 682 1.54 -11.63 -0.52
C PRO A 682 1.18 -10.28 0.05
N THR A 683 -0.07 -9.82 -0.08
CA THR A 683 -0.54 -8.69 0.71
C THR A 683 -0.62 -9.03 2.19
N ASP A 684 -0.70 -10.32 2.54
CA ASP A 684 -0.54 -10.79 3.90
C ASP A 684 0.61 -11.77 4.04
N GLN A 685 1.37 -12.01 2.96
CA GLN A 685 2.47 -12.98 2.87
C GLN A 685 1.96 -14.37 3.29
N GLU A 686 0.99 -14.87 2.53
CA GLU A 686 0.28 -16.08 2.90
C GLU A 686 0.03 -16.94 1.68
N LEU A 687 -0.16 -18.23 1.93
CA LEU A 687 -0.56 -19.22 0.93
C LEU A 687 -1.83 -19.90 1.43
N TYR A 688 -2.88 -19.85 0.62
CA TYR A 688 -4.11 -20.54 0.96
C TYR A 688 -4.23 -21.80 0.14
N ILE A 689 -4.79 -22.84 0.74
CA ILE A 689 -5.10 -24.07 0.03
C ILE A 689 -6.58 -24.38 0.21
N PHE A 690 -7.19 -24.95 -0.83
CA PHE A 690 -8.63 -25.18 -0.84
C PHE A 690 -8.90 -26.64 -1.14
N ASP A 691 -10.14 -27.05 -0.90
CA ASP A 691 -10.57 -28.43 -1.12
C ASP A 691 -11.04 -28.58 -2.57
N ILE A 692 -11.78 -29.66 -2.86
CA ILE A 692 -12.21 -29.94 -4.22
C ILE A 692 -13.20 -28.89 -4.71
N ASN A 693 -14.17 -28.51 -3.87
CA ASN A 693 -15.14 -27.50 -4.27
C ASN A 693 -14.58 -26.09 -4.18
N GLY A 694 -13.45 -25.89 -3.52
CA GLY A 694 -12.84 -24.58 -3.43
C GLY A 694 -13.04 -23.85 -2.12
N THR A 695 -13.65 -24.50 -1.11
CA THR A 695 -13.78 -23.85 0.18
C THR A 695 -12.48 -23.96 0.97
N HIS A 696 -12.40 -23.21 2.06
CA HIS A 696 -11.12 -22.91 2.69
C HIS A 696 -10.80 -23.95 3.76
N GLN A 697 -9.59 -24.52 3.71
CA GLN A 697 -9.20 -25.58 4.64
C GLN A 697 -8.06 -25.16 5.57
N TYR A 698 -6.90 -24.79 5.04
CA TYR A 698 -5.77 -24.37 5.84
C TYR A 698 -5.38 -22.94 5.47
N THR A 699 -4.39 -22.42 6.18
CA THR A 699 -3.72 -21.19 5.80
C THR A 699 -2.24 -21.38 6.08
N VAL A 700 -1.42 -21.11 5.08
CA VAL A 700 0.02 -21.36 5.16
C VAL A 700 0.75 -20.04 5.02
N SER A 701 1.69 -19.79 5.92
CA SER A 701 2.60 -18.66 5.74
C SER A 701 3.48 -18.94 4.52
N LEU A 702 3.57 -17.94 3.63
CA LEU A 702 4.05 -18.19 2.27
C LEU A 702 5.55 -18.41 2.23
N VAL A 703 6.30 -17.73 3.09
CA VAL A 703 7.75 -17.89 3.09
C VAL A 703 8.15 -19.19 3.78
N THR A 704 7.71 -19.39 5.02
CA THR A 704 8.20 -20.50 5.80
C THR A 704 7.52 -21.82 5.48
N GLY A 705 6.37 -21.79 4.82
CA GLY A 705 5.65 -23.02 4.50
C GLY A 705 5.12 -23.77 5.70
N ASP A 706 4.98 -23.11 6.84
CA ASP A 706 4.51 -23.75 8.05
C ASP A 706 3.06 -23.38 8.28
N TYR A 707 2.28 -24.33 8.77
CA TYR A 707 0.84 -24.22 8.76
C TYR A 707 0.37 -23.31 9.88
N LEU A 708 -0.71 -22.57 9.61
CA LEU A 708 -1.20 -21.59 10.57
C LEU A 708 -2.60 -21.91 11.07
N TYR A 709 -3.54 -22.18 10.19
CA TYR A 709 -4.94 -22.36 10.57
C TYR A 709 -5.43 -23.77 10.25
N ASN A 710 -6.47 -24.18 10.96
CA ASN A 710 -7.17 -25.44 10.73
C ASN A 710 -8.66 -25.12 10.76
N PHE A 711 -9.33 -25.29 9.64
CA PHE A 711 -10.75 -24.92 9.52
C PHE A 711 -11.57 -26.19 9.35
N SER A 712 -12.25 -26.60 10.41
CA SER A 712 -13.17 -27.72 10.32
C SER A 712 -14.54 -27.23 9.86
N TYR A 713 -15.29 -28.11 9.21
CA TYR A 713 -16.57 -27.76 8.63
C TYR A 713 -17.70 -28.58 9.26
N SER A 714 -18.90 -28.22 8.86
CA SER A 714 -20.09 -29.02 9.08
C SER A 714 -20.21 -30.03 7.93
N ASN A 715 -21.33 -30.74 7.87
CA ASN A 715 -21.55 -31.68 6.78
C ASN A 715 -22.03 -31.00 5.52
N ASP A 716 -22.44 -29.74 5.60
CA ASP A 716 -22.78 -28.92 4.44
C ASP A 716 -21.69 -27.88 4.19
N ASN A 717 -20.44 -28.31 4.40
CA ASN A 717 -19.14 -27.64 4.24
C ASN A 717 -19.13 -26.14 4.58
N ASP A 718 -19.80 -25.78 5.66
CA ASP A 718 -19.79 -24.42 6.19
C ASP A 718 -18.86 -24.35 7.38
N VAL A 719 -18.23 -23.19 7.57
CA VAL A 719 -17.17 -23.05 8.56
C VAL A 719 -17.75 -23.09 9.96
N THR A 720 -17.08 -23.80 10.87
CA THR A 720 -17.56 -23.91 12.23
C THR A 720 -16.48 -23.76 13.30
N ALA A 721 -15.20 -23.85 12.95
CA ALA A 721 -14.14 -23.73 13.94
C ALA A 721 -12.84 -23.34 13.25
N VAL A 722 -12.05 -22.52 13.93
CA VAL A 722 -10.69 -22.24 13.50
C VAL A 722 -9.75 -22.85 14.54
N THR A 723 -8.48 -22.95 14.18
CA THR A 723 -7.46 -23.41 15.14
C THR A 723 -6.14 -22.81 14.71
N ASP A 724 -5.63 -21.86 15.50
CA ASP A 724 -4.36 -21.22 15.22
C ASP A 724 -3.22 -22.17 15.59
N SER A 725 -1.98 -21.75 15.29
CA SER A 725 -0.80 -22.53 15.63
C SER A 725 -0.57 -22.63 17.13
N ASN A 726 -1.13 -21.72 17.91
CA ASN A 726 -1.09 -21.79 19.36
C ASN A 726 -2.42 -22.24 19.97
N GLY A 727 -3.27 -22.87 19.16
CA GLY A 727 -4.50 -23.44 19.68
C GLY A 727 -5.58 -22.43 20.02
N ASN A 728 -5.65 -21.33 19.29
CA ASN A 728 -6.68 -20.31 19.50
C ASN A 728 -7.91 -20.71 18.70
N THR A 729 -8.86 -21.36 19.36
CA THR A 729 -9.98 -22.02 18.69
C THR A 729 -11.23 -21.14 18.78
N LEU A 730 -11.38 -20.25 17.80
CA LEU A 730 -12.64 -19.52 17.66
C LEU A 730 -13.64 -20.46 17.00
N ARG A 731 -14.40 -21.16 17.83
CA ARG A 731 -15.40 -22.09 17.35
C ARG A 731 -16.75 -21.39 17.22
N ILE A 732 -17.60 -21.93 16.36
CA ILE A 732 -18.91 -21.32 16.12
C ILE A 732 -19.91 -22.39 15.70
N ARG A 733 -21.03 -22.46 16.40
CA ARG A 733 -22.07 -23.44 16.11
C ARG A 733 -23.21 -22.80 15.33
N ARG A 734 -24.03 -23.65 14.72
CA ARG A 734 -25.01 -23.20 13.74
C ARG A 734 -26.41 -23.72 14.08
N ASP A 735 -27.39 -23.06 13.50
CA ASP A 735 -28.79 -23.49 13.57
C ASP A 735 -28.97 -24.74 12.72
N PRO A 736 -30.07 -25.48 12.92
CA PRO A 736 -30.49 -26.44 11.89
C PRO A 736 -30.76 -25.82 10.52
N ASN A 737 -31.06 -24.53 10.44
CA ASN A 737 -31.08 -23.80 9.18
C ASN A 737 -29.72 -23.22 8.81
N ARG A 738 -28.64 -23.74 9.42
CA ARG A 738 -27.24 -23.34 9.17
C ARG A 738 -27.02 -21.86 9.42
N MET A 739 -27.49 -21.37 10.57
CA MET A 739 -27.31 -19.99 10.94
C MET A 739 -26.58 -19.91 12.28
N PRO A 740 -25.49 -19.14 12.36
CA PRO A 740 -24.77 -19.02 13.63
C PRO A 740 -25.57 -18.26 14.67
N VAL A 741 -25.55 -18.78 15.91
CA VAL A 741 -26.21 -18.17 17.05
C VAL A 741 -25.21 -17.76 18.12
N ARG A 742 -24.39 -18.70 18.58
CA ARG A 742 -23.33 -18.42 19.54
C ARG A 742 -21.98 -18.40 18.84
N VAL A 743 -21.02 -17.75 19.50
CA VAL A 743 -19.63 -17.70 19.02
C VAL A 743 -18.73 -18.04 20.20
N VAL A 744 -18.00 -19.14 20.09
CA VAL A 744 -17.11 -19.61 21.15
C VAL A 744 -15.71 -19.10 20.88
N SER A 745 -15.21 -18.27 21.76
CA SER A 745 -13.93 -17.57 21.71
C SER A 745 -12.82 -18.43 22.32
N PRO A 746 -11.57 -18.24 21.87
CA PRO A 746 -10.45 -18.99 22.48
C PRO A 746 -10.21 -18.69 23.95
N ASP A 747 -10.67 -17.55 24.45
CA ASP A 747 -10.67 -17.27 25.89
C ASP A 747 -12.02 -17.58 26.50
N ASN A 748 -12.63 -18.68 26.04
CA ASN A 748 -13.90 -19.31 26.44
C ASN A 748 -15.00 -18.31 26.80
N GLN A 749 -15.18 -17.34 25.91
CA GLN A 749 -16.25 -16.36 26.00
C GLN A 749 -17.30 -16.66 24.94
N VAL A 750 -18.55 -16.70 25.34
CA VAL A 750 -19.63 -16.91 24.40
C VAL A 750 -20.13 -15.56 23.91
N ILE A 751 -20.44 -15.48 22.62
CA ILE A 751 -20.91 -14.25 21.98
C ILE A 751 -22.14 -14.60 21.17
N TRP A 752 -23.28 -14.03 21.53
CA TRP A 752 -24.56 -14.43 20.98
C TRP A 752 -24.99 -13.50 19.86
N LEU A 753 -25.56 -14.09 18.81
CA LEU A 753 -26.04 -13.37 17.64
C LEU A 753 -27.55 -13.56 17.51
N THR A 754 -28.12 -12.83 16.56
CA THR A 754 -29.56 -12.90 16.30
C THR A 754 -29.79 -12.96 14.80
N ILE A 755 -31.07 -12.89 14.40
CA ILE A 755 -31.45 -12.92 12.99
C ILE A 755 -32.57 -11.91 12.78
N GLY A 756 -32.69 -11.43 11.54
CA GLY A 756 -33.76 -10.54 11.16
C GLY A 756 -34.88 -11.25 10.42
N THR A 757 -35.90 -10.46 10.06
CA THR A 757 -37.00 -10.99 9.27
C THR A 757 -36.56 -11.32 7.85
N ASN A 758 -35.55 -10.62 7.35
CA ASN A 758 -34.95 -10.88 6.05
C ASN A 758 -33.88 -11.96 6.07
N GLY A 759 -33.78 -12.71 7.17
CA GLY A 759 -32.76 -13.73 7.28
C GLY A 759 -31.36 -13.21 7.43
N CYS A 760 -31.20 -12.02 8.02
CA CYS A 760 -29.90 -11.38 8.13
C CYS A 760 -29.61 -11.01 9.59
N LEU A 761 -28.32 -10.85 9.88
CA LEU A 761 -27.88 -10.51 11.23
C LEU A 761 -28.27 -9.09 11.60
N LYS A 762 -28.73 -8.91 12.84
CA LYS A 762 -29.09 -7.60 13.35
C LYS A 762 -28.17 -7.09 14.45
N SER A 763 -27.75 -7.93 15.39
CA SER A 763 -26.99 -7.41 16.52
C SER A 763 -26.08 -8.48 17.11
N MET A 764 -24.83 -8.10 17.36
CA MET A 764 -23.88 -8.93 18.07
C MET A 764 -23.95 -8.63 19.56
N THR A 765 -24.12 -9.68 20.37
CA THR A 765 -24.22 -9.53 21.81
C THR A 765 -23.20 -10.42 22.50
N ALA A 766 -22.56 -9.86 23.53
CA ALA A 766 -21.73 -10.57 24.47
C ALA A 766 -22.39 -10.46 25.85
N GLN A 767 -21.65 -10.86 26.89
CA GLN A 767 -22.15 -10.89 28.25
C GLN A 767 -22.55 -9.51 28.75
N GLY A 768 -23.86 -9.31 28.94
CA GLY A 768 -24.36 -8.06 29.47
C GLY A 768 -24.59 -6.99 28.42
N LEU A 769 -23.51 -6.43 27.90
CA LEU A 769 -23.62 -5.33 26.95
C LEU A 769 -23.93 -5.83 25.56
N GLU A 770 -24.90 -5.19 24.90
CA GLU A 770 -25.13 -5.39 23.47
C GLU A 770 -24.08 -4.57 22.73
N LEU A 771 -23.19 -5.26 21.99
CA LEU A 771 -22.01 -4.60 21.45
C LEU A 771 -22.34 -3.69 20.29
N VAL A 772 -22.87 -4.25 19.21
CA VAL A 772 -23.17 -3.48 18.00
C VAL A 772 -24.56 -3.83 17.50
N LEU A 773 -25.31 -2.82 17.08
CA LEU A 773 -26.68 -2.95 16.60
C LEU A 773 -26.74 -2.54 15.14
N PHE A 774 -27.48 -3.30 14.34
CA PHE A 774 -27.60 -3.03 12.91
C PHE A 774 -29.03 -3.26 12.48
N THR A 775 -29.65 -2.24 11.85
CA THR A 775 -30.92 -2.43 11.17
C THR A 775 -30.78 -1.98 9.72
N TYR A 776 -31.81 -2.27 8.93
CA TYR A 776 -31.70 -2.29 7.47
C TYR A 776 -32.78 -1.46 6.81
N HIS A 777 -32.89 -1.53 5.48
CA HIS A 777 -33.99 -0.93 4.74
C HIS A 777 -34.85 -2.07 4.19
N GLY A 778 -35.78 -2.54 5.02
CA GLY A 778 -36.70 -3.60 4.62
C GLY A 778 -36.04 -4.92 4.33
N ASN A 779 -36.14 -5.37 3.08
CA ASN A 779 -35.54 -6.61 2.62
C ASN A 779 -34.40 -6.38 1.64
N SER A 780 -33.83 -5.17 1.63
CA SER A 780 -32.77 -4.85 0.69
C SER A 780 -31.45 -5.49 1.08
N GLY A 781 -31.24 -5.75 2.37
CA GLY A 781 -29.95 -6.19 2.85
C GLY A 781 -28.93 -5.10 3.03
N LEU A 782 -29.30 -3.84 2.79
CA LEU A 782 -28.38 -2.72 2.91
C LEU A 782 -28.37 -2.23 4.34
N LEU A 783 -27.18 -1.92 4.84
CA LEU A 783 -27.04 -1.45 6.22
C LEU A 783 -27.55 -0.02 6.33
N ALA A 784 -28.63 0.17 7.08
CA ALA A 784 -29.19 1.49 7.29
C ALA A 784 -28.62 2.17 8.52
N THR A 785 -28.57 1.45 9.64
CA THR A 785 -28.18 2.01 10.93
C THR A 785 -27.04 1.20 11.51
N LYS A 786 -25.99 1.87 11.95
CA LYS A 786 -24.94 1.24 12.74
C LYS A 786 -24.88 1.90 14.10
N SER A 787 -25.09 1.12 15.15
CA SER A 787 -24.97 1.58 16.52
C SER A 787 -23.85 0.81 17.21
N ASP A 788 -23.07 1.50 18.02
CA ASP A 788 -22.09 0.85 18.87
C ASP A 788 -22.69 0.58 20.24
N GLU A 789 -21.84 0.25 21.21
CA GLU A 789 -22.26 0.09 22.60
C GLU A 789 -22.32 1.42 23.35
N THR A 790 -22.22 2.55 22.65
CA THR A 790 -22.16 3.86 23.26
C THR A 790 -23.34 4.75 22.90
N GLY A 791 -23.70 4.81 21.62
CA GLY A 791 -24.68 5.78 21.17
C GLY A 791 -24.26 6.47 19.90
N TRP A 792 -23.21 5.95 19.26
CA TRP A 792 -22.77 6.42 17.95
C TRP A 792 -23.64 5.77 16.90
N THR A 793 -24.86 6.29 16.77
CA THR A 793 -25.88 5.72 15.88
C THR A 793 -25.81 6.45 14.55
N THR A 794 -24.98 5.93 13.65
CA THR A 794 -24.91 6.46 12.30
C THR A 794 -26.11 5.97 11.50
N PHE A 795 -26.67 6.84 10.66
CA PHE A 795 -27.66 6.40 9.69
C PHE A 795 -27.03 6.40 8.31
N PHE A 796 -27.64 5.62 7.41
CA PHE A 796 -27.19 5.53 6.03
C PHE A 796 -28.39 5.65 5.11
N ASP A 797 -28.16 6.26 3.94
CA ASP A 797 -29.20 6.43 2.95
C ASP A 797 -28.75 5.84 1.62
N TYR A 798 -29.72 5.42 0.82
CA TYR A 798 -29.44 4.73 -0.43
C TYR A 798 -30.41 5.18 -1.50
N ASP A 799 -30.12 4.75 -2.72
CA ASP A 799 -31.05 4.81 -3.84
C ASP A 799 -31.62 3.40 -4.08
N SER A 800 -32.37 3.25 -5.16
CA SER A 800 -32.85 1.91 -5.51
C SER A 800 -31.73 1.05 -6.08
N GLU A 801 -30.71 1.68 -6.65
CA GLU A 801 -29.63 0.96 -7.32
C GLU A 801 -28.60 0.39 -6.35
N GLY A 802 -28.66 0.76 -5.08
CA GLY A 802 -27.68 0.30 -4.12
C GLY A 802 -26.42 1.16 -4.12
N ARG A 803 -26.61 2.46 -3.90
CA ARG A 803 -25.51 3.41 -3.85
C ARG A 803 -25.66 4.25 -2.59
N LEU A 804 -24.60 4.31 -1.79
CA LEU A 804 -24.61 4.97 -0.49
C LEU A 804 -24.42 6.48 -0.70
N THR A 805 -25.52 7.23 -0.58
CA THR A 805 -25.49 8.64 -0.91
C THR A 805 -25.38 9.57 0.29
N ASN A 806 -25.77 9.14 1.49
CA ASN A 806 -25.70 9.98 2.67
C ASN A 806 -25.24 9.15 3.87
N VAL A 807 -24.09 9.50 4.42
CA VAL A 807 -23.58 8.92 5.66
C VAL A 807 -23.66 10.00 6.73
N THR A 808 -24.40 9.74 7.79
CA THR A 808 -24.66 10.71 8.84
C THR A 808 -23.88 10.33 10.09
N PHE A 809 -22.96 11.20 10.50
CA PHE A 809 -22.26 10.90 11.75
C PHE A 809 -22.91 11.65 12.91
N PRO A 810 -23.07 11.01 14.07
CA PRO A 810 -23.78 11.64 15.20
C PRO A 810 -23.08 12.85 15.81
N THR A 811 -21.89 13.23 15.37
CA THR A 811 -21.40 14.58 15.65
C THR A 811 -22.19 15.63 14.88
N GLY A 812 -22.88 15.23 13.81
CA GLY A 812 -23.63 16.14 12.96
C GLY A 812 -23.14 16.15 11.53
N VAL A 813 -21.86 15.86 11.31
CA VAL A 813 -21.24 15.94 10.00
C VAL A 813 -21.82 14.84 9.12
N VAL A 814 -22.55 15.23 8.09
CA VAL A 814 -23.04 14.29 7.10
C VAL A 814 -22.23 14.49 5.82
N THR A 815 -22.46 13.61 4.86
CA THR A 815 -21.86 13.76 3.54
C THR A 815 -22.92 13.52 2.48
N ASN A 816 -22.74 14.19 1.35
CA ASN A 816 -23.67 14.13 0.23
C ASN A 816 -22.93 13.59 -0.98
N LEU A 817 -23.53 12.61 -1.67
CA LEU A 817 -22.88 11.95 -2.79
C LEU A 817 -23.77 12.06 -4.01
N HIS A 818 -23.34 12.83 -5.00
CA HIS A 818 -24.04 12.94 -6.28
C HIS A 818 -23.51 11.87 -7.20
N GLY A 819 -24.25 10.76 -7.29
CA GLY A 819 -23.90 9.69 -8.22
C GLY A 819 -24.47 9.98 -9.59
N ASP A 820 -23.63 9.86 -10.61
CA ASP A 820 -24.03 10.14 -11.98
C ASP A 820 -23.12 9.34 -12.90
N MET A 821 -23.61 9.07 -14.11
CA MET A 821 -22.83 8.35 -15.11
C MET A 821 -22.76 9.16 -16.39
N ASP A 822 -21.57 9.15 -16.99
CA ASP A 822 -21.18 9.99 -18.11
C ASP A 822 -20.22 9.18 -18.96
N LYS A 823 -19.38 9.87 -19.76
CA LYS A 823 -18.23 9.25 -20.38
C LYS A 823 -17.34 8.55 -19.35
N ALA A 824 -17.18 9.16 -18.18
CA ALA A 824 -16.62 8.51 -17.01
C ALA A 824 -17.67 8.51 -15.90
N ILE A 825 -17.64 7.47 -15.07
CA ILE A 825 -18.58 7.38 -13.95
C ILE A 825 -18.15 8.38 -12.89
N THR A 826 -19.03 9.31 -12.57
CA THR A 826 -18.69 10.44 -11.71
C THR A 826 -19.45 10.39 -10.39
N VAL A 827 -18.72 10.61 -9.29
CA VAL A 827 -19.31 10.75 -7.96
C VAL A 827 -18.73 12.00 -7.32
N ASP A 828 -19.53 12.64 -6.47
CA ASP A 828 -19.19 13.94 -5.90
C ASP A 828 -19.49 13.90 -4.41
N ILE A 829 -18.48 13.64 -3.59
CA ILE A 829 -18.67 13.65 -2.14
C ILE A 829 -18.63 15.09 -1.64
N GLU A 830 -19.46 15.38 -0.64
CA GLU A 830 -19.61 16.74 -0.12
C GLU A 830 -19.62 16.66 1.41
N SER A 831 -18.46 16.87 2.02
CA SER A 831 -18.38 16.91 3.47
C SER A 831 -19.07 18.16 4.00
N SER A 832 -20.10 17.97 4.82
CA SER A 832 -20.96 19.06 5.28
C SER A 832 -20.36 19.85 6.44
N SER A 833 -19.10 19.65 6.77
CA SER A 833 -18.38 20.53 7.68
C SER A 833 -17.30 21.33 6.97
N ARG A 834 -17.01 21.00 5.71
CA ARG A 834 -15.93 21.65 4.97
C ARG A 834 -16.45 22.12 3.62
N GLU A 835 -15.56 22.59 2.75
CA GLU A 835 -15.88 22.98 1.39
C GLU A 835 -15.05 22.19 0.39
N GLU A 836 -14.81 20.93 0.70
CA GLU A 836 -13.82 20.09 0.02
C GLU A 836 -14.47 19.11 -0.94
N ASP A 837 -15.42 19.59 -1.76
CA ASP A 837 -16.13 18.75 -2.72
C ASP A 837 -15.20 18.07 -3.71
N VAL A 838 -15.08 16.75 -3.60
CA VAL A 838 -14.13 15.98 -4.41
C VAL A 838 -14.89 15.38 -5.60
N SER A 839 -14.51 15.79 -6.80
CA SER A 839 -15.03 15.19 -8.02
C SER A 839 -14.17 13.98 -8.36
N ILE A 840 -14.82 12.84 -8.60
CA ILE A 840 -14.14 11.57 -8.83
C ILE A 840 -14.73 10.94 -10.08
N THR A 841 -13.96 10.91 -11.16
CA THR A 841 -14.38 10.28 -12.40
C THR A 841 -13.57 8.99 -12.61
N SER A 842 -14.05 8.17 -13.55
CA SER A 842 -13.54 6.81 -13.70
C SER A 842 -13.47 6.45 -15.19
N ASN A 843 -12.27 6.54 -15.76
CA ASN A 843 -12.04 6.08 -17.14
C ASN A 843 -11.70 4.60 -17.07
N LEU A 844 -12.72 3.75 -17.25
CA LEU A 844 -12.56 2.30 -17.19
C LEU A 844 -12.27 1.82 -18.61
N SER A 845 -11.00 1.51 -18.88
CA SER A 845 -10.58 1.04 -20.17
C SER A 845 -10.34 -0.46 -20.13
N SER A 846 -10.02 -1.03 -21.30
CA SER A 846 -9.63 -2.43 -21.40
C SER A 846 -8.14 -2.64 -21.15
N ILE A 847 -7.40 -1.58 -20.87
CA ILE A 847 -5.98 -1.67 -20.56
C ILE A 847 -5.81 -1.57 -19.05
N ASP A 848 -6.24 -0.44 -18.49
CA ASP A 848 -6.16 -0.20 -17.06
C ASP A 848 -7.51 0.28 -16.55
N SER A 849 -7.57 0.70 -15.29
CA SER A 849 -8.73 1.39 -14.74
C SER A 849 -8.19 2.73 -14.22
N PHE A 850 -8.17 3.72 -15.11
CA PHE A 850 -7.53 5.00 -14.84
C PHE A 850 -8.53 5.90 -14.13
N TYR A 851 -8.48 5.87 -12.81
CA TYR A 851 -9.38 6.65 -11.96
C TYR A 851 -8.87 8.08 -11.81
N THR A 852 -9.64 8.90 -11.11
CA THR A 852 -9.34 10.33 -11.03
C THR A 852 -9.91 10.89 -9.73
N MET A 853 -9.10 11.66 -9.00
CA MET A 853 -9.55 12.41 -7.83
C MET A 853 -9.23 13.88 -8.04
N VAL A 854 -10.24 14.73 -7.94
CA VAL A 854 -10.11 16.17 -8.19
C VAL A 854 -10.61 16.92 -6.96
N GLN A 855 -9.79 17.81 -6.43
CA GLN A 855 -10.27 18.78 -5.44
C GLN A 855 -10.01 20.18 -5.98
N ASP A 856 -10.82 20.57 -6.98
CA ASP A 856 -11.06 21.91 -7.51
C ASP A 856 -9.86 22.58 -8.19
N GLN A 857 -8.63 22.18 -7.84
CA GLN A 857 -7.42 22.42 -8.61
C GLN A 857 -6.49 21.23 -8.65
N LEU A 858 -6.55 20.33 -7.67
CA LEU A 858 -5.55 19.29 -7.49
C LEU A 858 -6.11 17.97 -8.00
N ARG A 859 -5.42 17.40 -8.99
CA ARG A 859 -5.88 16.20 -9.67
C ARG A 859 -4.97 15.03 -9.32
N ASN A 860 -5.54 14.01 -8.67
CA ASN A 860 -4.87 12.75 -8.44
C ASN A 860 -5.51 11.69 -9.31
N SER A 861 -4.69 10.84 -9.93
CA SER A 861 -5.19 9.87 -10.89
C SER A 861 -4.29 8.65 -10.88
N TYR A 862 -4.85 7.46 -10.70
CA TYR A 862 -4.05 6.25 -10.52
C TYR A 862 -4.28 5.30 -11.67
N GLN A 863 -3.18 4.77 -12.24
CA GLN A 863 -3.28 3.63 -13.14
C GLN A 863 -3.32 2.36 -12.32
N ILE A 864 -4.30 1.51 -12.59
CA ILE A 864 -4.42 0.21 -11.94
C ILE A 864 -4.52 -0.83 -13.05
N GLY A 865 -3.49 -1.66 -13.18
CA GLY A 865 -3.55 -2.74 -14.15
C GLY A 865 -4.46 -3.85 -13.68
N TYR A 866 -4.73 -4.78 -14.61
CA TYR A 866 -5.49 -5.97 -14.25
C TYR A 866 -4.70 -6.87 -13.31
N ASP A 867 -3.38 -6.91 -13.48
CA ASP A 867 -2.54 -7.63 -12.53
C ASP A 867 -2.44 -6.89 -11.21
N GLY A 868 -2.33 -5.56 -11.26
CA GLY A 868 -2.07 -4.79 -10.08
C GLY A 868 -0.88 -3.88 -10.26
N SER A 869 -0.51 -3.64 -11.51
CA SER A 869 0.53 -2.67 -11.84
C SER A 869 0.04 -1.29 -11.44
N LEU A 870 0.57 -0.78 -10.35
CA LEU A 870 -0.02 0.34 -9.63
C LEU A 870 0.83 1.57 -9.91
N ARG A 871 0.40 2.37 -10.89
CA ARG A 871 1.09 3.58 -11.29
C ARG A 871 0.21 4.78 -10.96
N ILE A 872 0.84 5.87 -10.52
CA ILE A 872 0.16 6.97 -9.84
C ILE A 872 0.50 8.28 -10.54
N PHE A 873 -0.50 9.10 -10.81
CA PHE A 873 -0.30 10.50 -11.16
C PHE A 873 -0.73 11.36 -9.98
N TYR A 874 0.24 11.82 -9.19
CA TYR A 874 -0.06 12.88 -8.24
C TYR A 874 -0.13 14.22 -8.96
N ALA A 875 -0.44 15.26 -8.20
CA ALA A 875 -0.34 16.61 -8.73
C ALA A 875 1.04 17.21 -8.51
N SER A 876 1.82 16.67 -7.59
CA SER A 876 3.16 17.15 -7.28
C SER A 876 4.21 16.72 -8.30
N GLY A 877 3.81 16.07 -9.39
CA GLY A 877 4.75 15.55 -10.36
C GLY A 877 5.32 14.21 -10.01
N LEU A 878 5.14 13.73 -8.78
CA LEU A 878 5.65 12.43 -8.40
C LEU A 878 4.80 11.36 -9.07
N ASP A 879 5.45 10.51 -9.87
CA ASP A 879 4.76 9.43 -10.59
C ASP A 879 5.42 8.12 -10.24
N SER A 880 4.95 7.47 -9.18
CA SER A 880 5.44 6.16 -8.85
C SER A 880 4.83 5.12 -9.79
N HIS A 881 5.49 3.97 -9.88
CA HIS A 881 5.02 2.88 -10.73
C HIS A 881 5.40 1.56 -10.06
N TYR A 882 4.39 0.81 -9.63
CA TYR A 882 4.61 -0.52 -9.10
C TYR A 882 4.48 -1.54 -10.22
N GLN A 883 5.32 -2.57 -10.18
CA GLN A 883 5.29 -3.64 -11.17
C GLN A 883 4.82 -4.92 -10.51
N THR A 884 4.51 -5.92 -11.35
CA THR A 884 3.98 -7.19 -10.88
C THR A 884 4.85 -8.33 -11.38
N GLU A 885 5.00 -9.35 -10.54
CA GLU A 885 5.70 -10.57 -10.88
C GLU A 885 4.92 -11.74 -10.30
N PRO A 886 5.03 -12.93 -10.89
CA PRO A 886 4.46 -14.12 -10.26
C PRO A 886 5.32 -14.59 -9.11
N HIS A 887 4.66 -15.13 -8.09
CA HIS A 887 5.39 -15.68 -6.96
C HIS A 887 5.96 -17.04 -7.34
N VAL A 888 7.14 -17.35 -6.80
CA VAL A 888 7.84 -18.55 -7.22
C VAL A 888 7.20 -19.80 -6.62
N LEU A 889 6.62 -19.69 -5.42
CA LEU A 889 5.93 -20.81 -4.82
C LEU A 889 4.49 -20.94 -5.30
N ALA A 890 3.86 -19.84 -5.72
CA ALA A 890 2.44 -19.86 -6.04
C ALA A 890 2.19 -20.18 -7.51
N GLY A 891 2.70 -19.35 -8.41
CA GLY A 891 2.46 -19.54 -9.83
C GLY A 891 1.87 -18.33 -10.51
N THR A 892 1.09 -18.55 -11.56
CA THR A 892 0.55 -17.49 -12.39
C THR A 892 -0.78 -16.92 -11.87
N ALA A 893 -1.33 -17.46 -10.80
CA ALA A 893 -2.53 -16.92 -10.19
C ALA A 893 -2.22 -15.92 -9.09
N ASN A 894 -1.04 -15.30 -9.12
CA ASN A 894 -0.60 -14.47 -8.02
C ASN A 894 0.25 -13.31 -8.51
N PRO A 895 -0.25 -12.08 -8.41
CA PRO A 895 0.61 -10.91 -8.69
C PRO A 895 1.37 -10.44 -7.45
N THR A 896 2.69 -10.24 -7.60
CA THR A 896 3.53 -9.81 -6.48
C THR A 896 4.27 -8.55 -6.89
N VAL A 897 4.28 -7.54 -6.01
CA VAL A 897 5.14 -6.38 -6.22
C VAL A 897 6.56 -6.77 -5.85
N ALA A 898 7.51 -6.48 -6.76
CA ALA A 898 8.89 -6.84 -6.51
C ALA A 898 9.82 -5.69 -6.85
N LYS A 899 9.38 -4.82 -7.76
CA LYS A 899 10.18 -3.69 -8.21
C LYS A 899 9.34 -2.43 -8.11
N ARG A 900 9.91 -1.39 -7.52
CA ARG A 900 9.26 -0.08 -7.43
C ARG A 900 10.00 0.91 -8.31
N ASN A 901 9.29 1.52 -9.24
CA ASN A 901 9.81 2.61 -10.05
C ASN A 901 9.12 3.89 -9.62
N MET A 902 9.89 4.96 -9.45
CA MET A 902 9.37 6.18 -8.83
C MET A 902 10.03 7.38 -9.50
N THR A 903 9.21 8.38 -9.86
CA THR A 903 9.64 9.44 -10.76
C THR A 903 9.35 10.80 -10.15
N LEU A 904 10.39 11.49 -9.67
CA LEU A 904 10.26 12.89 -9.35
C LEU A 904 10.15 13.70 -10.63
N PRO A 905 9.57 14.89 -10.57
CA PRO A 905 9.74 15.83 -11.69
C PRO A 905 11.12 16.48 -11.61
N GLY A 906 12.04 16.01 -12.43
CA GLY A 906 13.40 16.51 -12.38
C GLY A 906 14.37 15.51 -12.98
N GLU A 907 15.66 15.77 -12.72
CA GLU A 907 16.72 15.02 -13.38
C GLU A 907 16.99 13.68 -12.70
N ASN A 908 17.43 13.73 -11.43
CA ASN A 908 17.89 12.54 -10.72
C ASN A 908 16.81 11.94 -9.83
N GLY A 909 15.54 12.06 -10.22
CA GLY A 909 14.47 11.50 -9.43
C GLY A 909 14.04 10.12 -9.85
N GLN A 910 15.01 9.21 -10.01
CA GLN A 910 14.74 7.86 -10.49
C GLN A 910 15.24 6.85 -9.46
N ASN A 911 14.38 6.52 -8.49
CA ASN A 911 14.67 5.40 -7.61
C ASN A 911 14.34 4.09 -8.30
N LEU A 912 15.07 3.04 -7.92
CA LEU A 912 14.83 1.71 -8.47
C LEU A 912 15.20 0.70 -7.40
N VAL A 913 14.20 0.25 -6.65
CA VAL A 913 14.37 -0.75 -5.61
C VAL A 913 13.68 -2.03 -6.06
N GLU A 914 14.38 -3.16 -5.96
CA GLU A 914 14.03 -4.38 -6.65
C GLU A 914 14.27 -5.59 -5.76
N TRP A 915 13.35 -6.55 -5.82
CA TRP A 915 13.54 -7.85 -5.19
C TRP A 915 14.01 -8.88 -6.21
N ARG A 916 14.51 -10.01 -5.69
CA ARG A 916 14.85 -11.18 -6.50
C ARG A 916 14.38 -12.40 -5.71
N PHE A 917 13.26 -12.99 -6.13
CA PHE A 917 12.71 -14.13 -5.42
C PHE A 917 13.27 -15.42 -6.01
N ARG A 918 13.66 -16.34 -5.13
CA ARG A 918 14.29 -17.59 -5.57
C ARG A 918 14.12 -18.64 -4.49
N LYS A 919 13.72 -19.84 -4.90
CA LYS A 919 13.67 -20.98 -4.00
C LYS A 919 14.74 -22.00 -4.37
N GLU A 920 15.00 -22.92 -3.44
CA GLU A 920 15.78 -24.12 -3.71
C GLU A 920 14.83 -25.30 -3.55
N GLN A 921 14.53 -25.97 -4.66
CA GLN A 921 13.50 -27.00 -4.70
C GLN A 921 14.15 -28.37 -4.54
N ALA A 922 13.57 -29.21 -3.69
CA ALA A 922 14.11 -30.54 -3.43
C ALA A 922 12.98 -31.45 -2.99
N GLN A 923 12.55 -32.34 -3.89
CA GLN A 923 11.62 -33.44 -3.63
C GLN A 923 10.27 -32.92 -3.13
N GLY A 924 9.59 -32.20 -4.02
CA GLY A 924 8.20 -31.83 -3.80
C GLY A 924 7.97 -30.59 -2.95
N LYS A 925 8.89 -30.31 -2.02
CA LYS A 925 8.74 -29.18 -1.12
C LYS A 925 9.90 -28.21 -1.28
N VAL A 926 9.67 -26.97 -0.86
CA VAL A 926 10.68 -25.92 -0.92
C VAL A 926 11.62 -26.10 0.26
N ASN A 927 12.93 -26.03 0.01
CA ASN A 927 13.92 -26.18 1.06
C ASN A 927 14.48 -24.83 1.51
N VAL A 928 15.06 -24.07 0.57
CA VAL A 928 15.68 -22.78 0.89
C VAL A 928 15.03 -21.73 0.01
N PHE A 929 14.21 -20.87 0.60
CA PHE A 929 13.60 -19.76 -0.11
C PHE A 929 14.40 -18.49 0.16
N GLY A 930 15.02 -17.95 -0.88
CA GLY A 930 15.84 -16.77 -0.73
C GLY A 930 15.22 -15.54 -1.36
N ARG A 931 15.66 -14.36 -0.93
CA ARG A 931 15.18 -13.10 -1.45
C ARG A 931 16.22 -12.03 -1.13
N LYS A 932 16.39 -11.08 -2.04
CA LYS A 932 17.38 -10.04 -1.88
C LYS A 932 16.77 -8.70 -2.27
N LEU A 933 16.91 -7.72 -1.38
CA LEU A 933 16.52 -6.35 -1.70
C LEU A 933 17.70 -5.69 -2.40
N ARG A 934 17.40 -4.96 -3.47
CA ARG A 934 18.42 -4.31 -4.27
C ARG A 934 17.94 -2.92 -4.66
N VAL A 935 18.71 -1.89 -4.35
CA VAL A 935 18.42 -0.54 -4.81
C VAL A 935 19.42 -0.16 -5.90
N ASN A 936 18.88 0.27 -7.05
CA ASN A 936 19.63 0.88 -8.16
C ASN A 936 20.76 0.00 -8.71
N GLY A 937 20.64 -1.31 -8.55
CA GLY A 937 21.60 -2.21 -9.16
C GLY A 937 22.25 -3.25 -8.28
N ARG A 938 22.54 -2.92 -7.02
CA ARG A 938 23.41 -3.75 -6.20
C ARG A 938 22.67 -4.29 -4.98
N ASN A 939 23.20 -5.40 -4.47
CA ASN A 939 22.60 -6.08 -3.32
C ASN A 939 22.75 -5.27 -2.05
N LEU A 940 21.70 -5.29 -1.22
CA LEU A 940 21.78 -4.76 0.13
C LEU A 940 21.68 -5.85 1.19
N LEU A 941 20.68 -6.71 1.11
CA LEU A 941 20.42 -7.65 2.18
C LEU A 941 20.05 -8.99 1.59
N SER A 942 20.76 -10.04 2.00
CA SER A 942 20.57 -11.38 1.43
C SER A 942 19.75 -12.20 2.43
N VAL A 943 18.43 -12.06 2.34
CA VAL A 943 17.52 -12.79 3.21
C VAL A 943 17.32 -14.18 2.58
N ASP A 944 18.13 -15.14 3.00
CA ASP A 944 18.08 -16.50 2.47
C ASP A 944 17.49 -17.41 3.55
N PHE A 945 16.17 -17.50 3.55
CA PHE A 945 15.48 -18.34 4.52
C PHE A 945 15.65 -19.81 4.19
N ASP A 946 15.74 -20.64 5.22
CA ASP A 946 15.89 -22.08 5.07
C ASP A 946 14.77 -22.79 5.83
N ARG A 947 14.37 -23.96 5.31
CA ARG A 947 13.39 -24.82 5.97
C ARG A 947 13.99 -26.15 6.40
N THR A 948 15.31 -26.28 6.38
CA THR A 948 15.95 -27.54 6.74
C THR A 948 15.84 -27.80 8.24
N THR A 949 16.17 -26.80 9.05
CA THR A 949 15.91 -26.83 10.48
C THR A 949 15.08 -25.63 10.93
N LYS A 950 14.31 -25.05 10.00
CA LYS A 950 13.48 -23.85 10.20
C LYS A 950 14.32 -22.67 10.68
N THR A 951 15.53 -22.56 10.15
CA THR A 951 16.44 -21.47 10.51
C THR A 951 16.26 -20.33 9.53
N GLU A 952 17.14 -19.33 9.62
CA GLU A 952 17.13 -18.17 8.76
C GLU A 952 18.55 -17.63 8.73
N LYS A 953 18.90 -16.94 7.65
CA LYS A 953 20.22 -16.30 7.58
C LYS A 953 20.07 -14.99 6.82
N ILE A 954 19.87 -13.92 7.58
CA ILE A 954 19.84 -12.56 7.04
C ILE A 954 21.28 -12.06 7.04
N TYR A 955 21.82 -11.78 5.86
CA TYR A 955 23.23 -11.43 5.78
C TYR A 955 23.48 -10.50 4.60
N ASP A 956 24.76 -10.17 4.42
CA ASP A 956 25.26 -9.38 3.31
C ASP A 956 26.42 -10.13 2.67
N ASP A 957 26.64 -9.88 1.38
CA ASP A 957 27.66 -10.58 0.61
C ASP A 957 29.07 -10.23 1.07
N HIS A 958 29.27 -9.08 1.70
CA HIS A 958 30.59 -8.64 2.12
C HIS A 958 31.02 -9.21 3.47
N ARG A 959 30.26 -10.16 4.02
CA ARG A 959 30.56 -10.91 5.25
C ARG A 959 30.68 -10.01 6.48
N LYS A 960 30.07 -8.82 6.45
CA LYS A 960 30.02 -7.98 7.64
C LYS A 960 28.81 -8.30 8.50
N PHE A 961 27.63 -8.31 7.90
CA PHE A 961 26.40 -8.59 8.62
C PHE A 961 26.21 -10.10 8.76
N LEU A 962 25.67 -10.50 9.90
CA LEU A 962 25.26 -11.88 10.11
C LEU A 962 24.18 -11.90 11.16
N LEU A 963 23.07 -12.58 10.87
CA LEU A 963 21.97 -12.71 11.83
C LEU A 963 21.24 -14.01 11.52
N ARG A 964 21.55 -15.05 12.28
CA ARG A 964 20.84 -16.32 12.18
C ARG A 964 19.70 -16.32 13.18
N ILE A 965 18.48 -16.55 12.69
CA ILE A 965 17.28 -16.48 13.51
C ILE A 965 16.59 -17.84 13.42
N ALA A 966 16.72 -18.65 14.47
CA ALA A 966 15.95 -19.89 14.52
C ALA A 966 14.49 -19.59 14.78
N TYR A 967 13.61 -20.46 14.30
CA TYR A 967 12.19 -20.26 14.45
C TYR A 967 11.54 -21.30 15.36
N ASP A 968 10.44 -20.88 15.98
CA ASP A 968 9.54 -21.80 16.67
C ASP A 968 8.85 -22.70 15.65
N THR A 969 8.39 -23.86 16.12
CA THR A 969 7.63 -24.76 15.27
C THR A 969 6.24 -24.22 14.94
N SER A 970 5.76 -23.22 15.68
CA SER A 970 4.51 -22.55 15.38
C SER A 970 4.70 -21.30 14.53
N GLY A 971 5.89 -21.10 13.98
CA GLY A 971 6.13 -19.98 13.09
C GLY A 971 6.47 -18.68 13.77
N HIS A 972 7.27 -18.72 14.83
CA HIS A 972 7.65 -17.51 15.52
C HIS A 972 9.17 -17.44 15.66
N PRO A 973 9.78 -16.27 15.53
CA PRO A 973 11.23 -16.15 15.73
C PRO A 973 11.59 -16.34 17.19
N THR A 974 12.44 -17.33 17.47
CA THR A 974 12.75 -17.70 18.83
C THR A 974 14.11 -17.20 19.29
N LEU A 975 15.17 -17.60 18.59
CA LEU A 975 16.54 -17.32 18.98
C LEU A 975 17.22 -16.45 17.93
N TRP A 976 17.61 -15.25 18.33
CA TRP A 976 18.42 -14.39 17.48
C TRP A 976 19.89 -14.64 17.76
N LEU A 977 20.63 -15.07 16.74
CA LEU A 977 22.07 -15.28 16.83
C LEU A 977 22.81 -14.35 15.87
N PRO A 978 23.10 -13.13 16.27
CA PRO A 978 24.07 -12.33 15.54
C PRO A 978 25.48 -12.74 15.93
N SER A 979 26.47 -12.13 15.29
CA SER A 979 27.84 -12.53 15.54
C SER A 979 28.72 -11.32 15.85
N SER A 980 30.03 -11.56 15.92
CA SER A 980 31.07 -10.55 16.13
C SER A 980 30.86 -9.79 17.44
N LYS A 981 30.99 -10.53 18.55
CA LYS A 981 30.86 -10.05 19.93
C LYS A 981 29.47 -9.45 20.16
N LEU A 982 28.46 -10.29 19.94
CA LEU A 982 27.07 -9.99 20.25
C LEU A 982 26.51 -11.02 21.22
N MET A 983 25.21 -10.93 21.46
CA MET A 983 24.57 -11.71 22.50
C MET A 983 23.38 -12.47 21.93
N ALA A 984 23.20 -13.71 22.41
CA ALA A 984 22.21 -14.65 21.87
C ALA A 984 20.87 -14.44 22.57
N VAL A 985 19.95 -13.76 21.89
CA VAL A 985 18.63 -13.49 22.44
C VAL A 985 17.71 -14.63 22.01
N ASN A 986 17.42 -15.54 22.93
CA ASN A 986 16.35 -16.51 22.69
C ASN A 986 15.10 -16.12 23.44
N VAL A 987 13.99 -16.08 22.72
CA VAL A 987 12.72 -15.62 23.24
C VAL A 987 11.69 -16.72 23.00
N THR A 988 11.27 -17.37 24.08
CA THR A 988 10.19 -18.34 23.96
C THR A 988 8.85 -17.63 24.08
N TYR A 989 7.77 -18.37 23.89
CA TYR A 989 6.45 -17.79 23.75
C TYR A 989 5.46 -18.49 24.66
N SER A 990 4.37 -17.80 24.97
CA SER A 990 3.33 -18.39 25.79
C SER A 990 2.55 -19.43 24.99
N SER A 991 1.98 -20.39 25.72
CA SER A 991 1.13 -21.39 25.07
C SER A 991 -0.22 -20.80 24.66
N THR A 992 -0.59 -19.64 25.19
CA THR A 992 -1.76 -18.91 24.73
C THR A 992 -1.49 -18.08 23.50
N GLY A 993 -0.24 -18.03 23.03
CA GLY A 993 0.08 -17.34 21.80
C GLY A 993 1.09 -16.22 21.96
N GLN A 994 1.03 -15.51 23.07
CA GLN A 994 1.82 -14.30 23.25
C GLN A 994 3.24 -14.64 23.70
N ILE A 995 3.98 -13.63 24.11
CA ILE A 995 5.39 -13.73 24.45
C ILE A 995 5.53 -14.18 25.90
N ALA A 996 6.58 -14.95 26.19
CA ALA A 996 6.82 -15.49 27.51
C ALA A 996 8.02 -14.87 28.21
N SER A 997 9.18 -14.85 27.56
CA SER A 997 10.38 -14.36 28.21
C SER A 997 11.41 -13.94 27.17
N ILE A 998 11.92 -12.73 27.29
CA ILE A 998 13.07 -12.29 26.51
C ILE A 998 14.30 -12.45 27.38
N GLN A 999 15.44 -12.70 26.74
CA GLN A 999 16.67 -12.95 27.47
C GLN A 999 17.85 -12.66 26.54
N ARG A 1000 18.52 -11.52 26.76
CA ARG A 1000 19.73 -11.18 26.01
C ARG A 1000 20.91 -11.59 26.88
N GLY A 1001 21.17 -12.90 26.92
CA GLY A 1001 22.26 -13.40 27.72
C GLY A 1001 21.93 -13.33 29.20
N THR A 1002 22.54 -12.38 29.91
CA THR A 1002 22.27 -12.21 31.33
C THR A 1002 21.04 -11.34 31.60
N THR A 1003 20.76 -10.34 30.77
CA THR A 1003 19.60 -9.50 30.98
C THR A 1003 18.34 -10.19 30.45
N SER A 1004 17.32 -10.29 31.29
CA SER A 1004 16.15 -11.09 30.96
C SER A 1004 14.96 -10.60 31.78
N GLU A 1005 13.81 -11.18 31.47
CA GLU A 1005 12.57 -11.00 32.24
C GLU A 1005 11.63 -12.13 31.85
N LYS A 1006 10.79 -12.52 32.81
CA LYS A 1006 9.80 -13.56 32.61
C LYS A 1006 8.43 -13.02 33.00
N VAL A 1007 7.39 -13.48 32.31
CA VAL A 1007 6.02 -13.12 32.65
C VAL A 1007 5.17 -14.37 32.70
N ASP A 1008 3.99 -14.23 33.28
CA ASP A 1008 2.94 -15.25 33.28
C ASP A 1008 1.71 -14.69 32.58
N TYR A 1009 0.63 -15.47 32.61
CA TYR A 1009 -0.58 -15.06 31.90
C TYR A 1009 -1.79 -15.79 32.46
N ASP A 1010 -2.94 -15.11 32.41
CA ASP A 1010 -4.22 -15.73 32.70
C ASP A 1010 -4.73 -16.48 31.48
N SER A 1011 -5.97 -16.97 31.58
CA SER A 1011 -6.62 -17.60 30.43
C SER A 1011 -7.00 -16.58 29.37
N GLN A 1012 -7.11 -15.31 29.72
CA GLN A 1012 -7.41 -14.25 28.77
C GLN A 1012 -6.15 -13.65 28.16
N GLY A 1013 -4.98 -14.22 28.43
CA GLY A 1013 -3.73 -13.68 27.94
C GLY A 1013 -3.21 -12.49 28.71
N ARG A 1014 -3.89 -12.07 29.78
CA ARG A 1014 -3.46 -10.92 30.55
C ARG A 1014 -2.23 -11.27 31.37
N ILE A 1015 -1.18 -10.46 31.23
CA ILE A 1015 0.04 -10.64 32.03
C ILE A 1015 -0.30 -10.38 33.50
N VAL A 1016 0.18 -11.25 34.38
CA VAL A 1016 -0.14 -11.19 35.80
C VAL A 1016 1.06 -10.73 36.62
N SER A 1017 2.23 -11.31 36.39
CA SER A 1017 3.43 -10.90 37.07
C SER A 1017 4.52 -10.63 36.05
N ARG A 1018 5.41 -9.69 36.37
CA ARG A 1018 6.51 -9.31 35.50
C ARG A 1018 7.77 -9.33 36.35
N VAL A 1019 8.43 -10.48 36.42
CA VAL A 1019 9.69 -10.56 37.12
C VAL A 1019 10.81 -10.15 36.19
N PHE A 1020 11.91 -9.70 36.76
CA PHE A 1020 13.06 -9.22 36.02
C PHE A 1020 14.26 -10.11 36.28
N ALA A 1021 15.40 -9.73 35.72
CA ALA A 1021 16.67 -10.42 35.97
C ALA A 1021 17.45 -9.83 37.13
N ASP A 1022 16.99 -8.71 37.68
CA ASP A 1022 17.66 -8.06 38.81
C ASP A 1022 16.98 -8.40 40.12
N GLY A 1023 16.12 -9.42 40.14
CA GLY A 1023 15.33 -9.75 41.30
C GLY A 1023 14.06 -8.94 41.44
N LYS A 1024 13.90 -7.89 40.65
CA LYS A 1024 12.70 -7.07 40.71
C LYS A 1024 11.51 -7.84 40.15
N THR A 1025 10.32 -7.47 40.61
CA THR A 1025 9.10 -8.12 40.17
C THR A 1025 7.94 -7.15 40.26
N TRP A 1026 7.02 -7.24 39.30
CA TRP A 1026 5.83 -6.41 39.28
C TRP A 1026 4.61 -7.31 39.36
N SER A 1027 3.53 -6.79 39.94
CA SER A 1027 2.30 -7.55 40.12
C SER A 1027 1.16 -6.83 39.41
N TYR A 1028 0.73 -7.37 38.28
CA TYR A 1028 -0.48 -6.89 37.58
C TYR A 1028 -1.70 -7.55 38.22
N THR A 1029 -2.00 -7.12 39.45
CA THR A 1029 -3.06 -7.74 40.23
C THR A 1029 -4.40 -7.18 39.75
N TYR A 1030 -5.15 -7.98 39.02
CA TYR A 1030 -6.40 -7.52 38.43
C TYR A 1030 -7.54 -7.56 39.44
N LEU A 1031 -8.61 -6.86 39.09
CA LEU A 1031 -9.88 -6.91 39.80
C LEU A 1031 -10.98 -7.10 38.77
N GLU A 1032 -12.23 -6.88 39.16
CA GLU A 1032 -13.35 -6.96 38.23
C GLU A 1032 -13.28 -5.79 37.26
N LYS A 1033 -12.75 -6.06 36.06
CA LYS A 1033 -12.60 -5.09 34.96
C LYS A 1033 -11.75 -3.88 35.35
N SER A 1034 -10.78 -4.07 36.24
CA SER A 1034 -9.89 -3.01 36.66
C SER A 1034 -8.58 -3.63 37.11
N MET A 1035 -7.49 -2.91 36.90
CA MET A 1035 -6.15 -3.44 37.16
C MET A 1035 -5.50 -2.63 38.27
N VAL A 1036 -4.80 -3.33 39.16
CA VAL A 1036 -4.03 -2.71 40.23
C VAL A 1036 -2.60 -3.21 40.07
N LEU A 1037 -1.73 -2.36 39.51
CA LEU A 1037 -0.31 -2.67 39.47
C LEU A 1037 0.28 -2.52 40.86
N LEU A 1038 1.02 -3.53 41.29
CA LEU A 1038 1.76 -3.49 42.54
C LEU A 1038 3.24 -3.68 42.24
N LEU A 1039 4.05 -2.74 42.70
CA LEU A 1039 5.50 -2.87 42.59
C LEU A 1039 6.02 -3.74 43.72
N HIS A 1040 7.33 -3.77 43.89
CA HIS A 1040 7.92 -4.47 45.03
C HIS A 1040 8.07 -3.55 46.24
N SER A 1041 7.51 -2.33 46.16
CA SER A 1041 7.58 -1.36 47.25
C SER A 1041 6.21 -0.79 47.58
N GLN A 1042 5.13 -1.52 47.26
CA GLN A 1042 3.75 -1.25 47.67
C GLN A 1042 3.24 0.11 47.15
N ARG A 1043 3.18 0.22 45.82
CA ARG A 1043 2.60 1.37 45.14
C ARG A 1043 1.47 0.86 44.26
N GLN A 1044 0.25 1.33 44.52
CA GLN A 1044 -0.94 0.80 43.86
C GLN A 1044 -1.44 1.74 42.79
N TYR A 1045 -1.54 1.24 41.56
CA TYR A 1045 -2.07 1.99 40.42
C TYR A 1045 -3.44 1.41 40.08
N ILE A 1046 -4.49 2.02 40.59
CA ILE A 1046 -5.85 1.54 40.34
C ILE A 1046 -6.31 2.15 39.02
N PHE A 1047 -6.52 1.31 38.01
CA PHE A 1047 -6.91 1.74 36.67
C PHE A 1047 -8.30 1.22 36.38
N GLU A 1048 -9.23 2.12 36.08
CA GLU A 1048 -10.51 1.65 35.59
C GLU A 1048 -10.43 1.39 34.08
N TYR A 1049 -11.39 0.63 33.57
CA TYR A 1049 -11.38 0.24 32.18
C TYR A 1049 -12.80 0.16 31.62
N ASP A 1050 -12.89 0.20 30.30
CA ASP A 1050 -14.12 -0.04 29.56
C ASP A 1050 -14.10 -1.49 29.05
N MET A 1051 -15.16 -1.90 28.36
CA MET A 1051 -15.22 -3.23 27.78
C MET A 1051 -14.21 -3.41 26.65
N TRP A 1052 -13.86 -2.32 25.97
CA TRP A 1052 -12.83 -2.32 24.95
C TRP A 1052 -11.45 -2.00 25.53
N ASP A 1053 -11.38 -1.89 26.87
CA ASP A 1053 -10.16 -1.57 27.62
C ASP A 1053 -9.55 -0.23 27.18
N ARG A 1054 -10.35 0.82 27.34
CA ARG A 1054 -9.87 2.18 27.36
C ARG A 1054 -9.59 2.60 28.80
N LEU A 1055 -9.04 3.80 28.95
CA LEU A 1055 -8.85 4.36 30.27
C LEU A 1055 -10.12 5.09 30.70
N SER A 1056 -10.67 4.70 31.84
CA SER A 1056 -11.83 5.36 32.42
C SER A 1056 -11.49 6.22 33.62
N ALA A 1057 -10.78 5.65 34.60
CA ALA A 1057 -10.35 6.39 35.76
C ALA A 1057 -9.04 5.78 36.25
N ILE A 1058 -8.09 6.64 36.59
CA ILE A 1058 -6.77 6.22 37.04
C ILE A 1058 -6.56 6.80 38.43
N THR A 1059 -6.26 5.93 39.39
CA THR A 1059 -5.99 6.32 40.76
C THR A 1059 -4.54 5.99 41.09
N MET A 1060 -3.83 6.96 41.65
CA MET A 1060 -2.46 6.91 42.12
C MET A 1060 -2.33 6.04 43.38
N PRO A 1061 -1.14 5.84 43.94
CA PRO A 1061 -1.07 5.30 45.31
C PRO A 1061 -1.69 6.23 46.35
N SER A 1062 -1.73 7.53 46.10
CA SER A 1062 -2.55 8.45 46.87
C SER A 1062 -3.99 8.39 46.35
N VAL A 1063 -4.82 9.35 46.76
CA VAL A 1063 -6.21 9.36 46.34
C VAL A 1063 -6.40 10.32 45.15
N ALA A 1064 -5.35 10.51 44.36
CA ALA A 1064 -5.43 11.32 43.14
C ALA A 1064 -6.15 10.50 42.07
N ARG A 1065 -7.41 10.83 41.82
CA ARG A 1065 -8.24 10.11 40.86
C ARG A 1065 -8.34 10.92 39.57
N HIS A 1066 -7.80 10.37 38.49
CA HIS A 1066 -7.86 11.02 37.18
C HIS A 1066 -9.09 10.48 36.45
N THR A 1067 -10.23 11.14 36.66
CA THR A 1067 -11.45 10.72 35.97
C THR A 1067 -11.46 11.28 34.54
N MET A 1068 -11.97 10.47 33.61
CA MET A 1068 -11.77 10.69 32.18
C MET A 1068 -13.07 10.46 31.44
N GLN A 1069 -13.26 11.19 30.34
CA GLN A 1069 -14.48 11.11 29.55
C GLN A 1069 -14.13 11.08 28.07
N THR A 1070 -15.13 10.72 27.27
CA THR A 1070 -15.10 10.87 25.81
C THR A 1070 -16.54 11.02 25.35
N ILE A 1071 -16.93 12.21 24.91
CA ILE A 1071 -18.33 12.50 24.60
C ILE A 1071 -18.48 12.81 23.12
N ARG A 1072 -19.72 13.06 22.70
CA ARG A 1072 -20.05 13.34 21.30
C ARG A 1072 -20.77 14.67 21.26
N SER A 1073 -20.14 15.67 20.66
CA SER A 1073 -20.65 17.03 20.66
C SER A 1073 -20.98 17.44 19.23
N ILE A 1074 -21.30 18.72 19.06
CA ILE A 1074 -21.71 19.25 17.76
C ILE A 1074 -20.50 19.35 16.85
N GLY A 1075 -20.32 18.36 15.98
CA GLY A 1075 -19.29 18.41 14.97
C GLY A 1075 -17.97 17.77 15.34
N TYR A 1076 -17.75 17.46 16.61
CA TYR A 1076 -16.44 16.96 17.02
C TYR A 1076 -16.55 16.16 18.32
N TYR A 1077 -15.65 15.19 18.45
CA TYR A 1077 -15.47 14.50 19.72
C TYR A 1077 -14.78 15.40 20.72
N ARG A 1078 -14.82 15.00 22.00
CA ARG A 1078 -14.13 15.70 23.07
C ARG A 1078 -13.52 14.66 23.99
N ASN A 1079 -12.19 14.62 24.08
CA ASN A 1079 -11.48 13.77 25.03
C ASN A 1079 -11.23 14.57 26.29
N ILE A 1080 -12.11 14.41 27.27
CA ILE A 1080 -12.09 15.25 28.47
C ILE A 1080 -11.28 14.55 29.54
N TYR A 1081 -10.12 15.12 29.87
CA TYR A 1081 -9.31 14.72 31.01
C TYR A 1081 -9.64 15.63 32.19
N ASN A 1082 -9.69 15.06 33.39
CA ASN A 1082 -10.01 15.83 34.60
C ASN A 1082 -8.99 15.53 35.68
N PRO A 1083 -8.19 16.52 36.09
CA PRO A 1083 -7.31 16.35 37.25
C PRO A 1083 -8.11 16.22 38.53
N PRO A 1084 -7.53 15.65 39.59
CA PRO A 1084 -8.28 15.50 40.84
C PRO A 1084 -8.57 16.84 41.50
N GLU A 1085 -9.85 17.05 41.84
CA GLU A 1085 -10.40 18.28 42.42
C GLU A 1085 -10.09 19.48 41.51
N SER A 1086 -10.67 19.43 40.33
CA SER A 1086 -10.37 20.43 39.31
C SER A 1086 -11.51 20.52 38.32
N ASN A 1087 -11.78 21.75 37.87
CA ASN A 1087 -12.54 21.98 36.65
C ASN A 1087 -11.64 22.35 35.47
N ALA A 1088 -10.33 22.49 35.72
CA ALA A 1088 -9.36 22.82 34.67
C ALA A 1088 -9.11 21.57 33.84
N SER A 1089 -9.99 21.35 32.87
CA SER A 1089 -9.94 20.17 32.04
C SER A 1089 -9.18 20.46 30.76
N ILE A 1090 -8.32 19.53 30.36
CA ILE A 1090 -7.68 19.58 29.06
C ILE A 1090 -8.47 18.67 28.12
N ILE A 1091 -8.85 19.22 26.96
CA ILE A 1091 -9.80 18.61 26.05
C ILE A 1091 -9.26 18.68 24.64
N THR A 1092 -9.06 17.53 24.02
CA THR A 1092 -8.56 17.44 22.65
C THR A 1092 -9.71 17.06 21.73
N ASP A 1093 -9.95 17.87 20.72
CA ASP A 1093 -11.10 17.71 19.83
C ASP A 1093 -10.65 17.11 18.51
N TYR A 1094 -11.51 16.27 17.93
CA TYR A 1094 -11.15 15.49 16.76
C TYR A 1094 -12.29 15.46 15.76
N ASN A 1095 -11.94 15.21 14.51
CA ASN A 1095 -12.90 14.98 13.43
C ASN A 1095 -13.38 13.54 13.48
N GLU A 1096 -14.08 13.12 12.43
CA GLU A 1096 -14.47 11.73 12.29
C GLU A 1096 -13.39 10.91 11.61
N GLU A 1097 -12.57 11.56 10.77
CA GLU A 1097 -11.36 10.92 10.27
C GLU A 1097 -10.35 10.73 11.40
N GLY A 1098 -10.28 11.69 12.31
CA GLY A 1098 -9.40 11.57 13.46
C GLY A 1098 -8.34 12.65 13.52
N LEU A 1099 -8.50 13.69 12.70
CA LEU A 1099 -7.57 14.81 12.73
C LEU A 1099 -7.87 15.69 13.93
N LEU A 1100 -6.81 16.20 14.55
CA LEU A 1100 -6.96 17.04 15.75
C LEU A 1100 -7.58 18.38 15.38
N LEU A 1101 -8.44 18.89 16.27
CA LEU A 1101 -9.15 20.14 16.01
C LEU A 1101 -8.86 21.22 17.03
N GLN A 1102 -8.92 20.89 18.32
CA GLN A 1102 -8.92 21.96 19.33
C GLN A 1102 -8.43 21.39 20.65
N THR A 1103 -7.26 21.84 21.09
CA THR A 1103 -6.81 21.61 22.45
C THR A 1103 -7.09 22.86 23.27
N ALA A 1104 -7.38 22.65 24.55
CA ALA A 1104 -7.85 23.75 25.39
C ALA A 1104 -7.44 23.51 26.83
N PHE A 1105 -6.91 24.55 27.46
CA PHE A 1105 -6.60 24.54 28.89
C PHE A 1105 -7.68 25.35 29.59
N LEU A 1106 -8.61 24.66 30.23
CA LEU A 1106 -9.77 25.31 30.84
C LEU A 1106 -9.46 26.00 32.15
N GLY A 1107 -8.21 25.95 32.63
CA GLY A 1107 -7.83 26.73 33.79
C GLY A 1107 -7.77 28.21 33.49
N THR A 1108 -6.86 28.59 32.59
CA THR A 1108 -6.74 29.98 32.15
C THR A 1108 -7.60 30.27 30.92
N SER A 1109 -8.47 29.34 30.54
CA SER A 1109 -9.41 29.47 29.42
C SER A 1109 -8.70 29.73 28.08
N ARG A 1110 -7.48 29.22 27.95
CA ARG A 1110 -6.73 29.36 26.71
C ARG A 1110 -6.96 28.12 25.84
N ARG A 1111 -6.97 28.34 24.53
CA ARG A 1111 -7.31 27.27 23.60
C ARG A 1111 -6.67 27.55 22.26
N VAL A 1112 -6.50 26.49 21.48
CA VAL A 1112 -5.87 26.54 20.17
C VAL A 1112 -6.89 26.04 19.15
N LEU A 1113 -7.13 26.84 18.11
CA LEU A 1113 -8.09 26.50 17.07
C LEU A 1113 -7.37 26.07 15.79
N PHE A 1114 -7.93 25.07 15.13
CA PHE A 1114 -7.41 24.58 13.86
C PHE A 1114 -8.47 24.79 12.78
N LYS A 1115 -8.09 25.39 11.67
CA LYS A 1115 -8.95 25.54 10.52
C LYS A 1115 -8.34 24.76 9.36
N TYR A 1116 -9.20 24.03 8.63
CA TYR A 1116 -8.74 23.16 7.57
C TYR A 1116 -9.17 23.70 6.22
N ARG A 1117 -8.26 23.65 5.25
CA ARG A 1117 -8.54 24.02 3.87
C ARG A 1117 -8.53 22.79 2.98
N ARG A 1118 -8.64 23.03 1.67
CA ARG A 1118 -9.18 22.07 0.69
C ARG A 1118 -8.45 20.74 0.63
N GLN A 1119 -7.19 20.66 1.03
CA GLN A 1119 -6.42 19.43 0.91
C GLN A 1119 -6.47 18.60 2.20
N THR A 1120 -7.64 18.59 2.86
CA THR A 1120 -8.02 17.94 4.13
C THR A 1120 -6.92 17.93 5.19
N ARG A 1121 -6.17 19.02 5.27
CA ARG A 1121 -5.04 19.14 6.16
C ARG A 1121 -5.13 20.42 6.99
N LEU A 1122 -4.14 20.57 7.86
CA LEU A 1122 -4.07 21.73 8.74
C LEU A 1122 -3.67 22.97 7.95
N SER A 1123 -4.42 24.06 8.17
CA SER A 1123 -4.09 25.33 7.54
C SER A 1123 -3.82 26.44 8.54
N GLU A 1124 -4.74 26.69 9.47
CA GLU A 1124 -4.68 27.92 10.26
C GLU A 1124 -4.71 27.61 11.75
N ILE A 1125 -3.59 27.87 12.43
CA ILE A 1125 -3.53 27.79 13.87
C ILE A 1125 -4.07 29.10 14.44
N LEU A 1126 -4.73 29.03 15.59
CA LEU A 1126 -5.31 30.22 16.20
C LEU A 1126 -5.35 30.05 17.71
N TYR A 1127 -4.53 30.83 18.42
CA TYR A 1127 -4.57 30.85 19.88
C TYR A 1127 -4.36 32.27 20.41
N ASP A 1128 -5.48 33.00 20.50
CA ASP A 1128 -5.71 34.22 21.29
C ASP A 1128 -4.98 35.47 20.82
N SER A 1129 -3.92 35.34 20.02
CA SER A 1129 -3.37 36.48 19.31
C SER A 1129 -2.79 36.04 17.96
N THR A 1130 -2.44 34.76 17.87
CA THR A 1130 -1.54 34.27 16.85
C THR A 1130 -2.32 33.56 15.75
N ARG A 1131 -1.97 33.86 14.50
CA ARG A 1131 -2.51 33.12 13.35
C ARG A 1131 -1.36 32.57 12.54
N VAL A 1132 -1.36 31.25 12.34
CA VAL A 1132 -0.36 30.62 11.49
C VAL A 1132 -1.05 30.10 10.25
N SER A 1133 -1.06 30.89 9.19
CA SER A 1133 -1.76 30.50 7.97
C SER A 1133 -0.84 29.62 7.14
N PHE A 1134 -1.17 28.34 7.05
CA PHE A 1134 -0.56 27.53 6.00
C PHE A 1134 -1.29 27.79 4.70
N THR A 1135 -0.61 27.54 3.59
CA THR A 1135 -1.31 27.44 2.32
C THR A 1135 -0.59 26.42 1.46
N TYR A 1136 -1.31 25.86 0.52
CA TYR A 1136 -0.82 24.77 -0.31
C TYR A 1136 -0.78 25.22 -1.77
N ASP A 1137 0.14 24.63 -2.52
CA ASP A 1137 0.34 25.04 -3.90
C ASP A 1137 -0.80 24.52 -4.78
N GLU A 1138 -1.03 25.22 -5.88
CA GLU A 1138 -2.16 24.90 -6.74
C GLU A 1138 -1.82 23.76 -7.71
N THR A 1139 -0.69 23.89 -8.42
CA THR A 1139 -0.31 22.86 -9.37
C THR A 1139 0.23 21.63 -8.67
N ALA A 1140 1.18 21.81 -7.75
CA ALA A 1140 1.83 20.69 -7.09
C ALA A 1140 1.00 20.17 -5.92
N GLY A 1141 0.71 21.03 -4.94
CA GLY A 1141 -0.01 20.64 -3.75
C GLY A 1141 0.83 20.54 -2.50
N VAL A 1142 2.11 20.92 -2.57
CA VAL A 1142 2.99 20.88 -1.42
C VAL A 1142 2.69 22.05 -0.49
N LEU A 1143 3.25 22.02 0.71
CA LEU A 1143 3.15 23.12 1.66
C LEU A 1143 3.87 24.35 1.11
N LYS A 1144 3.10 25.40 0.81
CA LYS A 1144 3.68 26.61 0.24
C LYS A 1144 4.27 27.51 1.32
N THR A 1145 3.44 28.01 2.22
CA THR A 1145 3.87 28.95 3.23
C THR A 1145 3.58 28.43 4.63
N VAL A 1146 4.43 28.81 5.57
CA VAL A 1146 4.16 28.72 7.00
C VAL A 1146 4.32 30.14 7.52
N ASN A 1147 3.22 30.79 7.86
CA ASN A 1147 3.22 32.23 8.10
C ASN A 1147 2.55 32.54 9.44
N LEU A 1148 3.36 32.61 10.50
CA LEU A 1148 2.85 33.11 11.77
C LEU A 1148 2.70 34.62 11.75
N GLN A 1149 1.53 35.10 12.18
CA GLN A 1149 1.31 36.51 12.45
C GLN A 1149 0.69 36.63 13.83
N SER A 1150 1.43 37.23 14.76
CA SER A 1150 1.01 37.40 16.14
C SER A 1150 0.92 38.85 16.56
N ASP A 1151 1.85 39.67 16.10
CA ASP A 1151 2.07 41.05 16.51
C ASP A 1151 2.60 41.78 15.28
N GLY A 1152 3.29 42.90 15.51
CA GLY A 1152 4.18 43.42 14.48
C GLY A 1152 5.26 42.44 14.05
N PHE A 1153 5.64 41.51 14.94
CA PHE A 1153 6.43 40.34 14.61
C PHE A 1153 5.77 39.48 13.54
N ILE A 1154 6.38 39.39 12.37
CA ILE A 1154 5.90 38.58 11.26
C ILE A 1154 6.86 37.42 11.07
N CYS A 1155 6.34 36.20 11.09
CA CYS A 1155 7.15 34.98 11.00
C CYS A 1155 6.61 34.16 9.84
N THR A 1156 7.16 34.37 8.65
CA THR A 1156 6.77 33.61 7.47
C THR A 1156 7.89 32.68 7.04
N ILE A 1157 7.50 31.50 6.55
CA ILE A 1157 8.42 30.46 6.11
C ILE A 1157 7.88 29.88 4.81
N ARG A 1158 8.66 29.96 3.73
CA ARG A 1158 8.27 29.46 2.43
C ARG A 1158 9.20 28.34 1.99
N TYR A 1159 8.69 27.44 1.16
CA TYR A 1159 9.41 26.23 0.76
C TYR A 1159 9.58 26.16 -0.75
N ARG A 1160 10.38 25.17 -1.18
CA ARG A 1160 10.64 24.89 -2.58
C ARG A 1160 11.17 23.46 -2.67
N GLN A 1161 10.68 22.71 -3.66
CA GLN A 1161 10.89 21.27 -3.69
C GLN A 1161 11.29 20.79 -5.08
N ILE A 1162 11.82 19.57 -5.12
CA ILE A 1162 11.76 18.73 -6.32
C ILE A 1162 10.66 17.72 -6.03
N GLY A 1163 9.45 18.00 -6.52
CA GLY A 1163 8.31 17.16 -6.23
C GLY A 1163 7.85 17.32 -4.80
N PRO A 1164 7.93 16.24 -4.02
CA PRO A 1164 7.63 16.33 -2.58
C PRO A 1164 8.83 16.58 -1.69
N LEU A 1165 10.06 16.38 -2.16
CA LEU A 1165 11.24 16.51 -1.32
C LEU A 1165 11.82 17.91 -1.45
N ILE A 1166 12.10 18.54 -0.30
CA ILE A 1166 12.39 19.97 -0.25
C ILE A 1166 13.79 20.25 -0.81
N ASP A 1167 13.94 21.42 -1.41
CA ASP A 1167 15.23 21.89 -1.91
C ASP A 1167 15.61 23.23 -1.33
N ARG A 1168 14.65 24.15 -1.17
CA ARG A 1168 14.94 25.47 -0.65
C ARG A 1168 13.85 25.87 0.33
N GLN A 1169 14.24 26.15 1.56
CA GLN A 1169 13.35 26.71 2.56
C GLN A 1169 13.79 28.13 2.88
N ILE A 1170 12.83 29.01 3.08
CA ILE A 1170 13.06 30.44 3.17
C ILE A 1170 12.59 30.91 4.54
N PHE A 1171 13.47 31.59 5.27
CA PHE A 1171 13.14 32.13 6.59
C PHE A 1171 13.15 33.66 6.48
N ARG A 1172 11.97 34.25 6.43
CA ARG A 1172 11.84 35.70 6.37
C ARG A 1172 11.11 36.21 7.60
N PHE A 1173 11.70 37.21 8.26
CA PHE A 1173 11.11 37.88 9.42
C PHE A 1173 10.90 39.34 9.08
N SER A 1174 10.40 40.09 10.05
CA SER A 1174 10.15 41.50 9.80
C SER A 1174 10.58 42.45 10.90
N GLU A 1175 10.88 41.97 12.11
CA GLU A 1175 11.29 42.88 13.16
C GLU A 1175 12.77 43.23 13.02
N ASP A 1176 13.21 44.15 13.89
CA ASP A 1176 14.48 44.86 13.76
C ASP A 1176 15.71 43.97 13.85
N GLY A 1177 15.92 43.34 14.99
CA GLY A 1177 17.17 42.64 15.23
C GLY A 1177 17.27 41.32 14.49
N MET A 1178 16.15 40.59 14.42
CA MET A 1178 16.13 39.23 13.93
C MET A 1178 16.43 39.18 12.44
N VAL A 1179 17.10 38.11 12.02
CA VAL A 1179 17.72 38.05 10.71
C VAL A 1179 16.99 37.02 9.85
N ASN A 1180 17.39 36.95 8.59
CA ASN A 1180 16.74 36.09 7.60
C ASN A 1180 17.72 35.06 7.10
N ALA A 1181 17.21 33.86 6.80
CA ALA A 1181 18.04 32.77 6.33
C ALA A 1181 17.34 32.00 5.23
N ARG A 1182 18.13 31.25 4.47
CA ARG A 1182 17.62 30.48 3.35
C ARG A 1182 18.64 29.40 3.01
N PHE A 1183 18.15 28.17 2.83
CA PHE A 1183 19.01 27.00 2.66
C PHE A 1183 18.80 26.39 1.28
N ASP A 1184 19.86 25.77 0.75
CA ASP A 1184 19.84 25.18 -0.58
C ASP A 1184 20.43 23.77 -0.52
N TYR A 1185 19.72 22.82 -1.11
CA TYR A 1185 20.07 21.40 -1.04
C TYR A 1185 20.47 20.88 -2.41
N SER A 1186 20.85 19.61 -2.45
CA SER A 1186 21.15 18.91 -3.70
C SER A 1186 21.02 17.42 -3.46
N TYR A 1187 20.55 16.71 -4.48
CA TYR A 1187 20.34 15.27 -4.43
C TYR A 1187 21.21 14.58 -5.48
N ASP A 1188 21.46 13.29 -5.28
CA ASP A 1188 22.18 12.45 -6.25
C ASP A 1188 21.49 11.10 -6.31
N ASN A 1189 20.86 10.82 -7.46
CA ASN A 1189 20.28 9.56 -7.96
C ASN A 1189 19.56 8.70 -6.93
N SER A 1190 18.95 9.35 -5.94
CA SER A 1190 18.31 8.72 -4.79
C SER A 1190 17.54 9.83 -4.08
N PHE A 1191 17.02 9.52 -2.89
CA PHE A 1191 16.42 10.54 -2.03
C PHE A 1191 17.36 10.90 -0.89
N ARG A 1192 18.66 10.89 -1.15
CA ARG A 1192 19.67 11.20 -0.15
C ARG A 1192 20.02 12.68 -0.22
N VAL A 1193 19.92 13.37 0.92
CA VAL A 1193 20.30 14.77 0.99
C VAL A 1193 21.82 14.83 0.92
N THR A 1194 22.36 15.28 -0.22
CA THR A 1194 23.78 15.13 -0.50
C THR A 1194 24.60 16.30 0.02
N SER A 1195 24.33 17.51 -0.47
CA SER A 1195 25.14 18.67 -0.11
C SER A 1195 24.22 19.78 0.39
N MET A 1196 24.44 20.20 1.64
CA MET A 1196 23.72 21.31 2.23
C MET A 1196 24.55 22.58 2.12
N GLN A 1197 23.92 23.66 1.69
CA GLN A 1197 24.53 24.98 1.73
C GLN A 1197 23.44 26.00 1.97
N GLY A 1198 23.61 26.83 3.00
CA GLY A 1198 22.67 27.87 3.30
C GLY A 1198 23.35 29.21 3.41
N VAL A 1199 22.52 30.25 3.53
CA VAL A 1199 22.97 31.60 3.76
C VAL A 1199 22.16 32.19 4.92
N ILE A 1200 22.85 32.61 5.96
CA ILE A 1200 22.21 33.13 7.18
C ILE A 1200 22.69 34.54 7.37
N ASN A 1201 21.74 35.50 7.34
CA ASN A 1201 21.99 36.94 7.45
C ASN A 1201 23.02 37.40 6.42
N GLU A 1202 22.72 37.08 5.15
CA GLU A 1202 23.53 37.43 3.98
C GLU A 1202 24.99 36.95 4.08
N THR A 1203 25.21 35.83 4.76
CA THR A 1203 26.53 35.23 4.89
C THR A 1203 26.47 33.79 4.42
N PRO A 1204 27.02 33.47 3.24
CA PRO A 1204 27.02 32.08 2.79
C PRO A 1204 28.05 31.25 3.53
N LEU A 1205 27.72 29.97 3.69
CA LEU A 1205 28.53 28.95 4.35
C LEU A 1205 29.19 28.06 3.32
N PRO A 1206 30.31 27.41 3.66
CA PRO A 1206 30.84 26.36 2.79
C PRO A 1206 29.94 25.14 2.78
N ILE A 1207 29.97 24.42 1.66
CA ILE A 1207 29.03 23.33 1.41
C ILE A 1207 29.34 22.13 2.29
N ASP A 1208 28.41 21.20 2.37
CA ASP A 1208 28.58 19.96 3.10
C ASP A 1208 28.73 18.80 2.13
N LEU A 1209 29.32 17.71 2.62
CA LEU A 1209 29.61 16.54 1.80
C LEU A 1209 29.14 15.30 2.55
N TYR A 1210 27.87 14.93 2.34
CA TYR A 1210 27.30 13.76 3.00
C TYR A 1210 27.53 12.53 2.12
N GLN A 1211 28.80 12.16 1.98
CA GLN A 1211 29.20 11.01 1.19
C GLN A 1211 28.73 9.74 1.87
N PHE A 1212 27.81 9.03 1.22
CA PHE A 1212 27.17 7.88 1.83
C PHE A 1212 27.70 6.59 1.21
N ASP A 1213 27.09 5.47 1.60
CA ASP A 1213 27.52 4.13 1.18
C ASP A 1213 26.25 3.36 0.84
N ASP A 1214 25.83 3.41 -0.42
CA ASP A 1214 24.65 2.68 -0.85
C ASP A 1214 24.94 1.21 -1.15
N ILE A 1215 26.18 0.76 -0.97
CA ILE A 1215 26.46 -0.67 -0.98
C ILE A 1215 25.80 -1.33 0.23
N SER A 1216 25.81 -0.65 1.37
CA SER A 1216 25.30 -1.21 2.61
C SER A 1216 24.26 -0.35 3.33
N GLY A 1217 24.15 0.93 3.00
CA GLY A 1217 23.34 1.85 3.80
C GLY A 1217 24.10 2.61 4.85
N LYS A 1218 25.43 2.60 4.78
CA LYS A 1218 26.26 3.24 5.79
C LYS A 1218 26.35 4.75 5.53
N VAL A 1219 27.16 5.42 6.35
CA VAL A 1219 27.51 6.82 6.14
C VAL A 1219 29.03 6.89 6.15
N GLU A 1220 29.62 7.18 4.99
CA GLU A 1220 31.08 7.21 4.87
C GLU A 1220 31.65 8.48 5.48
N GLN A 1221 31.22 9.63 4.97
CA GLN A 1221 31.66 10.91 5.50
C GLN A 1221 30.47 11.86 5.57
N PHE A 1222 30.60 12.88 6.41
CA PHE A 1222 29.62 13.94 6.51
C PHE A 1222 30.32 15.18 7.02
N GLY A 1223 29.98 16.33 6.43
CA GLY A 1223 30.65 17.57 6.76
C GLY A 1223 32.12 17.54 6.38
N LYS A 1224 32.99 17.46 7.38
CA LYS A 1224 34.41 17.28 7.17
C LYS A 1224 34.94 16.02 7.82
N PHE A 1225 34.08 15.23 8.44
CA PHE A 1225 34.49 14.13 9.30
C PHE A 1225 34.31 12.79 8.58
N GLY A 1226 35.22 11.87 8.84
CA GLY A 1226 35.22 10.55 8.21
C GLY A 1226 34.81 9.48 9.20
N VAL A 1227 33.99 8.54 8.73
CA VAL A 1227 33.46 7.47 9.57
C VAL A 1227 33.96 6.14 9.02
N ILE A 1228 34.69 5.40 9.84
CA ILE A 1228 35.14 4.05 9.54
C ILE A 1228 34.47 3.13 10.54
N TYR A 1229 33.99 1.98 10.06
CA TYR A 1229 33.37 1.00 10.94
C TYR A 1229 34.34 -0.14 11.21
N TYR A 1230 34.28 -0.71 12.41
CA TYR A 1230 34.97 -1.97 12.70
C TYR A 1230 33.96 -2.90 13.38
N ASP A 1231 33.08 -3.48 12.55
CA ASP A 1231 32.24 -4.65 12.79
C ASP A 1231 31.15 -4.50 13.85
N ILE A 1232 31.31 -3.60 14.82
CA ILE A 1232 30.20 -2.98 15.55
C ILE A 1232 30.59 -1.52 15.63
N ASN A 1233 31.89 -1.28 15.56
CA ASN A 1233 32.50 -0.11 16.15
C ASN A 1233 32.45 1.07 15.22
N GLN A 1234 32.68 2.24 15.79
CA GLN A 1234 32.73 3.49 15.05
C GLN A 1234 34.02 4.22 15.41
N ILE A 1235 34.62 4.85 14.42
CA ILE A 1235 35.70 5.79 14.67
C ILE A 1235 35.48 7.02 13.80
N ILE A 1236 34.90 8.05 14.41
CA ILE A 1236 34.56 9.28 13.68
C ILE A 1236 35.82 10.14 13.73
N SER A 1237 36.72 9.89 12.79
CA SER A 1237 38.06 10.44 12.87
C SER A 1237 38.30 11.45 11.77
N THR A 1238 39.24 12.35 12.05
CA THR A 1238 39.81 13.30 11.10
C THR A 1238 41.29 12.94 11.04
N ALA A 1239 42.12 13.77 10.40
CA ALA A 1239 43.55 13.53 10.37
C ALA A 1239 44.20 13.71 11.73
N VAL A 1240 43.57 14.48 12.63
CA VAL A 1240 44.07 14.69 13.97
C VAL A 1240 43.05 14.30 15.04
N MET A 1241 41.78 14.63 14.83
CA MET A 1241 40.74 14.47 15.84
C MET A 1241 40.05 13.12 15.65
N THR A 1242 40.19 12.24 16.63
CA THR A 1242 39.61 10.90 16.59
C THR A 1242 38.57 10.76 17.70
N TYR A 1243 37.44 10.15 17.36
CA TYR A 1243 36.32 9.96 18.28
C TYR A 1243 35.79 8.55 18.07
N THR A 1244 36.34 7.60 18.84
CA THR A 1244 35.95 6.21 18.67
C THR A 1244 34.94 5.78 19.74
N LYS A 1245 34.23 4.70 19.43
CA LYS A 1245 33.28 4.08 20.35
C LYS A 1245 33.45 2.58 20.27
N HIS A 1246 33.52 1.93 21.42
CA HIS A 1246 33.66 0.48 21.50
C HIS A 1246 32.39 -0.06 22.13
N PHE A 1247 31.45 -0.51 21.29
CA PHE A 1247 30.17 -1.01 21.78
C PHE A 1247 30.35 -2.31 22.55
N ASP A 1248 29.34 -2.65 23.34
CA ASP A 1248 29.44 -3.76 24.28
C ASP A 1248 29.12 -5.08 23.56
N ALA A 1249 28.94 -6.13 24.35
CA ALA A 1249 28.39 -7.38 23.83
C ALA A 1249 26.87 -7.37 23.79
N HIS A 1250 26.24 -6.33 24.32
CA HIS A 1250 24.79 -6.22 24.37
C HIS A 1250 24.23 -5.23 23.35
N GLY A 1251 25.07 -4.69 22.47
CA GLY A 1251 24.62 -3.81 21.42
C GLY A 1251 24.58 -2.34 21.77
N ARG A 1252 24.90 -1.96 23.01
CA ARG A 1252 24.82 -0.58 23.44
C ARG A 1252 26.22 0.01 23.57
N ILE A 1253 26.26 1.27 23.98
CA ILE A 1253 27.52 2.02 24.02
C ILE A 1253 28.26 1.68 25.31
N LYS A 1254 29.57 1.50 25.20
CA LYS A 1254 30.29 1.06 26.38
C LYS A 1254 31.53 1.88 26.70
N GLU A 1255 32.27 2.32 25.68
CA GLU A 1255 33.54 3.02 25.91
C GLU A 1255 33.70 4.10 24.85
N ILE A 1256 33.63 5.35 25.26
CA ILE A 1256 33.82 6.48 24.36
C ILE A 1256 35.25 6.95 24.61
N GLN A 1257 36.19 6.44 23.83
CA GLN A 1257 37.57 6.88 23.92
C GLN A 1257 37.81 7.97 22.88
N TYR A 1258 38.71 8.89 23.20
CA TYR A 1258 38.76 10.15 22.47
C TYR A 1258 40.14 10.76 22.61
N GLU A 1259 40.90 10.80 21.52
CA GLU A 1259 42.26 11.30 21.55
C GLU A 1259 42.45 12.41 20.53
N ILE A 1260 43.20 13.43 20.91
CA ILE A 1260 43.52 14.56 20.04
C ILE A 1260 45.05 14.63 19.93
N PHE A 1261 45.54 14.81 18.70
CA PHE A 1261 46.96 14.74 18.34
C PHE A 1261 47.58 13.40 18.71
N ARG A 1262 46.77 12.33 18.63
CA ARG A 1262 47.13 10.95 19.00
C ARG A 1262 47.69 10.87 20.42
N SER A 1263 47.11 11.68 21.31
CA SER A 1263 47.43 11.67 22.73
C SER A 1263 46.14 11.61 23.51
N LEU A 1264 46.18 10.94 24.66
CA LEU A 1264 44.97 10.66 25.42
C LEU A 1264 44.45 11.93 26.08
N MET A 1265 43.22 12.30 25.73
CA MET A 1265 42.59 13.51 26.25
C MET A 1265 41.29 13.24 26.98
N TYR A 1266 40.60 12.16 26.67
CA TYR A 1266 39.27 11.88 27.20
C TYR A 1266 38.90 10.43 26.93
N TRP A 1267 38.53 9.68 27.96
CA TRP A 1267 37.89 8.39 27.72
C TRP A 1267 37.04 8.03 28.92
N ILE A 1268 35.80 7.64 28.67
CA ILE A 1268 34.95 7.13 29.72
C ILE A 1268 34.67 5.67 29.43
N THR A 1269 34.26 4.96 30.47
CA THR A 1269 33.79 3.59 30.31
C THR A 1269 32.51 3.43 31.12
N ILE A 1270 31.54 2.72 30.57
CA ILE A 1270 30.29 2.47 31.26
C ILE A 1270 30.01 0.97 31.21
N GLN A 1271 29.97 0.34 32.37
CA GLN A 1271 29.59 -1.05 32.49
C GLN A 1271 28.15 -1.12 32.93
N TYR A 1272 27.41 -2.07 32.37
CA TYR A 1272 25.98 -2.15 32.61
C TYR A 1272 25.65 -3.28 33.57
N ASP A 1273 24.53 -3.12 34.27
CA ASP A 1273 24.02 -4.14 35.17
C ASP A 1273 23.27 -5.20 34.38
N ASN A 1274 22.51 -6.04 35.09
CA ASN A 1274 21.63 -6.99 34.43
C ASN A 1274 20.32 -6.36 33.96
N MET A 1275 20.16 -5.05 34.12
CA MET A 1275 19.03 -4.31 33.56
C MET A 1275 19.41 -3.45 32.38
N GLY A 1276 20.70 -3.32 32.07
CA GLY A 1276 21.16 -2.41 31.05
C GLY A 1276 21.40 -1.00 31.53
N ARG A 1277 21.08 -0.69 32.79
CA ARG A 1277 21.29 0.64 33.31
C ARG A 1277 22.77 0.88 33.55
N VAL A 1278 23.14 2.15 33.54
CA VAL A 1278 24.54 2.55 33.69
C VAL A 1278 24.93 2.42 35.16
N THR A 1279 26.05 1.76 35.41
CA THR A 1279 26.51 1.51 36.77
C THR A 1279 27.77 2.29 37.13
N LYS A 1280 28.82 2.14 36.33
CA LYS A 1280 30.16 2.57 36.71
C LYS A 1280 30.72 3.44 35.59
N ARG A 1281 31.06 4.68 35.91
CA ARG A 1281 31.43 5.68 34.91
C ARG A 1281 32.80 6.28 35.23
N GLU A 1282 33.86 5.73 34.65
CA GLU A 1282 35.22 6.21 34.92
C GLU A 1282 35.58 7.27 33.88
N ILE A 1283 35.24 8.52 34.16
CA ILE A 1283 35.53 9.62 33.25
C ILE A 1283 36.93 10.18 33.57
N LYS A 1284 37.92 9.76 32.80
CA LYS A 1284 39.24 10.37 32.89
C LYS A 1284 39.25 11.54 31.93
N ILE A 1285 38.77 12.68 32.42
CA ILE A 1285 38.69 13.90 31.64
C ILE A 1285 39.92 14.75 31.96
N GLY A 1286 40.54 15.30 30.93
CA GLY A 1286 41.79 15.99 31.09
C GLY A 1286 42.95 15.10 30.63
N PRO A 1287 44.03 15.72 30.15
CA PRO A 1287 45.15 14.94 29.59
C PRO A 1287 45.88 14.11 30.64
N PHE A 1288 46.41 14.77 31.66
CA PHE A 1288 47.23 14.14 32.68
C PHE A 1288 46.68 14.35 34.08
N ALA A 1289 45.49 14.94 34.20
CA ALA A 1289 44.95 15.34 35.50
C ALA A 1289 44.39 14.13 36.24
N ASN A 1290 43.76 14.39 37.38
CA ASN A 1290 43.23 13.32 38.21
C ASN A 1290 42.00 12.70 37.55
N THR A 1291 41.87 11.38 37.70
CA THR A 1291 40.71 10.70 37.17
C THR A 1291 39.48 10.99 38.01
N THR A 1292 38.32 10.69 37.44
CA THR A 1292 37.04 10.89 38.10
C THR A 1292 36.17 9.70 37.78
N LYS A 1293 35.58 9.08 38.79
CA LYS A 1293 34.74 7.93 38.55
C LYS A 1293 33.49 8.00 39.41
N TYR A 1294 32.46 7.30 38.96
CA TYR A 1294 31.15 7.29 39.60
C TYR A 1294 30.78 5.86 39.99
N ALA A 1295 29.60 5.74 40.59
CA ALA A 1295 28.93 4.48 40.83
C ALA A 1295 27.46 4.79 41.10
N TYR A 1296 26.58 4.05 40.46
CA TYR A 1296 25.15 4.36 40.49
C TYR A 1296 24.41 3.28 41.28
N GLU A 1297 24.12 3.57 42.53
CA GLU A 1297 23.31 2.70 43.37
C GLU A 1297 21.85 3.00 43.10
N TYR A 1298 21.18 2.10 42.41
CA TYR A 1298 19.76 2.22 42.12
C TYR A 1298 18.96 1.65 43.29
N ASP A 1299 17.67 1.44 43.10
CA ASP A 1299 16.87 0.76 44.12
C ASP A 1299 16.09 -0.41 43.51
N VAL A 1300 15.17 -0.97 44.29
CA VAL A 1300 14.30 -2.02 43.77
C VAL A 1300 13.23 -1.43 42.85
N ASP A 1301 12.89 -0.16 43.03
CA ASP A 1301 11.96 0.52 42.12
C ASP A 1301 12.58 0.84 40.77
N GLY A 1302 13.89 0.66 40.61
CA GLY A 1302 14.53 0.86 39.33
C GLY A 1302 14.74 2.32 38.98
N GLN A 1303 15.38 3.06 39.89
CA GLN A 1303 15.63 4.47 39.69
C GLN A 1303 16.86 4.88 40.49
N LEU A 1304 17.53 5.93 40.02
CA LEU A 1304 18.79 6.39 40.60
C LEU A 1304 18.50 7.10 41.91
N GLN A 1305 18.69 6.40 43.03
CA GLN A 1305 18.38 6.94 44.34
C GLN A 1305 19.58 7.61 44.99
N THR A 1306 20.79 7.06 44.80
CA THR A 1306 21.97 7.65 45.41
C THR A 1306 23.18 7.42 44.50
N VAL A 1307 24.04 8.44 44.43
CA VAL A 1307 25.14 8.50 43.48
C VAL A 1307 26.44 8.62 44.24
N TYR A 1308 27.46 7.88 43.80
CA TYR A 1308 28.78 7.99 44.37
C TYR A 1308 29.67 8.86 43.49
N LEU A 1309 30.61 9.56 44.12
CA LEU A 1309 31.82 10.00 43.45
C LEU A 1309 32.88 8.90 43.58
N ASN A 1310 34.15 9.26 43.38
CA ASN A 1310 35.21 8.26 43.25
C ASN A 1310 35.44 7.47 44.52
N GLU A 1311 35.42 8.12 45.68
CA GLU A 1311 35.66 7.40 46.93
C GLU A 1311 34.71 7.84 48.04
N LYS A 1312 33.51 8.30 47.68
CA LYS A 1312 32.58 8.83 48.67
C LYS A 1312 31.17 8.88 48.10
N ILE A 1313 30.19 8.63 48.97
CA ILE A 1313 28.81 8.93 48.63
C ILE A 1313 28.61 10.44 48.61
N MET A 1314 27.93 10.95 47.58
CA MET A 1314 27.75 12.38 47.47
C MET A 1314 26.35 12.84 47.09
N TRP A 1315 25.42 11.96 46.76
CA TRP A 1315 24.05 12.37 46.46
C TRP A 1315 23.07 11.35 46.99
N ARG A 1316 21.88 11.82 47.33
CA ARG A 1316 20.75 10.93 47.62
C ARG A 1316 19.49 11.56 47.05
N TYR A 1317 18.47 10.73 46.85
CA TYR A 1317 17.23 11.17 46.21
C TYR A 1317 16.07 10.35 46.76
N ASN A 1318 15.34 10.90 47.71
CA ASN A 1318 14.14 10.22 48.20
C ASN A 1318 12.96 10.49 47.26
N TYR A 1319 11.94 9.66 47.37
CA TYR A 1319 10.77 9.77 46.52
C TYR A 1319 9.51 9.54 47.34
N ASP A 1320 8.46 10.27 46.98
CA ASP A 1320 7.20 10.22 47.69
C ASP A 1320 6.36 9.07 47.11
N LEU A 1321 5.07 9.02 47.44
CA LEU A 1321 4.21 7.93 46.99
C LEU A 1321 3.99 7.96 45.49
N ASN A 1322 3.93 9.14 44.89
CA ASN A 1322 3.57 9.30 43.49
C ASN A 1322 4.80 9.58 42.62
N GLY A 1323 5.94 8.98 42.97
CA GLY A 1323 7.17 9.26 42.26
C GLY A 1323 7.69 10.66 42.43
N ASN A 1324 7.30 11.34 43.49
CA ASN A 1324 7.61 12.75 43.69
C ASN A 1324 8.94 12.88 44.44
N LEU A 1325 9.93 13.46 43.76
CA LEU A 1325 11.24 13.70 44.35
C LEU A 1325 11.12 14.78 45.42
N HIS A 1326 11.17 14.40 46.70
CA HIS A 1326 10.91 15.37 47.76
C HIS A 1326 12.06 15.52 48.75
N LEU A 1327 13.20 14.88 48.52
CA LEU A 1327 14.39 15.14 49.32
C LEU A 1327 15.62 14.77 48.51
N LEU A 1328 16.60 15.66 48.48
CA LEU A 1328 17.76 15.46 47.62
C LEU A 1328 18.96 16.21 48.20
N ASN A 1329 20.14 15.96 47.57
CA ASN A 1329 21.35 16.75 47.79
C ASN A 1329 21.52 17.75 46.65
N PRO A 1330 21.85 19.01 46.95
CA PRO A 1330 22.02 20.01 45.89
C PRO A 1330 23.31 19.85 45.10
N SER A 1331 23.61 20.84 44.27
CA SER A 1331 24.73 20.77 43.32
C SER A 1331 26.07 20.65 44.04
N SER A 1332 26.45 21.66 44.82
CA SER A 1332 27.72 21.66 45.52
C SER A 1332 27.58 21.52 47.03
N SER A 1333 26.50 22.01 47.61
CA SER A 1333 26.31 21.92 49.05
C SER A 1333 25.90 20.50 49.44
N ALA A 1334 26.02 20.20 50.72
CA ALA A 1334 25.70 18.90 51.28
C ALA A 1334 24.50 18.95 52.21
N ARG A 1335 23.51 19.77 51.86
CA ARG A 1335 22.29 19.88 52.64
C ARG A 1335 21.26 18.84 52.21
N LEU A 1336 20.20 18.73 52.99
CA LEU A 1336 19.06 17.87 52.65
C LEU A 1336 17.88 18.80 52.36
N THR A 1337 17.79 19.24 51.10
CA THR A 1337 16.79 20.22 50.68
C THR A 1337 15.42 19.57 50.56
N PRO A 1338 14.45 19.97 51.38
CA PRO A 1338 13.14 19.34 51.32
C PRO A 1338 12.31 19.92 50.17
N LEU A 1339 11.34 19.12 49.74
CA LEU A 1339 10.38 19.53 48.73
C LEU A 1339 9.00 19.06 49.14
N ARG A 1340 7.97 19.78 48.69
CA ARG A 1340 6.60 19.45 49.04
C ARG A 1340 5.74 19.46 47.79
N TYR A 1341 4.64 18.69 47.85
CA TYR A 1341 3.79 18.49 46.69
C TYR A 1341 2.33 18.48 47.12
N ASP A 1342 1.46 18.76 46.17
CA ASP A 1342 0.01 18.80 46.37
C ASP A 1342 -0.64 17.54 45.82
N LEU A 1343 -1.96 17.59 45.68
CA LEU A 1343 -2.74 16.47 45.13
C LEU A 1343 -2.29 16.10 43.73
N ARG A 1344 -2.17 17.09 42.84
CA ARG A 1344 -1.94 16.87 41.41
C ARG A 1344 -0.47 16.64 41.05
N ASP A 1345 0.40 16.36 42.03
CA ASP A 1345 1.85 16.28 41.86
C ASP A 1345 2.43 17.54 41.23
N ARG A 1346 1.87 18.69 41.61
CA ARG A 1346 2.39 19.98 41.18
C ARG A 1346 3.39 20.47 42.21
N ILE A 1347 4.58 20.82 41.77
CA ILE A 1347 5.69 21.10 42.68
C ILE A 1347 5.50 22.47 43.31
N THR A 1348 5.74 22.54 44.61
CA THR A 1348 5.48 23.72 45.43
C THR A 1348 6.74 24.42 45.89
N ARG A 1349 7.72 23.67 46.40
CA ARG A 1349 8.86 24.27 47.07
C ARG A 1349 10.12 23.48 46.79
N LEU A 1350 11.20 24.17 46.45
CA LEU A 1350 12.54 23.59 46.40
C LEU A 1350 13.36 24.27 47.49
N GLY A 1351 13.44 23.61 48.65
CA GLY A 1351 14.20 24.16 49.76
C GLY A 1351 13.62 25.44 50.30
N ASP A 1352 14.27 26.56 49.97
CA ASP A 1352 13.81 27.87 50.39
C ASP A 1352 12.84 28.50 49.38
N VAL A 1353 13.07 28.30 48.08
CA VAL A 1353 12.27 28.98 47.07
C VAL A 1353 10.96 28.24 46.86
N GLN A 1354 9.90 28.98 46.55
CA GLN A 1354 8.57 28.45 46.30
C GLN A 1354 8.26 28.48 44.81
N TYR A 1355 7.83 27.33 44.28
CA TYR A 1355 7.38 27.24 42.90
C TYR A 1355 5.88 27.50 42.83
N ARG A 1356 5.38 27.61 41.59
CA ARG A 1356 3.94 27.82 41.39
C ARG A 1356 3.57 27.18 40.05
N LEU A 1357 3.08 25.94 40.12
CA LEU A 1357 2.55 25.24 38.97
C LEU A 1357 1.04 25.35 39.06
N ASP A 1358 0.44 26.12 38.15
CA ASP A 1358 -0.88 26.71 38.38
C ASP A 1358 -2.05 25.75 38.16
N GLU A 1359 -3.25 26.34 38.02
CA GLU A 1359 -4.49 25.58 37.92
C GLU A 1359 -4.50 24.65 36.70
N ASP A 1360 -4.00 25.12 35.57
CA ASP A 1360 -3.96 24.30 34.35
C ASP A 1360 -2.56 23.80 34.03
N GLY A 1361 -1.73 23.57 35.05
CA GLY A 1361 -0.50 22.81 34.87
C GLY A 1361 0.70 23.58 34.36
N PHE A 1362 0.63 24.90 34.27
CA PHE A 1362 1.75 25.68 33.77
C PHE A 1362 2.52 26.30 34.92
N LEU A 1363 3.83 26.40 34.74
CA LEU A 1363 4.72 26.92 35.79
C LEU A 1363 4.61 28.42 35.81
N ARG A 1364 3.94 28.95 36.84
CA ARG A 1364 3.61 30.38 36.85
C ARG A 1364 4.68 31.23 37.53
N GLN A 1365 5.24 30.78 38.64
CA GLN A 1365 6.18 31.60 39.38
C GLN A 1365 7.32 30.75 39.96
N ARG A 1366 8.55 31.20 39.76
CA ARG A 1366 9.73 30.64 40.41
C ARG A 1366 10.51 31.79 41.05
N GLY A 1367 10.30 31.99 42.35
CA GLY A 1367 10.96 33.06 43.09
C GLY A 1367 10.57 34.44 42.62
N THR A 1368 11.52 35.15 42.02
CA THR A 1368 11.23 36.43 41.39
C THR A 1368 10.80 36.29 39.94
N GLU A 1369 10.96 35.10 39.36
CA GLU A 1369 10.67 34.87 37.95
C GLU A 1369 9.23 34.44 37.79
N ILE A 1370 8.48 35.15 36.96
CA ILE A 1370 7.09 34.82 36.65
C ILE A 1370 6.98 34.62 35.15
N PHE A 1371 6.37 33.52 34.73
CA PHE A 1371 6.42 33.06 33.36
C PHE A 1371 5.13 33.43 32.60
N GLU A 1372 5.20 33.30 31.28
CA GLU A 1372 4.03 33.33 30.40
C GLU A 1372 4.15 32.15 29.44
N TYR A 1373 3.55 31.03 29.78
CA TYR A 1373 3.36 29.96 28.80
C TYR A 1373 2.30 30.37 27.79
N SER A 1374 2.42 29.81 26.59
CA SER A 1374 1.45 30.06 25.54
C SER A 1374 0.33 29.03 25.63
N SER A 1375 -0.60 29.10 24.68
CA SER A 1375 -1.69 28.14 24.65
C SER A 1375 -1.27 26.80 24.08
N LYS A 1376 -0.11 26.73 23.44
CA LYS A 1376 0.43 25.49 22.92
C LYS A 1376 1.13 24.65 23.98
N GLY A 1377 1.19 25.13 25.22
CA GLY A 1377 2.05 24.51 26.20
C GLY A 1377 3.50 24.89 26.04
N LEU A 1378 3.77 26.07 25.49
CA LEU A 1378 5.11 26.50 25.13
C LEU A 1378 5.46 27.77 25.87
N LEU A 1379 6.66 27.82 26.43
CA LEU A 1379 7.12 28.99 27.15
C LEU A 1379 7.44 30.12 26.19
N THR A 1380 6.88 31.30 26.45
CA THR A 1380 7.05 32.45 25.57
C THR A 1380 7.86 33.56 26.22
N ARG A 1381 7.45 34.03 27.39
CA ARG A 1381 8.09 35.17 28.02
C ARG A 1381 8.39 34.86 29.48
N VAL A 1382 9.57 35.27 29.93
CA VAL A 1382 10.00 35.14 31.31
C VAL A 1382 10.35 36.54 31.79
N TYR A 1383 9.67 37.02 32.83
CA TYR A 1383 10.03 38.30 33.42
C TYR A 1383 10.30 38.13 34.91
N SER A 1384 11.23 38.93 35.40
CA SER A 1384 11.64 38.90 36.81
C SER A 1384 11.22 40.19 37.48
N LYS A 1385 10.49 40.06 38.59
CA LYS A 1385 10.18 41.24 39.39
C LYS A 1385 11.38 41.68 40.22
N GLY A 1386 11.92 40.78 41.02
CA GLY A 1386 12.99 41.11 41.94
C GLY A 1386 14.34 41.33 41.28
N SER A 1387 14.86 40.30 40.61
CA SER A 1387 16.20 40.39 40.04
C SER A 1387 16.26 41.27 38.81
N GLY A 1388 15.13 41.49 38.14
CA GLY A 1388 15.05 42.49 37.07
C GLY A 1388 15.77 42.15 35.79
N TRP A 1389 15.37 41.05 35.15
CA TRP A 1389 15.86 40.69 33.82
C TRP A 1389 14.82 39.83 33.14
N THR A 1390 14.55 40.14 31.87
CA THR A 1390 13.48 39.51 31.13
C THR A 1390 14.04 38.68 29.98
N VAL A 1391 13.40 37.54 29.72
CA VAL A 1391 13.76 36.65 28.62
C VAL A 1391 12.49 36.38 27.81
N ILE A 1392 12.55 36.66 26.51
CA ILE A 1392 11.45 36.43 25.60
C ILE A 1392 11.85 35.37 24.59
N TYR A 1393 10.92 34.46 24.28
CA TYR A 1393 11.15 33.38 23.32
C TYR A 1393 10.15 33.54 22.17
N ARG A 1394 10.57 34.17 21.08
CA ARG A 1394 9.74 34.17 19.89
C ARG A 1394 9.79 32.79 19.26
N TYR A 1395 8.62 32.20 19.02
CA TYR A 1395 8.53 30.90 18.36
C TYR A 1395 7.94 31.07 16.97
N ASP A 1396 8.10 30.04 16.14
CA ASP A 1396 7.47 30.04 14.83
C ASP A 1396 6.09 29.40 14.92
N GLY A 1397 5.50 29.11 13.75
CA GLY A 1397 4.24 28.40 13.73
C GLY A 1397 4.36 26.91 13.90
N LEU A 1398 5.56 26.36 13.76
CA LEU A 1398 5.79 24.93 13.90
C LEU A 1398 6.09 24.52 15.34
N GLY A 1399 5.86 25.41 16.31
CA GLY A 1399 6.12 25.11 17.70
C GLY A 1399 7.58 25.03 18.07
N ARG A 1400 8.48 25.46 17.20
CA ARG A 1400 9.91 25.35 17.43
C ARG A 1400 10.44 26.63 18.04
N ARG A 1401 11.67 26.57 18.55
CA ARG A 1401 12.29 27.74 19.14
C ARG A 1401 13.08 28.49 18.10
N VAL A 1402 12.70 29.75 17.88
CA VAL A 1402 13.35 30.57 16.87
C VAL A 1402 14.42 31.43 17.51
N SER A 1403 14.03 32.31 18.42
CA SER A 1403 14.95 33.29 18.98
C SER A 1403 14.70 33.46 20.47
N SER A 1404 15.79 33.60 21.21
CA SER A 1404 15.74 33.90 22.64
C SER A 1404 16.47 35.21 22.87
N LYS A 1405 15.82 36.14 23.55
CA LYS A 1405 16.38 37.46 23.81
C LYS A 1405 16.32 37.72 25.30
N THR A 1406 17.49 37.77 25.94
CA THR A 1406 17.55 38.17 27.33
C THR A 1406 17.60 39.69 27.43
N SER A 1407 17.25 40.21 28.60
CA SER A 1407 17.37 41.65 28.83
C SER A 1407 18.80 42.07 29.13
N LEU A 1408 19.65 41.13 29.53
CA LEU A 1408 21.02 41.48 29.89
C LEU A 1408 21.87 41.78 28.66
N GLY A 1409 21.55 41.17 27.53
CA GLY A 1409 22.31 41.43 26.32
C GLY A 1409 22.53 40.20 25.46
N GLN A 1410 22.40 39.01 26.06
CA GLN A 1410 22.50 37.77 25.30
C GLN A 1410 21.26 37.62 24.44
N HIS A 1411 21.44 37.73 23.13
CA HIS A 1411 20.34 37.75 22.18
C HIS A 1411 20.65 36.71 21.10
N LEU A 1412 19.90 35.62 21.09
CA LEU A 1412 20.17 34.49 20.22
C LEU A 1412 19.01 34.24 19.29
N GLN A 1413 19.29 33.44 18.26
CA GLN A 1413 18.32 33.16 17.20
C GLN A 1413 18.77 31.88 16.50
N PHE A 1414 17.85 30.95 16.29
CA PHE A 1414 18.21 29.59 15.87
C PHE A 1414 17.77 29.31 14.44
N PHE A 1415 18.48 28.38 13.80
CA PHE A 1415 18.18 27.96 12.43
C PHE A 1415 18.45 26.47 12.30
N TYR A 1416 17.53 25.76 11.66
CA TYR A 1416 17.46 24.29 11.72
C TYR A 1416 17.64 23.76 10.30
N ALA A 1417 18.88 23.48 9.89
CA ALA A 1417 19.15 23.13 8.51
C ALA A 1417 18.86 21.67 8.17
N ASP A 1418 18.42 20.85 9.10
CA ASP A 1418 18.21 19.44 8.84
C ASP A 1418 16.73 19.15 8.57
N LEU A 1419 16.47 18.27 7.62
CA LEU A 1419 15.13 17.77 7.36
C LEU A 1419 14.98 16.26 7.58
N THR A 1420 16.08 15.51 7.67
CA THR A 1420 15.98 14.15 8.17
C THR A 1420 15.56 14.16 9.63
N TYR A 1421 16.20 15.00 10.44
CA TYR A 1421 15.78 15.27 11.81
C TYR A 1421 15.35 16.73 11.87
N PRO A 1422 14.05 17.02 11.75
CA PRO A 1422 13.62 18.42 11.63
C PRO A 1422 13.58 19.19 12.95
N THR A 1423 13.98 18.60 14.07
CA THR A 1423 14.13 19.33 15.32
C THR A 1423 15.59 19.44 15.77
N ARG A 1424 16.48 18.64 15.19
CA ARG A 1424 17.91 18.71 15.47
C ARG A 1424 18.45 20.02 14.96
N ILE A 1425 18.87 20.91 15.87
CA ILE A 1425 19.27 22.25 15.48
C ILE A 1425 20.67 22.20 14.85
N THR A 1426 20.95 23.18 14.01
CA THR A 1426 22.17 23.17 13.22
C THR A 1426 22.99 24.44 13.35
N HIS A 1427 22.34 25.60 13.40
CA HIS A 1427 23.06 26.86 13.34
C HIS A 1427 22.42 27.83 14.33
N VAL A 1428 23.27 28.50 15.12
CA VAL A 1428 22.82 29.42 16.14
C VAL A 1428 23.37 30.80 15.81
N TYR A 1429 22.49 31.78 15.70
CA TYR A 1429 22.91 33.15 15.46
C TYR A 1429 23.03 33.87 16.80
N ASN A 1430 24.06 34.70 16.91
CA ASN A 1430 24.35 35.46 18.12
C ASN A 1430 24.35 36.94 17.75
N HIS A 1431 23.32 37.66 18.21
CA HIS A 1431 23.16 39.07 17.85
C HIS A 1431 24.27 39.93 18.42
N SER A 1432 24.73 39.60 19.64
CA SER A 1432 25.69 40.44 20.33
C SER A 1432 27.09 40.38 19.73
N SER A 1433 27.41 39.30 19.02
CA SER A 1433 28.71 39.17 18.40
C SER A 1433 28.66 39.04 16.88
N SER A 1434 27.46 38.98 16.29
CA SER A 1434 27.23 38.84 14.84
C SER A 1434 27.93 37.60 14.28
N GLU A 1435 27.96 36.53 15.06
CA GLU A 1435 28.64 35.31 14.67
C GLU A 1435 27.66 34.15 14.67
N ILE A 1436 27.97 33.15 13.86
CA ILE A 1436 27.10 31.99 13.64
C ILE A 1436 27.88 30.75 14.03
N THR A 1437 27.28 29.90 14.85
CA THR A 1437 27.91 28.66 15.28
C THR A 1437 27.27 27.51 14.52
N SER A 1438 28.05 26.84 13.68
CA SER A 1438 27.59 25.64 13.01
C SER A 1438 27.83 24.44 13.91
N LEU A 1439 27.01 23.41 13.71
CA LEU A 1439 27.02 22.25 14.59
C LEU A 1439 27.21 20.98 13.79
N TYR A 1440 27.67 19.94 14.48
CA TYR A 1440 27.90 18.64 13.87
C TYR A 1440 27.60 17.57 14.91
N TYR A 1441 26.65 16.68 14.62
CA TYR A 1441 26.36 15.60 15.54
C TYR A 1441 26.85 14.28 14.96
N ASP A 1442 26.98 13.28 15.82
CA ASP A 1442 27.50 11.98 15.38
C ASP A 1442 26.42 11.14 14.70
N LEU A 1443 26.70 9.84 14.57
CA LEU A 1443 25.72 8.93 13.97
C LEU A 1443 24.50 8.75 14.85
N GLN A 1444 24.68 8.72 16.18
CA GLN A 1444 23.54 8.51 17.06
C GLN A 1444 22.76 9.79 17.32
N GLY A 1445 23.45 10.93 17.39
CA GLY A 1445 22.77 12.17 17.71
C GLY A 1445 23.47 12.94 18.81
N HIS A 1446 24.58 12.41 19.30
CA HIS A 1446 25.36 13.10 20.32
C HIS A 1446 26.19 14.19 19.65
N LEU A 1447 26.39 15.29 20.36
CA LEU A 1447 27.18 16.38 19.83
C LEU A 1447 28.66 16.06 19.96
N PHE A 1448 29.43 16.35 18.92
CA PHE A 1448 30.87 16.19 19.01
C PHE A 1448 31.69 17.32 18.41
N ALA A 1449 31.09 18.31 17.76
CA ALA A 1449 31.88 19.32 17.08
C ALA A 1449 31.11 20.62 16.97
N MET A 1450 31.85 21.72 17.07
CA MET A 1450 31.30 23.06 16.83
C MET A 1450 32.26 23.84 15.97
N GLU A 1451 31.75 24.46 14.92
CA GLU A 1451 32.52 25.35 14.07
C GLU A 1451 31.80 26.68 14.01
N ILE A 1452 32.48 27.75 14.36
CA ILE A 1452 31.87 29.07 14.35
C ILE A 1452 32.13 29.70 12.99
N SER A 1453 31.09 30.26 12.38
CA SER A 1453 31.20 30.87 11.05
C SER A 1453 31.91 32.22 11.06
N SER A 1454 32.41 32.68 12.21
CA SER A 1454 33.40 33.76 12.23
C SER A 1454 34.83 33.24 12.14
N GLY A 1455 35.00 31.92 12.02
CA GLY A 1455 36.32 31.36 11.81
C GLY A 1455 36.92 30.64 12.99
N ASP A 1456 36.13 29.87 13.73
CA ASP A 1456 36.61 29.12 14.87
C ASP A 1456 36.19 27.66 14.76
N GLU A 1457 36.82 26.83 15.59
CA GLU A 1457 36.63 25.38 15.54
C GLU A 1457 36.68 24.83 16.97
N PHE A 1458 35.82 23.87 17.26
CA PHE A 1458 35.83 23.20 18.55
C PHE A 1458 35.62 21.71 18.36
N TYR A 1459 36.27 20.93 19.23
CA TYR A 1459 36.25 19.47 19.18
C TYR A 1459 35.65 18.99 20.50
N ILE A 1460 34.35 18.77 20.50
CA ILE A 1460 33.63 18.42 21.71
C ILE A 1460 33.69 16.91 21.92
N ALA A 1461 33.64 16.48 23.18
CA ALA A 1461 33.51 15.08 23.51
C ALA A 1461 32.36 14.92 24.49
N SER A 1462 31.42 14.05 24.16
CA SER A 1462 30.20 13.90 24.94
C SER A 1462 30.10 12.48 25.49
N ASP A 1463 29.22 12.34 26.47
CA ASP A 1463 28.99 11.07 27.16
C ASP A 1463 27.84 10.30 26.51
N ASN A 1464 27.34 9.29 27.23
CA ASN A 1464 26.22 8.49 26.74
C ASN A 1464 24.92 9.29 26.73
N THR A 1465 24.77 10.24 27.65
CA THR A 1465 23.52 11.00 27.72
C THR A 1465 23.37 12.02 26.61
N GLY A 1466 24.45 12.34 25.90
CA GLY A 1466 24.38 13.33 24.85
C GLY A 1466 24.62 14.75 25.31
N THR A 1467 25.30 14.93 26.42
CA THR A 1467 25.53 16.27 26.90
C THR A 1467 27.01 16.64 26.80
N PRO A 1468 27.33 17.91 26.57
CA PRO A 1468 28.75 18.31 26.54
C PRO A 1468 29.38 18.26 27.92
N LEU A 1469 30.55 17.63 27.98
CA LEU A 1469 31.36 17.62 29.19
C LEU A 1469 32.68 18.36 28.96
N ALA A 1470 33.45 17.96 27.96
CA ALA A 1470 34.74 18.57 27.67
C ALA A 1470 34.64 19.39 26.39
N VAL A 1471 35.24 20.57 26.43
CA VAL A 1471 35.29 21.46 25.27
C VAL A 1471 36.75 21.73 24.96
N PHE A 1472 37.16 21.40 23.74
CA PHE A 1472 38.54 21.58 23.33
C PHE A 1472 38.61 22.52 22.14
N SER A 1473 39.78 23.11 21.96
CA SER A 1473 40.07 23.88 20.77
C SER A 1473 40.64 22.95 19.70
N SER A 1474 41.18 23.53 18.63
CA SER A 1474 41.88 22.70 17.65
C SER A 1474 43.24 22.26 18.15
N ASN A 1475 43.78 22.93 19.16
CA ASN A 1475 45.09 22.60 19.72
C ASN A 1475 45.02 21.55 20.82
N GLY A 1476 43.84 21.02 21.11
CA GLY A 1476 43.69 20.02 22.14
C GLY A 1476 43.64 20.54 23.56
N LEU A 1477 43.69 21.85 23.75
CA LEU A 1477 43.65 22.42 25.09
C LEU A 1477 42.23 22.37 25.65
N MET A 1478 42.12 21.99 26.91
CA MET A 1478 40.82 21.95 27.60
C MET A 1478 40.38 23.38 27.90
N LEU A 1479 39.47 23.90 27.08
CA LEU A 1479 38.97 25.25 27.31
C LEU A 1479 37.84 25.28 28.32
N LYS A 1480 37.15 24.16 28.53
CA LYS A 1480 36.04 24.13 29.46
C LYS A 1480 35.83 22.70 29.93
N GLN A 1481 35.64 22.54 31.24
CA GLN A 1481 35.34 21.25 31.84
C GLN A 1481 34.13 21.43 32.74
N ILE A 1482 33.14 20.56 32.58
CA ILE A 1482 31.93 20.59 33.40
C ILE A 1482 31.72 19.22 34.01
N GLN A 1483 31.59 19.16 35.33
CA GLN A 1483 31.18 17.96 36.03
C GLN A 1483 29.69 18.06 36.33
N TYR A 1484 28.90 17.22 35.68
CA TYR A 1484 27.45 17.23 35.85
C TYR A 1484 27.01 16.32 36.98
N THR A 1485 25.92 16.70 37.62
CA THR A 1485 25.31 15.91 38.68
C THR A 1485 24.39 14.86 38.05
N ALA A 1486 23.55 14.24 38.88
CA ALA A 1486 22.61 13.23 38.40
C ALA A 1486 21.56 13.82 37.46
N TYR A 1487 21.22 15.09 37.64
CA TYR A 1487 20.29 15.76 36.73
C TYR A 1487 20.97 16.81 35.86
N GLY A 1488 22.30 16.84 35.86
CA GLY A 1488 23.03 17.60 34.86
C GLY A 1488 23.03 19.10 35.05
N GLU A 1489 22.97 19.58 36.28
CA GLU A 1489 23.26 20.99 36.53
C GLU A 1489 24.66 21.12 37.09
N ILE A 1490 25.26 22.28 36.85
CA ILE A 1490 26.70 22.45 37.01
C ILE A 1490 27.03 22.58 38.49
N TYR A 1491 28.03 21.82 38.93
CA TYR A 1491 28.68 22.08 40.22
C TYR A 1491 30.18 22.20 40.08
N PHE A 1492 30.71 22.18 38.86
CA PHE A 1492 32.12 22.44 38.62
C PHE A 1492 32.26 23.00 37.21
N ASP A 1493 33.05 24.06 37.08
CA ASP A 1493 33.26 24.70 35.78
C ASP A 1493 34.68 25.21 35.72
N SER A 1494 35.28 25.13 34.53
CA SER A 1494 36.60 25.70 34.31
C SER A 1494 36.54 27.08 33.69
N ASN A 1495 35.48 27.38 32.95
CA ASN A 1495 35.29 28.69 32.36
C ASN A 1495 33.80 28.95 32.21
N VAL A 1496 33.32 30.05 32.79
CA VAL A 1496 31.90 30.40 32.70
C VAL A 1496 31.64 31.35 31.55
N ASP A 1497 32.68 31.89 30.92
CA ASP A 1497 32.49 32.83 29.81
C ASP A 1497 31.97 32.11 28.57
N PHE A 1498 32.68 31.08 28.12
CA PHE A 1498 32.30 30.35 26.91
C PHE A 1498 31.15 29.41 27.25
N GLN A 1499 29.93 29.96 27.19
CA GLN A 1499 28.76 29.15 27.45
C GLN A 1499 28.38 28.34 26.21
N LEU A 1500 27.54 27.33 26.43
CA LEU A 1500 27.00 26.53 25.37
C LEU A 1500 25.48 26.53 25.47
N VAL A 1501 24.82 26.61 24.31
CA VAL A 1501 23.37 26.59 24.29
C VAL A 1501 22.86 25.19 24.56
N ILE A 1502 23.51 24.18 24.00
CA ILE A 1502 23.04 22.81 24.09
C ILE A 1502 23.63 22.18 25.35
N GLY A 1503 22.75 21.74 26.24
CA GLY A 1503 23.18 21.23 27.52
C GLY A 1503 22.85 19.76 27.77
N PHE A 1504 22.06 19.51 28.81
CA PHE A 1504 21.92 18.18 29.36
C PHE A 1504 20.90 17.34 28.58
N HIS A 1505 21.33 16.13 28.19
CA HIS A 1505 20.63 15.28 27.22
C HIS A 1505 20.27 16.03 25.94
N GLY A 1506 21.22 16.81 25.43
CA GLY A 1506 21.12 17.41 24.12
C GLY A 1506 20.10 18.52 23.97
N GLY A 1507 19.34 18.85 25.00
CA GLY A 1507 18.37 19.92 24.90
C GLY A 1507 19.02 21.28 24.99
N LEU A 1508 18.20 22.30 24.79
CA LEU A 1508 18.68 23.67 24.86
C LEU A 1508 18.75 24.10 26.30
N TYR A 1509 19.95 24.41 26.78
CA TYR A 1509 20.14 24.86 28.15
C TYR A 1509 20.29 26.37 28.20
N ASP A 1510 19.66 26.98 29.20
CA ASP A 1510 19.76 28.40 29.45
C ASP A 1510 20.28 28.58 30.87
N PRO A 1511 21.44 29.21 31.06
CA PRO A 1511 21.95 29.40 32.43
C PRO A 1511 21.18 30.44 33.22
N LEU A 1512 20.46 31.35 32.58
CA LEU A 1512 19.71 32.35 33.32
C LEU A 1512 18.38 31.80 33.81
N THR A 1513 17.56 31.29 32.90
CA THR A 1513 16.23 30.83 33.28
C THR A 1513 16.23 29.43 33.90
N LYS A 1514 17.38 28.74 33.88
CA LYS A 1514 17.58 27.44 34.54
C LYS A 1514 16.62 26.37 34.05
N LEU A 1515 16.24 26.41 32.77
CA LEU A 1515 15.30 25.44 32.21
C LEU A 1515 15.89 24.83 30.96
N ILE A 1516 15.92 23.50 30.91
CA ILE A 1516 16.29 22.79 29.69
C ILE A 1516 15.08 22.78 28.78
N HIS A 1517 15.25 23.30 27.58
CA HIS A 1517 14.21 23.28 26.56
C HIS A 1517 14.47 22.11 25.63
N PHE A 1518 13.63 21.09 25.71
CA PHE A 1518 13.63 20.00 24.74
C PHE A 1518 12.74 20.38 23.56
N GLY A 1519 12.35 19.40 22.74
CA GLY A 1519 11.61 19.69 21.52
C GLY A 1519 10.23 20.28 21.76
N GLU A 1520 9.50 19.74 22.73
CA GLU A 1520 8.17 20.25 23.03
C GLU A 1520 8.01 20.73 24.46
N ARG A 1521 8.51 19.99 25.44
CA ARG A 1521 8.35 20.35 26.84
C ARG A 1521 9.63 20.99 27.38
N ASP A 1522 9.57 21.42 28.63
CA ASP A 1522 10.68 22.11 29.27
C ASP A 1522 11.03 21.39 30.57
N TYR A 1523 12.25 20.89 30.66
CA TYR A 1523 12.74 20.25 31.87
C TYR A 1523 13.46 21.25 32.76
N ASP A 1524 13.30 21.10 34.07
CA ASP A 1524 13.89 21.99 35.05
C ASP A 1524 15.08 21.30 35.71
N ILE A 1525 16.23 21.96 35.70
CA ILE A 1525 17.41 21.40 36.36
C ILE A 1525 17.32 21.51 37.87
N LEU A 1526 16.46 22.39 38.39
CA LEU A 1526 16.32 22.59 39.82
C LEU A 1526 15.21 21.74 40.41
N ALA A 1527 14.06 21.70 39.72
CA ALA A 1527 12.96 20.88 40.19
C ALA A 1527 13.25 19.40 39.99
N GLY A 1528 13.97 19.04 38.94
CA GLY A 1528 14.21 17.65 38.64
C GLY A 1528 13.06 16.95 37.96
N ARG A 1529 12.10 17.70 37.42
CA ARG A 1529 10.96 17.12 36.75
C ARG A 1529 10.56 18.01 35.59
N TRP A 1530 9.54 17.60 34.86
CA TRP A 1530 9.04 18.40 33.76
C TRP A 1530 8.24 19.59 34.28
N THR A 1531 7.98 20.53 33.38
CA THR A 1531 7.11 21.67 33.67
C THR A 1531 5.82 21.63 32.89
N THR A 1532 5.86 21.17 31.64
CA THR A 1532 4.66 21.04 30.83
C THR A 1532 4.08 19.64 31.01
N PRO A 1533 2.82 19.51 31.42
CA PRO A 1533 2.23 18.17 31.52
C PRO A 1533 1.92 17.61 30.15
N ASP A 1534 2.20 16.32 29.98
CA ASP A 1534 1.92 15.67 28.70
C ASP A 1534 0.44 15.33 28.60
N ILE A 1535 -0.07 15.37 27.37
CA ILE A 1535 -1.44 14.97 27.08
C ILE A 1535 -1.48 13.59 26.45
N GLU A 1536 -0.57 13.33 25.50
CA GLU A 1536 -0.51 12.05 24.80
C GLU A 1536 0.20 10.97 25.61
N ILE A 1537 0.54 11.22 26.87
CA ILE A 1537 1.11 10.18 27.71
C ILE A 1537 0.04 9.15 28.07
N TRP A 1538 -1.23 9.56 28.07
CA TRP A 1538 -2.31 8.62 28.39
C TRP A 1538 -2.57 7.65 27.26
N LYS A 1539 -2.30 8.07 26.02
CA LYS A 1539 -2.34 7.14 24.91
C LYS A 1539 -1.22 6.12 25.02
N ARG A 1540 -0.03 6.56 25.44
CA ARG A 1540 1.12 5.67 25.54
C ARG A 1540 1.13 4.83 26.81
N ILE A 1541 0.32 5.17 27.81
CA ILE A 1541 0.27 4.38 29.03
C ILE A 1541 -0.97 3.50 29.07
N GLY A 1542 -1.98 3.78 28.24
CA GLY A 1542 -3.15 2.91 28.18
C GLY A 1542 -2.87 1.57 27.54
N LYS A 1543 -1.85 1.49 26.69
CA LYS A 1543 -1.46 0.22 26.09
C LYS A 1543 -0.64 -0.61 27.06
N ASP A 1544 0.51 -0.10 27.47
CA ASP A 1544 1.42 -0.81 28.36
C ASP A 1544 1.66 0.01 29.62
N PRO A 1545 1.07 -0.36 30.75
CA PRO A 1545 1.26 0.42 31.97
C PRO A 1545 2.66 0.25 32.55
N ALA A 1546 3.03 1.21 33.39
CA ALA A 1546 4.37 1.31 33.94
C ALA A 1546 4.33 2.26 35.13
N PRO A 1547 5.38 2.27 35.98
CA PRO A 1547 5.50 3.38 36.93
C PRO A 1547 5.70 4.71 36.22
N PHE A 1548 4.69 5.56 36.31
CA PHE A 1548 4.66 6.81 35.56
C PHE A 1548 4.38 7.96 36.50
N ASN A 1549 4.40 9.16 35.93
CA ASN A 1549 3.99 10.39 36.60
C ASN A 1549 3.73 11.40 35.50
N LEU A 1550 2.98 12.45 35.84
CA LEU A 1550 2.70 13.48 34.85
C LEU A 1550 3.90 14.35 34.53
N TYR A 1551 4.97 14.27 35.32
CA TYR A 1551 6.16 15.07 35.07
C TYR A 1551 7.45 14.26 35.24
N MET A 1552 7.38 12.94 35.08
CA MET A 1552 8.54 12.08 35.32
C MET A 1552 9.51 12.17 34.16
N PHE A 1553 10.79 12.37 34.47
CA PHE A 1553 11.84 12.49 33.47
C PHE A 1553 12.58 11.17 33.35
N ARG A 1554 12.49 10.56 32.15
CA ARG A 1554 13.23 9.35 31.76
C ARG A 1554 12.96 8.17 32.67
N ASN A 1555 11.75 8.09 33.22
CA ASN A 1555 11.34 7.09 34.23
C ASN A 1555 12.27 7.12 35.44
N ASN A 1556 12.69 8.35 35.82
CA ASN A 1556 13.66 8.62 36.88
C ASN A 1556 14.97 7.85 36.70
N ASN A 1557 15.39 7.71 35.44
CA ASN A 1557 16.64 7.04 35.08
C ASN A 1557 17.46 8.05 34.29
N PRO A 1558 18.12 8.98 34.95
CA PRO A 1558 18.64 10.17 34.26
C PRO A 1558 20.01 10.00 33.64
N ALA A 1559 20.49 8.77 33.48
CA ALA A 1559 21.80 8.60 32.89
C ALA A 1559 21.88 7.46 31.89
N SER A 1560 20.75 6.87 31.50
CA SER A 1560 20.76 5.67 30.67
C SER A 1560 19.94 5.87 29.42
N LYS A 1561 20.38 5.20 28.35
CA LYS A 1561 19.67 5.14 27.08
C LYS A 1561 19.65 3.70 26.58
N ILE A 1562 18.73 3.43 25.67
CA ILE A 1562 18.58 2.09 25.12
C ILE A 1562 19.06 2.05 23.67
N ASP A 1571 12.74 -4.59 24.17
CA ASP A 1571 13.73 -4.85 23.14
C ASP A 1571 13.08 -5.44 21.90
N VAL A 1572 13.51 -4.95 20.72
CA VAL A 1572 13.07 -5.54 19.46
C VAL A 1572 14.07 -6.62 19.01
N ASN A 1573 15.22 -6.70 19.69
CA ASN A 1573 16.20 -7.76 19.76
C ASN A 1573 17.12 -7.85 18.55
N SER A 1574 16.89 -7.08 17.49
CA SER A 1574 17.75 -7.07 16.32
C SER A 1574 17.45 -5.83 15.50
N TRP A 1575 18.51 -5.14 15.07
CA TRP A 1575 18.32 -3.97 14.22
C TRP A 1575 19.45 -3.87 13.22
N LEU A 1576 19.14 -3.25 12.09
CA LEU A 1576 20.13 -3.00 11.06
C LEU A 1576 21.02 -1.83 11.43
N VAL A 1577 20.52 -0.91 12.24
CA VAL A 1577 21.30 0.26 12.63
C VAL A 1577 22.40 -0.11 13.62
N THR A 1578 22.27 -1.25 14.30
CA THR A 1578 23.31 -1.69 15.23
C THR A 1578 24.54 -2.16 14.49
N PHE A 1579 24.36 -2.97 13.46
CA PHE A 1579 25.45 -3.31 12.56
C PHE A 1579 25.67 -2.27 11.46
N GLY A 1580 24.95 -1.16 11.50
CA GLY A 1580 25.28 0.00 10.70
C GLY A 1580 24.40 0.25 9.50
N PHE A 1581 23.52 -0.70 9.14
CA PHE A 1581 22.74 -0.57 7.91
C PHE A 1581 21.63 0.45 8.13
N HIS A 1582 22.00 1.73 8.00
CA HIS A 1582 21.05 2.82 8.15
C HIS A 1582 20.34 3.01 6.82
N LEU A 1583 19.30 2.17 6.61
CA LEU A 1583 18.63 2.10 5.33
C LEU A 1583 17.54 3.13 5.15
N HIS A 1584 17.55 4.22 5.92
CA HIS A 1584 16.72 5.37 5.58
C HIS A 1584 17.19 6.03 4.30
N ASN A 1585 18.50 6.07 4.09
CA ASN A 1585 19.04 6.73 2.91
C ASN A 1585 18.89 5.87 1.66
N ALA A 1586 19.00 4.55 1.80
CA ALA A 1586 18.91 3.66 0.65
C ALA A 1586 17.48 3.51 0.18
N ILE A 1587 16.59 3.05 1.06
CA ILE A 1587 15.20 2.80 0.72
C ILE A 1587 14.37 3.98 1.21
N PRO A 1588 13.74 4.74 0.33
CA PRO A 1588 12.84 5.80 0.77
C PRO A 1588 11.53 5.23 1.33
N GLY A 1589 10.73 6.12 1.90
CA GLY A 1589 9.48 5.71 2.52
C GLY A 1589 9.65 4.88 3.77
N PHE A 1590 10.84 4.88 4.36
CA PHE A 1590 11.23 4.08 5.50
C PHE A 1590 11.49 4.98 6.70
N PRO A 1591 11.01 4.60 7.89
CA PRO A 1591 11.16 5.47 9.06
C PRO A 1591 12.59 5.44 9.57
N VAL A 1592 13.14 6.62 9.82
CA VAL A 1592 14.49 6.75 10.38
C VAL A 1592 14.44 6.40 11.86
N PRO A 1593 15.43 5.69 12.40
CA PRO A 1593 15.50 5.49 13.85
C PRO A 1593 15.63 6.80 14.61
N LYS A 1594 14.72 7.01 15.56
CA LYS A 1594 14.65 8.26 16.32
C LYS A 1594 15.35 8.07 17.65
N PHE A 1595 16.68 8.21 17.63
CA PHE A 1595 17.47 8.09 18.86
C PHE A 1595 17.67 9.51 19.42
N ASP A 1596 16.59 10.03 19.99
CA ASP A 1596 16.56 11.39 20.49
C ASP A 1596 15.38 11.51 21.45
N LEU A 1597 15.47 12.50 22.34
CA LEU A 1597 14.38 12.80 23.26
C LEU A 1597 13.54 13.98 22.81
N THR A 1598 14.09 14.86 21.97
CA THR A 1598 13.39 16.07 21.53
C THR A 1598 12.26 15.67 20.60
N GLU A 1599 11.04 15.67 21.12
CA GLU A 1599 9.91 15.28 20.29
C GLU A 1599 9.41 16.47 19.48
N PRO A 1600 8.99 16.25 18.24
CA PRO A 1600 8.47 17.34 17.43
C PRO A 1600 7.01 17.66 17.78
N SER A 1601 6.51 18.72 17.15
CA SER A 1601 5.14 19.17 17.36
C SER A 1601 4.20 18.43 16.42
N TYR A 1602 2.90 18.52 16.72
CA TYR A 1602 1.88 17.90 15.90
C TYR A 1602 1.83 18.53 14.51
N GLU A 1603 1.86 19.86 14.46
CA GLU A 1603 1.91 20.55 13.18
C GLU A 1603 3.24 20.36 12.47
N LEU A 1604 4.28 19.98 13.20
CA LEU A 1604 5.56 19.73 12.56
C LEU A 1604 5.59 18.35 11.91
N VAL A 1605 4.88 17.37 12.47
CA VAL A 1605 4.77 16.06 11.84
C VAL A 1605 4.02 16.17 10.52
N LYS A 1606 3.00 17.04 10.48
CA LYS A 1606 2.18 17.21 9.29
C LYS A 1606 2.95 17.86 8.14
N SER A 1607 4.04 18.57 8.43
CA SER A 1607 4.74 19.33 7.40
C SER A 1607 5.57 18.42 6.49
N GLN A 1608 6.38 17.54 7.06
CA GLN A 1608 7.16 16.63 6.22
C GLN A 1608 6.31 15.51 5.65
N GLN A 1609 5.11 15.28 6.20
CA GLN A 1609 4.12 14.43 5.57
C GLN A 1609 3.71 15.07 4.25
N TRP A 1610 4.20 14.56 3.13
CA TRP A 1610 4.14 15.32 1.89
C TRP A 1610 2.76 15.23 1.23
N GLU A 1611 2.33 14.04 0.83
CA GLU A 1611 0.94 13.83 0.38
C GLU A 1611 0.35 12.52 0.87
N ASP A 1612 1.08 11.74 1.67
CA ASP A 1612 0.56 10.52 2.26
C ASP A 1612 -0.29 10.85 3.49
N VAL A 1613 -1.48 11.37 3.22
CA VAL A 1613 -2.43 11.80 4.24
C VAL A 1613 -3.09 10.56 4.85
N PRO A 1614 -3.77 10.67 5.99
CA PRO A 1614 -4.76 9.66 6.33
C PRO A 1614 -5.83 9.60 5.26
N PRO A 1615 -6.15 8.41 4.76
CA PRO A 1615 -6.79 8.29 3.45
C PRO A 1615 -8.25 8.71 3.45
N ILE A 1616 -8.68 9.23 2.29
CA ILE A 1616 -10.03 9.72 2.11
C ILE A 1616 -10.81 8.84 1.15
N PHE A 1617 -10.17 8.33 0.11
CA PHE A 1617 -10.85 7.62 -0.96
C PHE A 1617 -10.18 6.27 -1.21
N GLY A 1618 -10.98 5.33 -1.73
CA GLY A 1618 -10.62 3.92 -1.76
C GLY A 1618 -9.43 3.54 -2.61
N VAL A 1619 -9.06 4.37 -3.60
CA VAL A 1619 -7.90 4.04 -4.40
C VAL A 1619 -6.61 4.37 -3.66
N GLN A 1620 -6.66 5.27 -2.67
CA GLN A 1620 -5.55 5.50 -1.77
C GLN A 1620 -5.40 4.38 -0.76
N GLN A 1621 -6.45 3.61 -0.55
CA GLN A 1621 -6.42 2.47 0.35
C GLN A 1621 -5.76 1.26 -0.29
N GLN A 1622 -5.66 1.25 -1.63
CA GLN A 1622 -4.93 0.18 -2.31
C GLN A 1622 -3.44 0.49 -2.40
N VAL A 1623 -3.07 1.77 -2.58
CA VAL A 1623 -1.67 2.12 -2.63
C VAL A 1623 -1.04 2.07 -1.23
N ALA A 1624 -1.87 2.05 -0.18
CA ALA A 1624 -1.35 1.91 1.17
C ALA A 1624 -0.88 0.49 1.46
N ARG A 1625 -1.52 -0.50 0.86
CA ARG A 1625 -1.10 -1.89 1.06
C ARG A 1625 0.22 -2.15 0.34
N GLN A 1626 0.30 -1.75 -0.93
CA GLN A 1626 1.45 -2.05 -1.75
C GLN A 1626 2.65 -1.17 -1.44
N ALA A 1627 2.47 -0.14 -0.61
CA ALA A 1627 3.62 0.58 -0.05
C ALA A 1627 4.03 0.01 1.29
N LYS A 1628 3.11 -0.60 2.03
CA LYS A 1628 3.43 -1.20 3.32
C LYS A 1628 4.04 -2.58 3.15
N ALA A 1629 3.43 -3.41 2.28
CA ALA A 1629 3.91 -4.77 2.11
C ALA A 1629 5.21 -4.83 1.32
N PHE A 1630 5.46 -3.83 0.47
CA PHE A 1630 6.74 -3.77 -0.23
C PHE A 1630 7.86 -3.36 0.71
N LEU A 1631 7.59 -2.41 1.60
CA LEU A 1631 8.58 -1.93 2.54
C LEU A 1631 8.86 -2.92 3.67
N SER A 1632 7.96 -3.89 3.86
CA SER A 1632 8.09 -4.87 4.95
C SER A 1632 9.27 -5.79 4.67
N LEU A 1633 10.29 -5.70 5.50
CA LEU A 1633 11.52 -6.48 5.35
C LEU A 1633 11.55 -7.71 6.25
N GLY A 1634 10.95 -7.64 7.42
CA GLY A 1634 10.93 -8.76 8.34
C GLY A 1634 9.89 -9.80 7.94
N LYS A 1635 9.66 -10.72 8.87
CA LYS A 1635 8.67 -11.77 8.65
C LYS A 1635 7.25 -11.24 8.80
N GLY A 1647 -7.07 -5.16 23.95
CA GLY A 1647 -8.01 -4.66 22.98
C GLY A 1647 -7.37 -3.74 21.96
N ALA A 1648 -7.99 -3.62 20.79
CA ALA A 1648 -7.46 -2.77 19.73
C ALA A 1648 -7.95 -1.34 19.94
N GLU A 1649 -7.76 -0.49 18.93
CA GLU A 1649 -8.07 0.93 19.08
C GLU A 1649 -9.01 1.44 18.00
N GLN A 1650 -9.15 2.76 17.94
CA GLN A 1650 -10.07 3.44 17.02
C GLN A 1650 -9.37 4.74 16.61
N SER A 1651 -10.05 5.60 15.85
CA SER A 1651 -9.48 6.84 15.35
C SER A 1651 -9.34 7.84 16.49
N TRP A 1652 -8.29 7.62 17.30
CA TRP A 1652 -7.84 8.50 18.38
C TRP A 1652 -8.89 8.71 19.47
N LEU A 1653 -9.82 7.77 19.62
CA LEU A 1653 -10.72 7.79 20.78
C LEU A 1653 -9.91 7.24 21.96
N TRP A 1654 -9.31 8.15 22.70
CA TRP A 1654 -8.36 7.79 23.74
C TRP A 1654 -9.05 7.16 24.95
N PHE A 1655 -9.99 7.89 25.53
CA PHE A 1655 -10.51 7.56 26.85
C PHE A 1655 -11.82 6.78 26.70
N ALA A 1656 -12.34 6.33 27.84
CA ALA A 1656 -13.53 5.48 27.84
C ALA A 1656 -14.76 6.26 27.41
N THR A 1657 -15.73 5.54 26.85
CA THR A 1657 -16.90 6.15 26.26
C THR A 1657 -17.89 6.58 27.33
N VAL A 1658 -18.77 7.51 26.96
CA VAL A 1658 -19.74 8.10 27.86
C VAL A 1658 -21.13 7.92 27.26
N LYS A 1659 -22.10 7.55 28.09
CA LYS A 1659 -23.51 7.49 27.69
C LYS A 1659 -23.99 8.92 27.53
N SER A 1660 -23.77 9.48 26.35
CA SER A 1660 -23.92 10.92 26.13
C SER A 1660 -25.39 11.28 25.94
N LEU A 1661 -25.64 12.53 25.54
CA LEU A 1661 -27.00 13.03 25.40
C LEU A 1661 -27.66 12.44 24.16
N ILE A 1662 -26.93 12.34 23.06
CA ILE A 1662 -27.43 11.68 21.86
C ILE A 1662 -27.39 10.19 22.13
N GLY A 1663 -28.55 9.62 22.46
CA GLY A 1663 -28.62 8.25 22.93
C GLY A 1663 -28.45 7.23 21.82
N LYS A 1664 -28.48 5.97 22.23
CA LYS A 1664 -28.32 4.84 21.30
C LYS A 1664 -29.61 4.69 20.50
N GLY A 1665 -29.61 5.19 19.27
CA GLY A 1665 -30.75 5.05 18.41
C GLY A 1665 -31.37 6.35 17.93
N VAL A 1666 -30.59 7.42 17.84
CA VAL A 1666 -31.09 8.70 17.39
C VAL A 1666 -30.01 9.41 16.59
N MET A 1667 -30.42 10.04 15.48
CA MET A 1667 -29.50 10.73 14.58
C MET A 1667 -29.44 12.22 14.91
N LEU A 1668 -28.23 12.77 14.89
CA LEU A 1668 -28.02 14.20 14.91
C LEU A 1668 -27.20 14.59 13.68
N ALA A 1669 -27.70 15.57 12.93
CA ALA A 1669 -27.14 15.89 11.62
C ALA A 1669 -27.00 17.40 11.46
N VAL A 1670 -25.87 17.82 10.87
CA VAL A 1670 -25.59 19.22 10.56
C VAL A 1670 -25.09 19.28 9.13
N SER A 1671 -25.81 20.02 8.28
CA SER A 1671 -25.47 20.16 6.87
C SER A 1671 -25.07 21.62 6.60
N GLN A 1672 -23.78 21.91 6.78
CA GLN A 1672 -23.19 23.25 6.63
C GLN A 1672 -23.91 24.35 7.42
#